data_2WR0
#
_entry.id   2WR0
#
_cell.length_a   68.271
_cell.length_b   140.522
_cell.length_c   198.891
_cell.angle_alpha   90.00
_cell.angle_beta   90.00
_cell.angle_gamma   90.00
#
_symmetry.space_group_name_H-M   'P 21 21 21'
#
loop_
_entity.id
_entity.type
_entity.pdbx_description
1 polymer HEMAGGLUTININ
2 branched 2-acetamido-2-deoxy-beta-D-glucopyranose-(1-4)-2-acetamido-2-deoxy-beta-D-glucopyranose
3 branched beta-D-mannopyranose-(1-3)-beta-D-mannopyranose-(1-4)-2-acetamido-2-deoxy-beta-D-glucopyranose-(1-4)-2-acetamido-2-deoxy-beta-D-glucopyranose
4 branched alpha-D-mannopyranose-(1-3)-beta-D-mannopyranose-(1-4)-2-acetamido-2-deoxy-beta-D-glucopyranose-(1-4)-2-acetamido-2-deoxy-beta-D-glucopyranose
5 non-polymer 2-acetamido-2-deoxy-beta-D-glucopyranose
6 water water
#
_entity_poly.entity_id   1
_entity_poly.type   'polypeptide(L)'
_entity_poly.pdbx_seq_one_letter_code
;MTITFLILLFTIVKGDQICIGYHANNSTEKVDTILERNVTVTHAKDILEKTHNGKLCRLSGIPPLELGDCSIAGWLLGNP
ECDRLLSVPEWSYIVEKENPVNGLCYPGSFNDYEELKHLITSVTHFEKVKILPRDQWTQHTTTGGSRACAVLDNPSFFRN
MVWLTKKGSNYPIAKRSYNNTSGEQMLIIWGIHHPNDDAEQRTLYQNVGTYVSVGTSTLNKRSIPEIATRPKVNGQGGRM
EFSWTLLETWDVINFESTGNLIAPEYGFKISKRGSSGIMKTEKTLENCETKCQTPLGAINTTLPFHNIHPLTIGECPKYV
KSDRLVLATGLRNVPQIESRGLFGAIAGFIEGGWQGMVDGWYGYHHSNDQGSGYAADKESTQKAFDGITNKVNSVIEKMN
TQFEAVGKEFSNLERRLENLNKKMEDGFLDVWTYNAELLVLMENERTLDFHDSNVKNLYDKVRMQLRDNVKELGNGCFEF
YHKCDDECMNSVKNGTYDYPKYEEESKAA
;
_entity_poly.pdbx_strand_id   A,B,C
#
# COMPACT_ATOMS: atom_id res chain seq x y z
N ASP A 16 62.24 0.43 20.25
CA ASP A 16 61.16 1.25 20.79
C ASP A 16 60.12 1.58 19.71
N GLN A 17 58.95 0.99 19.83
CA GLN A 17 57.90 1.22 18.84
C GLN A 17 56.50 1.29 19.46
N ILE A 18 55.61 2.01 18.79
CA ILE A 18 54.20 2.00 19.16
C ILE A 18 53.34 1.72 17.93
N CYS A 19 52.29 0.92 18.11
CA CYS A 19 51.48 0.44 17.00
C CYS A 19 49.99 0.72 17.17
N ILE A 20 49.33 1.07 16.07
CA ILE A 20 47.88 1.21 16.07
C ILE A 20 47.24 -0.10 15.62
N GLY A 21 46.21 -0.53 16.34
CA GLY A 21 45.58 -1.81 16.04
C GLY A 21 44.09 -1.81 16.30
N TYR A 22 43.48 -2.97 16.13
CA TYR A 22 42.04 -3.08 16.30
C TYR A 22 41.66 -4.49 16.74
N HIS A 23 40.44 -4.59 17.28
CA HIS A 23 39.93 -5.81 17.89
C HIS A 23 39.71 -6.97 16.92
N ALA A 24 40.07 -8.17 17.38
CA ALA A 24 39.68 -9.42 16.74
C ALA A 24 39.28 -10.41 17.81
N ASN A 25 38.31 -11.27 17.49
CA ASN A 25 37.87 -12.29 18.44
C ASN A 25 37.53 -13.62 17.77
N ASN A 26 36.92 -14.52 18.53
CA ASN A 26 36.56 -15.83 17.98
C ASN A 26 35.17 -15.84 17.36
N SER A 27 34.72 -14.68 16.89
CA SER A 27 33.38 -14.58 16.33
C SER A 27 33.27 -15.20 14.94
N THR A 28 32.13 -15.83 14.68
CA THR A 28 31.87 -16.50 13.41
C THR A 28 30.68 -15.82 12.75
N GLU A 29 30.08 -14.89 13.49
CA GLU A 29 28.93 -14.12 13.03
C GLU A 29 29.23 -13.41 11.72
N LYS A 30 28.40 -13.66 10.72
CA LYS A 30 28.56 -13.06 9.41
C LYS A 30 27.44 -12.08 9.12
N VAL A 31 27.71 -11.09 8.26
CA VAL A 31 26.69 -10.20 7.73
C VAL A 31 26.95 -10.00 6.26
N ASP A 32 25.97 -9.42 5.57
CA ASP A 32 26.18 -8.99 4.20
C ASP A 32 26.15 -7.47 4.11
N THR A 33 26.92 -6.93 3.18
CA THR A 33 26.85 -5.51 2.89
C THR A 33 26.53 -5.37 1.41
N ILE A 34 26.28 -4.15 0.97
CA ILE A 34 26.05 -3.89 -0.45
C ILE A 34 27.14 -4.47 -1.35
N LEU A 35 28.39 -4.32 -0.95
CA LEU A 35 29.53 -4.72 -1.79
C LEU A 35 30.01 -6.13 -1.55
N GLU A 36 29.71 -6.68 -0.37
CA GLU A 36 30.27 -7.97 0.04
C GLU A 36 29.26 -8.92 0.65
N ARG A 37 29.59 -10.20 0.64
CA ARG A 37 28.75 -11.24 1.19
C ARG A 37 29.50 -12.05 2.25
N ASN A 38 28.76 -12.55 3.24
CA ASN A 38 29.33 -13.37 4.30
C ASN A 38 30.61 -12.80 4.89
N VAL A 39 30.51 -11.58 5.39
CA VAL A 39 31.60 -10.94 6.11
C VAL A 39 31.53 -11.27 7.60
N THR A 40 32.62 -11.80 8.12
CA THR A 40 32.73 -12.11 9.53
C THR A 40 33.01 -10.83 10.32
N VAL A 41 32.17 -10.56 11.32
CA VAL A 41 32.33 -9.38 12.15
C VAL A 41 32.46 -9.73 13.64
N THR A 42 33.18 -8.90 14.37
CA THR A 42 33.41 -9.13 15.79
C THR A 42 32.12 -9.10 16.61
N HIS A 43 31.16 -8.29 16.17
CA HIS A 43 29.88 -8.14 16.88
C HIS A 43 28.73 -7.81 15.92
N ALA A 44 27.56 -8.38 16.18
CA ALA A 44 26.41 -8.16 15.33
C ALA A 44 25.10 -8.23 16.13
N LYS A 45 24.03 -7.74 15.54
CA LYS A 45 22.73 -7.77 16.18
C LYS A 45 21.63 -8.04 15.16
N ASP A 46 20.87 -9.10 15.38
CA ASP A 46 19.77 -9.44 14.49
C ASP A 46 18.58 -8.54 14.81
N ILE A 47 18.04 -7.88 13.80
CA ILE A 47 16.88 -7.02 14.02
C ILE A 47 15.61 -7.65 13.47
N LEU A 48 15.69 -8.95 13.19
CA LEU A 48 14.55 -9.71 12.71
C LEU A 48 14.05 -10.66 13.81
N GLU A 49 12.86 -10.39 14.33
CA GLU A 49 12.29 -11.25 15.37
C GLU A 49 11.78 -12.54 14.75
N LYS A 50 12.28 -13.67 15.24
CA LYS A 50 11.98 -14.98 14.64
C LYS A 50 11.37 -15.96 15.63
N THR A 51 11.22 -15.53 16.88
CA THR A 51 10.69 -16.40 17.92
C THR A 51 9.39 -15.90 18.55
N HIS A 52 8.57 -16.84 19.01
CA HIS A 52 7.33 -16.58 19.70
C HIS A 52 7.26 -17.56 20.86
N ASN A 53 6.26 -17.43 21.72
CA ASN A 53 6.18 -18.28 22.90
C ASN A 53 5.26 -19.50 22.71
N GLY A 54 4.77 -19.68 21.49
CA GLY A 54 3.95 -20.83 21.16
C GLY A 54 2.62 -20.85 21.92
N LYS A 55 2.25 -19.69 22.44
CA LYS A 55 1.04 -19.60 23.25
C LYS A 55 0.03 -18.55 22.77
N LEU A 56 -1.26 -18.87 23.00
CA LEU A 56 -2.34 -17.91 22.88
C LEU A 56 -2.46 -17.12 24.18
N CYS A 57 -2.26 -15.80 24.10
CA CYS A 57 -2.31 -14.99 25.32
C CYS A 57 -3.43 -13.95 25.34
N ARG A 58 -3.57 -13.29 26.48
CA ARG A 58 -4.45 -12.14 26.59
C ARG A 58 -3.79 -10.97 25.89
N LEU A 59 -4.61 -10.12 25.27
CA LEU A 59 -4.08 -9.00 24.53
C LEU A 59 -4.31 -7.73 25.34
N SER A 60 -3.21 -7.10 25.75
CA SER A 60 -3.26 -5.89 26.56
C SER A 60 -4.21 -6.08 27.74
N GLY A 61 -4.17 -7.26 28.35
CA GLY A 61 -4.93 -7.53 29.56
C GLY A 61 -6.29 -8.18 29.40
N ILE A 62 -6.76 -8.28 28.15
CA ILE A 62 -8.05 -8.88 27.86
C ILE A 62 -7.90 -10.20 27.10
N PRO A 63 -8.58 -11.26 27.57
CA PRO A 63 -8.58 -12.57 26.92
C PRO A 63 -9.34 -12.53 25.60
N PRO A 64 -9.00 -13.42 24.66
CA PRO A 64 -9.88 -13.55 23.50
C PRO A 64 -11.13 -14.34 23.89
N LEU A 65 -12.10 -14.36 22.99
CA LEU A 65 -13.27 -15.22 23.08
C LEU A 65 -12.90 -16.51 22.36
N GLU A 66 -13.04 -17.65 23.04
CA GLU A 66 -12.64 -18.94 22.46
C GLU A 66 -13.83 -19.79 22.01
N LEU A 67 -13.94 -19.98 20.70
CA LEU A 67 -15.09 -20.68 20.13
C LEU A 67 -14.80 -22.13 19.81
N GLY A 68 -13.52 -22.48 19.73
CA GLY A 68 -13.13 -23.84 19.40
C GLY A 68 -13.89 -24.39 18.21
N ASP A 69 -14.72 -25.40 18.47
CA ASP A 69 -15.42 -26.11 17.40
C ASP A 69 -16.59 -25.37 16.75
N CYS A 70 -17.11 -24.36 17.44
CA CYS A 70 -18.34 -23.72 16.99
C CYS A 70 -18.08 -22.47 16.14
N SER A 71 -19.03 -22.16 15.27
CA SER A 71 -19.00 -20.90 14.54
C SER A 71 -19.75 -19.83 15.32
N ILE A 72 -19.50 -18.57 14.97
CA ILE A 72 -20.17 -17.45 15.63
C ILE A 72 -21.69 -17.56 15.46
N ALA A 73 -22.11 -18.03 14.30
CA ALA A 73 -23.53 -18.24 14.06
C ALA A 73 -24.08 -19.34 14.95
N GLY A 74 -23.37 -20.46 15.03
CA GLY A 74 -23.80 -21.57 15.86
C GLY A 74 -23.93 -21.16 17.32
N TRP A 75 -22.98 -20.34 17.77
CA TRP A 75 -22.98 -19.83 19.13
C TRP A 75 -24.13 -18.84 19.39
N LEU A 76 -24.19 -17.79 18.57
CA LEU A 76 -25.23 -16.76 18.71
C LEU A 76 -26.65 -17.31 18.56
N LEU A 77 -26.86 -18.23 17.63
CA LEU A 77 -28.18 -18.83 17.48
C LEU A 77 -28.47 -19.85 18.58
N GLY A 78 -27.41 -20.42 19.15
CA GLY A 78 -27.58 -21.42 20.18
C GLY A 78 -27.75 -22.82 19.63
N ASN A 79 -27.05 -23.11 18.54
CA ASN A 79 -26.89 -24.48 18.12
C ASN A 79 -26.51 -25.29 19.37
N PRO A 80 -27.26 -26.35 19.68
CA PRO A 80 -27.11 -27.17 20.90
C PRO A 80 -25.67 -27.62 21.21
N GLU A 81 -24.85 -27.82 20.18
CA GLU A 81 -23.46 -28.16 20.39
C GLU A 81 -22.63 -26.90 20.70
N CYS A 82 -23.30 -25.79 20.98
CA CYS A 82 -22.61 -24.51 21.18
C CYS A 82 -23.21 -23.69 22.32
N ASP A 83 -24.48 -23.92 22.62
CA ASP A 83 -25.21 -23.04 23.54
C ASP A 83 -24.71 -23.13 24.98
N ARG A 84 -23.78 -24.03 25.24
CA ARG A 84 -23.23 -24.17 26.58
C ARG A 84 -21.86 -23.50 26.72
N LEU A 85 -21.31 -23.04 25.59
CA LEU A 85 -20.04 -22.32 25.56
C LEU A 85 -19.90 -21.37 26.75
N LEU A 86 -18.71 -21.29 27.32
CA LEU A 86 -18.46 -20.49 28.53
C LEU A 86 -18.85 -19.03 28.36
N SER A 87 -18.03 -18.29 27.62
CA SER A 87 -18.33 -16.90 27.24
C SER A 87 -17.91 -15.85 28.28
N VAL A 88 -16.72 -15.29 28.10
CA VAL A 88 -16.30 -14.12 28.87
C VAL A 88 -17.19 -12.92 28.54
N PRO A 89 -17.35 -11.97 29.48
CA PRO A 89 -18.19 -10.79 29.25
C PRO A 89 -17.46 -9.74 28.41
N GLU A 90 -16.19 -10.01 28.12
CA GLU A 90 -15.34 -9.04 27.46
C GLU A 90 -14.16 -9.75 26.82
N TRP A 91 -13.85 -9.39 25.58
CA TRP A 91 -12.76 -10.03 24.87
C TRP A 91 -12.07 -9.13 23.87
N SER A 92 -10.81 -9.43 23.57
CA SER A 92 -9.99 -8.55 22.73
C SER A 92 -9.84 -9.08 21.31
N TYR A 93 -10.20 -10.34 21.09
CA TYR A 93 -10.24 -10.89 19.75
C TYR A 93 -10.96 -12.23 19.78
N ILE A 94 -11.12 -12.86 18.63
CA ILE A 94 -11.84 -14.13 18.58
C ILE A 94 -10.98 -15.24 17.97
N VAL A 95 -11.05 -16.41 18.58
CA VAL A 95 -10.30 -17.57 18.15
C VAL A 95 -11.26 -18.66 17.69
N GLU A 96 -11.28 -18.94 16.40
CA GLU A 96 -12.06 -20.04 15.85
C GLU A 96 -11.07 -21.09 15.35
N LYS A 97 -11.61 -22.19 14.87
CA LYS A 97 -10.83 -23.14 14.10
C LYS A 97 -11.06 -22.79 12.63
N GLU A 98 -10.24 -23.33 11.74
CA GLU A 98 -10.32 -22.99 10.33
C GLU A 98 -11.72 -23.20 9.76
N ASN A 99 -12.31 -24.35 10.04
CA ASN A 99 -13.66 -24.65 9.61
C ASN A 99 -14.47 -25.33 10.71
N PRO A 100 -15.17 -24.53 11.53
CA PRO A 100 -15.92 -25.06 12.66
C PRO A 100 -16.86 -26.16 12.20
N VAL A 101 -16.98 -27.22 13.00
CA VAL A 101 -17.88 -28.31 12.72
C VAL A 101 -19.33 -27.92 12.97
N ASN A 102 -19.55 -27.09 13.98
CA ASN A 102 -20.91 -26.79 14.43
C ASN A 102 -21.31 -25.36 14.14
N GLY A 103 -22.21 -25.19 13.18
CA GLY A 103 -22.70 -23.87 12.84
C GLY A 103 -24.19 -23.94 12.68
N LEU A 104 -24.67 -23.78 11.45
CA LEU A 104 -26.09 -23.90 11.16
C LEU A 104 -26.51 -25.36 11.17
N CYS A 105 -26.84 -25.87 12.35
CA CYS A 105 -27.28 -27.27 12.44
C CYS A 105 -28.45 -27.47 11.49
N TYR A 106 -29.47 -26.64 11.61
CA TYR A 106 -30.45 -26.56 10.55
C TYR A 106 -29.85 -25.72 9.42
N PRO A 107 -29.81 -26.28 8.20
CA PRO A 107 -29.08 -25.66 7.09
C PRO A 107 -29.69 -24.33 6.65
N GLY A 108 -28.87 -23.46 6.08
CA GLY A 108 -29.38 -22.21 5.56
C GLY A 108 -28.28 -21.22 5.32
N SER A 109 -28.57 -19.96 5.59
CA SER A 109 -27.65 -18.87 5.31
C SER A 109 -27.84 -17.75 6.33
N PHE A 110 -26.86 -16.86 6.39
CA PHE A 110 -26.86 -15.76 7.34
C PHE A 110 -26.51 -14.49 6.54
N ASN A 111 -27.41 -13.52 6.51
CA ASN A 111 -27.17 -12.27 5.78
C ASN A 111 -26.14 -11.36 6.45
N ASP A 112 -25.22 -10.81 5.66
CA ASP A 112 -24.18 -9.92 6.17
C ASP A 112 -23.45 -10.56 7.34
N TYR A 113 -23.18 -11.85 7.21
CA TYR A 113 -22.57 -12.63 8.29
C TYR A 113 -21.16 -12.16 8.63
N GLU A 114 -20.38 -11.82 7.61
CA GLU A 114 -19.03 -11.32 7.84
C GLU A 114 -19.02 -9.98 8.59
N GLU A 115 -19.94 -9.09 8.21
CA GLU A 115 -20.08 -7.80 8.90
C GLU A 115 -20.37 -8.00 10.38
N LEU A 116 -21.26 -8.96 10.68
CA LEU A 116 -21.59 -9.32 12.06
C LEU A 116 -20.34 -9.78 12.81
N LYS A 117 -19.63 -10.74 12.22
CA LYS A 117 -18.40 -11.24 12.79
C LYS A 117 -17.41 -10.09 13.07
N HIS A 118 -17.30 -9.16 12.14
CA HIS A 118 -16.36 -8.06 12.30
C HIS A 118 -16.78 -7.17 13.46
N LEU A 119 -18.09 -7.08 13.69
CA LEU A 119 -18.66 -6.25 14.74
C LEU A 119 -18.39 -6.72 16.17
N ILE A 120 -18.43 -8.04 16.41
CA ILE A 120 -18.27 -8.57 17.76
C ILE A 120 -16.84 -9.04 18.00
N THR A 121 -15.97 -8.62 17.10
CA THR A 121 -14.59 -9.07 17.07
C THR A 121 -13.86 -8.60 18.34
N SER A 122 -14.31 -7.47 18.89
CA SER A 122 -13.75 -6.92 20.11
C SER A 122 -14.85 -6.16 20.83
N VAL A 123 -15.04 -6.41 22.11
CA VAL A 123 -16.16 -5.80 22.84
C VAL A 123 -15.86 -5.38 24.29
N THR A 124 -16.81 -4.66 24.89
CA THR A 124 -16.57 -4.02 26.18
C THR A 124 -16.56 -4.93 27.41
N HIS A 125 -17.52 -5.82 27.69
CA HIS A 125 -19.00 -5.86 27.46
C HIS A 125 -19.83 -6.50 26.33
N PHE A 126 -20.43 -7.63 26.69
CA PHE A 126 -21.32 -8.43 25.88
C PHE A 126 -22.15 -9.28 26.83
N GLU A 127 -23.47 -9.23 26.71
CA GLU A 127 -24.34 -9.92 27.68
C GLU A 127 -25.67 -10.38 27.10
N LYS A 128 -25.92 -11.67 27.19
CA LYS A 128 -27.17 -12.23 26.68
C LYS A 128 -28.34 -11.83 27.57
N VAL A 129 -29.44 -11.43 26.94
CA VAL A 129 -30.61 -10.97 27.68
C VAL A 129 -31.89 -11.55 27.07
N LYS A 130 -32.83 -11.98 27.91
CA LYS A 130 -34.07 -12.50 27.40
C LYS A 130 -35.01 -11.36 27.08
N ILE A 131 -35.36 -11.21 25.81
CA ILE A 131 -36.11 -10.03 25.40
C ILE A 131 -37.55 -10.33 24.99
N LEU A 132 -37.81 -11.56 24.56
CA LEU A 132 -39.14 -11.93 24.10
C LEU A 132 -39.48 -13.32 24.60
N PRO A 133 -39.80 -13.44 25.89
CA PRO A 133 -40.09 -14.75 26.50
C PRO A 133 -40.96 -15.58 25.59
N ARG A 134 -40.52 -16.79 25.30
CA ARG A 134 -41.17 -17.60 24.28
C ARG A 134 -42.61 -18.00 24.63
N ASP A 135 -42.91 -18.13 25.92
CA ASP A 135 -44.25 -18.53 26.35
C ASP A 135 -45.33 -17.51 25.99
N GLN A 136 -44.92 -16.30 25.61
CA GLN A 136 -45.88 -15.25 25.34
C GLN A 136 -46.33 -15.15 23.89
N TRP A 137 -45.84 -16.05 23.05
CA TRP A 137 -46.47 -16.29 21.76
C TRP A 137 -47.68 -17.19 22.03
N THR A 138 -48.72 -16.60 22.61
CA THR A 138 -49.88 -17.36 23.06
C THR A 138 -50.75 -17.88 21.91
N GLN A 139 -50.63 -17.28 20.74
CA GLN A 139 -51.47 -17.64 19.60
C GLN A 139 -50.81 -18.57 18.59
N HIS A 140 -49.60 -19.00 18.88
CA HIS A 140 -48.84 -19.85 17.97
C HIS A 140 -48.22 -21.03 18.70
N THR A 141 -47.86 -22.06 17.95
CA THR A 141 -47.09 -23.17 18.49
C THR A 141 -45.61 -22.81 18.46
N THR A 142 -44.89 -23.27 19.47
CA THR A 142 -43.64 -22.66 19.82
C THR A 142 -42.60 -23.74 20.10
N THR A 143 -43.10 -24.97 20.18
CA THR A 143 -42.27 -26.11 20.51
C THR A 143 -41.61 -26.78 19.30
N GLY A 144 -41.77 -26.22 18.11
CA GLY A 144 -41.23 -26.85 16.91
C GLY A 144 -39.73 -27.05 16.92
N GLY A 145 -39.27 -28.18 16.41
CA GLY A 145 -37.84 -28.46 16.32
C GLY A 145 -37.49 -29.39 15.16
N SER A 146 -36.20 -29.69 15.01
CA SER A 146 -35.73 -30.51 13.90
C SER A 146 -34.76 -31.61 14.34
N ARG A 147 -34.72 -32.68 13.57
CA ARG A 147 -33.78 -33.76 13.79
C ARG A 147 -32.38 -33.32 13.42
N ALA A 148 -32.30 -32.27 12.60
CA ALA A 148 -31.02 -31.68 12.22
C ALA A 148 -30.31 -31.12 13.44
N CYS A 149 -31.07 -30.72 14.46
CA CYS A 149 -30.49 -30.20 15.68
C CYS A 149 -30.75 -31.15 16.85
N ALA A 150 -30.76 -32.44 16.57
CA ALA A 150 -31.08 -33.41 17.60
C ALA A 150 -29.95 -33.54 18.61
N VAL A 151 -30.29 -33.87 19.85
CA VAL A 151 -29.27 -34.12 20.86
C VAL A 151 -29.13 -35.60 21.20
N LEU A 152 -29.96 -36.08 22.14
CA LEU A 152 -29.75 -37.41 22.71
C LEU A 152 -30.94 -38.39 22.68
N ASP A 153 -31.63 -38.52 21.55
CA ASP A 153 -31.39 -37.72 20.35
C ASP A 153 -32.74 -37.23 19.82
N ASN A 154 -33.47 -36.52 20.66
CA ASN A 154 -34.76 -35.96 20.29
C ASN A 154 -34.57 -34.75 19.38
N PRO A 155 -35.59 -34.42 18.58
CA PRO A 155 -35.50 -33.22 17.76
C PRO A 155 -35.36 -32.00 18.65
N SER A 156 -34.47 -31.08 18.27
CA SER A 156 -34.36 -29.83 19.00
C SER A 156 -34.21 -28.65 18.03
N PHE A 157 -33.61 -27.56 18.51
CA PHE A 157 -33.54 -26.34 17.73
C PHE A 157 -32.54 -25.37 18.35
N PHE A 158 -32.12 -24.37 17.58
CA PHE A 158 -31.30 -23.30 18.12
C PHE A 158 -31.91 -22.82 19.43
N ARG A 159 -31.14 -22.87 20.50
CA ARG A 159 -31.68 -22.62 21.83
C ARG A 159 -32.18 -21.18 22.06
N ASN A 160 -31.57 -20.22 21.38
CA ASN A 160 -31.95 -18.82 21.57
C ASN A 160 -33.10 -18.36 20.71
N MET A 161 -33.61 -19.27 19.87
CA MET A 161 -34.57 -18.89 18.84
C MET A 161 -35.88 -19.65 19.03
N VAL A 162 -36.96 -19.14 18.44
CA VAL A 162 -38.27 -19.77 18.57
C VAL A 162 -38.89 -20.04 17.20
N TRP A 163 -39.22 -21.30 16.94
CA TRP A 163 -39.80 -21.66 15.65
C TRP A 163 -41.32 -21.59 15.80
N LEU A 164 -41.92 -20.52 15.27
CA LEU A 164 -43.36 -20.34 15.36
C LEU A 164 -44.05 -21.12 14.26
N THR A 165 -45.00 -21.97 14.63
CA THR A 165 -45.81 -22.68 13.66
C THR A 165 -47.27 -22.51 14.03
N LYS A 166 -48.17 -23.01 13.21
CA LYS A 166 -49.59 -22.75 13.43
C LYS A 166 -50.10 -23.49 14.65
N LYS A 167 -51.14 -22.94 15.25
CA LYS A 167 -51.78 -23.53 16.41
C LYS A 167 -53.11 -24.12 15.95
N GLY A 168 -53.21 -25.43 16.02
CA GLY A 168 -54.30 -26.14 15.40
C GLY A 168 -54.20 -25.95 13.90
N SER A 169 -55.19 -25.27 13.33
CA SER A 169 -55.20 -24.96 11.91
C SER A 169 -54.94 -23.48 11.64
N ASN A 170 -54.64 -22.72 12.68
CA ASN A 170 -54.50 -21.26 12.55
C ASN A 170 -53.13 -20.69 12.82
N TYR A 171 -52.65 -19.88 11.88
CA TYR A 171 -51.48 -19.02 12.09
C TYR A 171 -51.93 -17.57 11.97
N PRO A 172 -52.38 -16.98 13.08
CA PRO A 172 -52.78 -15.57 13.07
C PRO A 172 -51.53 -14.73 12.95
N ILE A 173 -51.69 -13.44 12.68
CA ILE A 173 -50.51 -12.60 12.55
C ILE A 173 -49.72 -12.63 13.85
N ALA A 174 -48.40 -12.61 13.74
CA ALA A 174 -47.53 -12.64 14.90
C ALA A 174 -46.91 -11.26 15.07
N LYS A 175 -47.35 -10.54 16.10
CA LYS A 175 -46.90 -9.18 16.34
C LYS A 175 -46.40 -9.02 17.75
N ARG A 176 -45.11 -8.84 17.90
CA ARG A 176 -44.53 -8.50 19.19
C ARG A 176 -43.42 -7.49 18.98
N SER A 177 -43.17 -6.70 20.00
CA SER A 177 -42.13 -5.69 19.92
C SER A 177 -41.35 -5.69 21.22
N TYR A 178 -40.17 -5.10 21.19
CA TYR A 178 -39.37 -5.00 22.39
C TYR A 178 -38.63 -3.68 22.38
N ASN A 179 -38.66 -3.01 23.53
CA ASN A 179 -37.98 -1.74 23.71
C ASN A 179 -36.64 -1.96 24.39
N ASN A 180 -35.57 -1.47 23.79
CA ASN A 180 -34.25 -1.66 24.38
C ASN A 180 -33.98 -0.77 25.60
N THR A 181 -34.52 -1.17 26.75
CA THR A 181 -34.28 -0.45 28.00
C THR A 181 -33.00 -0.91 28.70
N SER A 182 -32.25 -1.78 28.05
CA SER A 182 -31.10 -2.46 28.66
C SER A 182 -30.01 -1.53 29.13
N GLY A 183 -29.74 -0.47 28.37
CA GLY A 183 -28.68 0.47 28.69
C GLY A 183 -27.55 0.45 27.67
N GLU A 184 -27.53 -0.56 26.82
CA GLU A 184 -26.53 -0.67 25.76
C GLU A 184 -27.20 -1.03 24.44
N GLN A 185 -26.50 -0.77 23.34
CA GLN A 185 -26.96 -1.26 22.04
C GLN A 185 -27.17 -2.76 22.15
N MET A 186 -28.15 -3.28 21.42
CA MET A 186 -28.44 -4.71 21.48
C MET A 186 -28.45 -5.40 20.12
N LEU A 187 -27.56 -6.38 19.96
CA LEU A 187 -27.57 -7.22 18.78
C LEU A 187 -28.78 -8.17 18.79
N ILE A 188 -29.62 -8.10 17.77
CA ILE A 188 -30.77 -9.00 17.67
C ILE A 188 -30.79 -9.75 16.36
N ILE A 189 -31.03 -11.05 16.42
CA ILE A 189 -31.02 -11.89 15.25
C ILE A 189 -32.38 -12.51 14.99
N TRP A 190 -32.76 -12.65 13.72
CA TRP A 190 -34.01 -13.29 13.37
C TRP A 190 -33.92 -14.01 12.02
N GLY A 191 -34.90 -14.86 11.74
CA GLY A 191 -34.84 -15.68 10.55
C GLY A 191 -36.19 -15.92 9.91
N ILE A 192 -36.14 -16.48 8.72
CA ILE A 192 -37.34 -16.89 8.03
C ILE A 192 -37.07 -18.30 7.50
N HIS A 193 -38.07 -19.17 7.57
CA HIS A 193 -37.94 -20.55 7.13
C HIS A 193 -38.44 -20.70 5.69
N HIS A 194 -37.63 -21.32 4.84
CA HIS A 194 -38.02 -21.63 3.47
C HIS A 194 -38.29 -23.14 3.34
N PRO A 195 -39.56 -23.55 3.31
CA PRO A 195 -39.97 -24.97 3.22
C PRO A 195 -39.59 -25.63 1.89
N ASN A 196 -39.78 -26.94 1.81
CA ASN A 196 -39.50 -27.71 0.60
C ASN A 196 -40.57 -27.56 -0.48
N ASP A 197 -41.81 -27.33 -0.07
CA ASP A 197 -42.92 -27.21 -1.02
C ASP A 197 -44.13 -26.52 -0.40
N ASP A 198 -45.13 -26.25 -1.23
CA ASP A 198 -46.31 -25.54 -0.77
C ASP A 198 -47.06 -26.32 0.31
N ALA A 199 -47.11 -27.64 0.17
CA ALA A 199 -47.78 -28.47 1.17
C ALA A 199 -47.12 -28.29 2.54
N GLU A 200 -45.79 -28.34 2.58
CA GLU A 200 -45.06 -28.14 3.82
C GLU A 200 -45.40 -26.75 4.37
N GLN A 201 -45.49 -25.78 3.48
CA GLN A 201 -45.79 -24.39 3.85
C GLN A 201 -47.15 -24.32 4.51
N ARG A 202 -48.10 -25.08 3.95
CA ARG A 202 -49.45 -25.09 4.50
C ARG A 202 -49.51 -25.84 5.82
N THR A 203 -48.76 -26.96 5.92
CA THR A 203 -48.68 -27.74 7.15
C THR A 203 -48.14 -26.92 8.32
N LEU A 204 -47.07 -26.17 8.08
CA LEU A 204 -46.41 -25.41 9.15
C LEU A 204 -47.06 -24.06 9.42
N TYR A 205 -47.52 -23.39 8.37
CA TYR A 205 -47.96 -22.00 8.53
C TYR A 205 -49.38 -21.77 8.01
N GLN A 206 -50.00 -22.84 7.53
CA GLN A 206 -51.39 -22.85 7.08
C GLN A 206 -51.63 -22.03 5.82
N ASN A 207 -51.07 -20.83 5.80
CA ASN A 207 -51.21 -19.94 4.66
C ASN A 207 -49.98 -20.01 3.78
N VAL A 208 -50.18 -19.88 2.48
CA VAL A 208 -49.08 -19.58 1.58
C VAL A 208 -49.09 -18.07 1.37
N GLY A 209 -48.03 -17.50 0.85
CA GLY A 209 -47.98 -16.06 0.61
C GLY A 209 -47.83 -15.24 1.87
N THR A 210 -46.83 -15.55 2.66
CA THR A 210 -46.64 -14.92 3.94
C THR A 210 -45.44 -13.98 3.90
N TYR A 211 -45.15 -13.32 5.01
CA TYR A 211 -43.98 -12.46 5.07
C TYR A 211 -43.44 -12.34 6.48
N VAL A 212 -42.16 -11.98 6.57
CA VAL A 212 -41.56 -11.63 7.84
C VAL A 212 -41.15 -10.18 7.74
N SER A 213 -41.53 -9.40 8.74
CA SER A 213 -41.27 -7.97 8.71
C SER A 213 -40.65 -7.57 10.03
N VAL A 214 -39.54 -6.85 9.95
CA VAL A 214 -38.87 -6.37 11.13
C VAL A 214 -38.59 -4.90 10.92
N GLY A 215 -38.92 -4.09 11.92
CA GLY A 215 -38.66 -2.67 11.81
C GLY A 215 -38.17 -2.09 13.10
N THR A 216 -37.17 -1.21 12.99
CA THR A 216 -36.73 -0.37 14.10
C THR A 216 -36.77 1.09 13.62
N SER A 217 -36.09 1.97 14.34
CA SER A 217 -36.01 3.36 13.91
C SER A 217 -35.17 3.51 12.64
N THR A 218 -34.28 2.56 12.41
CA THR A 218 -33.34 2.66 11.30
C THR A 218 -33.46 1.50 10.32
N LEU A 219 -34.02 0.39 10.80
CA LEU A 219 -34.13 -0.81 9.96
C LEU A 219 -35.56 -1.06 9.47
N ASN A 220 -35.71 -1.27 8.18
CA ASN A 220 -36.95 -1.78 7.63
C ASN A 220 -36.68 -2.98 6.74
N LYS A 221 -36.93 -4.18 7.25
CA LYS A 221 -36.68 -5.37 6.43
C LYS A 221 -37.87 -6.31 6.30
N ARG A 222 -38.07 -6.76 5.07
CA ARG A 222 -39.12 -7.69 4.74
C ARG A 222 -38.54 -8.88 3.97
N SER A 223 -38.79 -10.09 4.46
CA SER A 223 -38.45 -11.27 3.69
C SER A 223 -39.72 -12.07 3.37
N ILE A 224 -39.67 -12.80 2.27
CA ILE A 224 -40.77 -13.62 1.83
C ILE A 224 -40.24 -15.03 1.62
N PRO A 225 -41.05 -16.06 1.92
CA PRO A 225 -40.51 -17.41 1.78
C PRO A 225 -40.17 -17.73 0.32
N GLU A 226 -39.00 -18.31 0.10
CA GLU A 226 -38.62 -18.74 -1.22
C GLU A 226 -38.55 -20.26 -1.21
N ILE A 227 -39.58 -20.88 -1.78
CA ILE A 227 -39.67 -22.33 -1.83
C ILE A 227 -39.01 -22.90 -3.09
N ALA A 228 -38.15 -23.89 -2.88
CA ALA A 228 -37.49 -24.60 -3.97
C ALA A 228 -37.26 -26.03 -3.56
N THR A 229 -36.97 -26.88 -4.54
CA THR A 229 -36.67 -28.27 -4.31
C THR A 229 -35.18 -28.39 -4.10
N ARG A 230 -34.77 -28.91 -2.94
CA ARG A 230 -33.38 -28.90 -2.56
C ARG A 230 -32.88 -30.27 -2.09
N PRO A 231 -31.62 -30.58 -2.36
CA PRO A 231 -30.99 -31.76 -1.78
C PRO A 231 -30.95 -31.62 -0.25
N LYS A 232 -31.00 -32.73 0.46
CA LYS A 232 -30.89 -32.67 1.90
C LYS A 232 -29.52 -32.20 2.37
N VAL A 233 -29.53 -31.35 3.39
CA VAL A 233 -28.34 -30.97 4.12
C VAL A 233 -28.63 -31.22 5.59
N ASN A 234 -27.75 -31.96 6.26
CA ASN A 234 -28.04 -32.50 7.59
C ASN A 234 -29.43 -33.12 7.63
N GLY A 235 -29.78 -33.79 6.54
CA GLY A 235 -31.06 -34.49 6.44
C GLY A 235 -32.25 -33.58 6.26
N GLN A 236 -32.03 -32.32 5.90
CA GLN A 236 -33.13 -31.37 5.72
C GLN A 236 -33.12 -30.67 4.37
N GLY A 237 -34.24 -30.68 3.69
CA GLY A 237 -34.35 -30.05 2.39
C GLY A 237 -34.72 -28.59 2.51
N GLY A 238 -35.24 -28.22 3.68
CA GLY A 238 -35.59 -26.84 3.97
C GLY A 238 -34.38 -25.99 4.31
N ARG A 239 -34.57 -24.68 4.32
CA ARG A 239 -33.50 -23.76 4.67
C ARG A 239 -34.00 -22.68 5.63
N MET A 240 -33.09 -22.15 6.44
CA MET A 240 -33.41 -21.03 7.31
C MET A 240 -32.44 -19.89 7.09
N GLU A 241 -32.98 -18.73 6.76
CA GLU A 241 -32.20 -17.56 6.41
C GLU A 241 -32.28 -16.56 7.54
N PHE A 242 -31.13 -16.21 8.10
CA PHE A 242 -31.10 -15.32 9.26
C PHE A 242 -30.58 -13.94 8.92
N SER A 243 -31.05 -12.96 9.69
CA SER A 243 -30.57 -11.59 9.61
C SER A 243 -30.33 -11.03 11.01
N TRP A 244 -29.75 -9.83 11.07
CA TRP A 244 -29.41 -9.26 12.35
C TRP A 244 -29.47 -7.74 12.26
N THR A 245 -29.60 -7.10 13.41
CA THR A 245 -29.52 -5.67 13.48
C THR A 245 -29.00 -5.25 14.85
N LEU A 246 -28.58 -4.00 14.96
CA LEU A 246 -28.23 -3.39 16.22
C LEU A 246 -29.36 -2.49 16.68
N LEU A 247 -29.95 -2.85 17.81
CA LEU A 247 -31.03 -2.04 18.36
C LEU A 247 -30.48 -0.98 19.30
N GLU A 248 -30.63 0.29 18.90
CA GLU A 248 -30.21 1.41 19.72
C GLU A 248 -30.90 1.41 21.07
N THR A 249 -30.24 1.98 22.06
CA THR A 249 -30.83 2.20 23.36
C THR A 249 -32.11 3.01 23.21
N TRP A 250 -33.13 2.65 23.97
CA TRP A 250 -34.40 3.35 23.97
C TRP A 250 -35.18 3.23 22.65
N ASP A 251 -34.64 2.48 21.69
CA ASP A 251 -35.38 2.18 20.47
C ASP A 251 -36.18 0.87 20.58
N VAL A 252 -37.15 0.71 19.70
CA VAL A 252 -38.03 -0.47 19.70
C VAL A 252 -37.84 -1.23 18.40
N ILE A 253 -37.96 -2.55 18.47
CA ILE A 253 -37.95 -3.41 17.29
C ILE A 253 -39.30 -4.09 17.19
N ASN A 254 -39.91 -4.01 16.02
CA ASN A 254 -41.23 -4.57 15.78
C ASN A 254 -41.15 -5.76 14.85
N PHE A 255 -41.50 -6.94 15.36
CA PHE A 255 -41.69 -8.13 14.53
C PHE A 255 -43.15 -8.22 14.12
N GLU A 256 -43.38 -8.46 12.83
CA GLU A 256 -44.73 -8.64 12.30
C GLU A 256 -44.69 -9.67 11.17
N SER A 257 -45.31 -10.82 11.38
CA SER A 257 -45.26 -11.92 10.41
C SER A 257 -46.56 -12.70 10.26
N THR A 258 -46.89 -13.07 9.02
CA THR A 258 -48.05 -13.91 8.72
C THR A 258 -47.65 -15.37 8.54
N GLY A 259 -46.38 -15.67 8.77
CA GLY A 259 -45.89 -17.03 8.65
C GLY A 259 -44.40 -17.03 8.41
N ASN A 260 -43.73 -18.08 8.90
CA ASN A 260 -42.35 -18.37 8.53
C ASN A 260 -41.29 -17.69 9.40
N LEU A 261 -41.75 -16.86 10.33
CA LEU A 261 -40.83 -16.17 11.22
C LEU A 261 -40.12 -17.13 12.17
N ILE A 262 -38.81 -16.97 12.27
CA ILE A 262 -38.02 -17.61 13.31
C ILE A 262 -37.56 -16.50 14.25
N ALA A 263 -38.25 -16.38 15.39
CA ALA A 263 -38.09 -15.25 16.29
C ALA A 263 -36.97 -15.42 17.32
N PRO A 264 -36.30 -14.30 17.67
CA PRO A 264 -35.35 -14.40 18.76
C PRO A 264 -36.10 -14.49 20.09
N GLU A 265 -35.56 -15.22 21.04
CA GLU A 265 -36.04 -15.09 22.40
C GLU A 265 -35.05 -14.22 23.16
N TYR A 266 -33.82 -14.13 22.63
CA TYR A 266 -32.77 -13.40 23.30
C TYR A 266 -32.11 -12.34 22.44
N GLY A 267 -31.54 -11.35 23.12
CA GLY A 267 -30.70 -10.35 22.47
C GLY A 267 -29.39 -10.21 23.24
N PHE A 268 -28.40 -9.57 22.63
CA PHE A 268 -27.12 -9.43 23.31
C PHE A 268 -26.75 -7.97 23.49
N LYS A 269 -26.72 -7.55 24.75
CA LYS A 269 -26.17 -6.25 25.11
C LYS A 269 -24.72 -6.19 24.63
N ILE A 270 -24.34 -5.11 23.97
CA ILE A 270 -22.98 -4.98 23.46
C ILE A 270 -22.39 -3.57 23.50
N SER A 271 -21.19 -3.47 24.04
CA SER A 271 -20.39 -2.24 23.95
C SER A 271 -19.05 -2.55 23.27
N LYS A 272 -18.60 -1.66 22.39
CA LYS A 272 -17.36 -1.87 21.66
C LYS A 272 -16.30 -0.84 22.01
N ARG A 273 -15.04 -1.21 21.83
CA ARG A 273 -13.92 -0.36 22.19
C ARG A 273 -13.11 -0.03 20.94
N GLY A 274 -13.59 -0.51 19.80
CA GLY A 274 -12.85 -0.49 18.55
C GLY A 274 -13.02 -1.85 17.91
N SER A 275 -12.24 -2.15 16.88
CA SER A 275 -12.31 -3.49 16.29
C SER A 275 -10.99 -4.28 16.31
N SER A 276 -11.10 -5.55 15.93
CA SER A 276 -10.02 -6.52 16.07
C SER A 276 -10.20 -7.51 14.93
N GLY A 277 -9.97 -8.80 15.18
CA GLY A 277 -10.18 -9.79 14.13
C GLY A 277 -10.44 -11.18 14.62
N ILE A 278 -10.72 -12.10 13.71
CA ILE A 278 -10.77 -13.51 14.08
C ILE A 278 -9.44 -14.15 13.76
N MET A 279 -8.94 -14.95 14.69
CA MET A 279 -7.71 -15.67 14.49
C MET A 279 -8.02 -17.16 14.38
N LYS A 280 -7.66 -17.75 13.25
CA LYS A 280 -7.97 -19.16 13.04
C LYS A 280 -6.79 -20.04 13.46
N THR A 281 -6.97 -20.73 14.58
CA THR A 281 -5.93 -21.57 15.14
C THR A 281 -6.52 -22.72 15.98
N GLU A 282 -5.67 -23.68 16.34
CA GLU A 282 -6.09 -24.83 17.12
C GLU A 282 -5.63 -24.71 18.56
N LYS A 283 -5.12 -23.53 18.93
CA LYS A 283 -4.56 -23.32 20.26
C LYS A 283 -5.62 -22.81 21.25
N THR A 284 -5.27 -22.84 22.54
CA THR A 284 -6.16 -22.34 23.59
C THR A 284 -5.49 -21.29 24.45
N LEU A 285 -6.32 -20.43 25.05
CA LEU A 285 -5.82 -19.40 25.95
C LEU A 285 -5.00 -20.00 27.09
N GLU A 286 -3.98 -19.28 27.52
CA GLU A 286 -3.19 -19.67 28.68
C GLU A 286 -3.00 -18.46 29.57
N ASN A 287 -2.49 -18.66 30.78
CA ASN A 287 -2.26 -17.53 31.67
C ASN A 287 -1.11 -16.70 31.12
N CYS A 288 -1.46 -15.70 30.34
CA CYS A 288 -0.55 -15.20 29.32
C CYS A 288 -0.87 -13.75 28.97
N GLU A 289 0.19 -13.00 28.67
CA GLU A 289 0.05 -11.59 28.35
C GLU A 289 0.94 -11.25 27.16
N THR A 290 0.39 -10.56 26.17
CA THR A 290 1.14 -10.18 24.96
C THR A 290 0.59 -8.90 24.36
N LYS A 291 1.33 -8.32 23.41
CA LYS A 291 0.84 -7.16 22.68
C LYS A 291 0.75 -7.48 21.20
N CYS A 292 1.29 -8.65 20.84
CA CYS A 292 1.23 -9.11 19.46
C CYS A 292 0.99 -10.62 19.44
N GLN A 293 -0.18 -11.01 18.98
CA GLN A 293 -0.55 -12.41 18.88
C GLN A 293 -0.50 -12.91 17.44
N THR A 294 0.04 -14.11 17.26
CA THR A 294 0.06 -14.77 15.96
C THR A 294 -0.58 -16.14 16.14
N PRO A 295 -1.04 -16.77 15.04
CA PRO A 295 -1.66 -18.09 15.17
C PRO A 295 -0.71 -19.16 15.73
N LEU A 296 0.58 -18.87 15.73
CA LEU A 296 1.58 -19.81 16.21
C LEU A 296 1.98 -19.58 17.67
N GLY A 297 1.72 -18.37 18.15
CA GLY A 297 2.17 -17.98 19.49
C GLY A 297 2.33 -16.47 19.54
N ALA A 298 2.64 -15.96 20.73
CA ALA A 298 2.75 -14.52 20.93
C ALA A 298 4.17 -14.02 20.74
N ILE A 299 4.29 -12.78 20.26
CA ILE A 299 5.57 -12.12 20.09
C ILE A 299 5.80 -11.11 21.21
N ASN A 300 6.98 -11.16 21.80
CA ASN A 300 7.40 -10.14 22.75
C ASN A 300 8.73 -9.62 22.26
N THR A 301 8.70 -8.46 21.60
CA THR A 301 9.87 -7.96 20.93
C THR A 301 9.84 -6.44 20.75
N THR A 302 11.04 -5.85 20.65
CA THR A 302 11.18 -4.45 20.34
C THR A 302 11.60 -4.27 18.87
N LEU A 303 12.03 -5.36 18.25
CA LEU A 303 12.56 -5.35 16.90
C LEU A 303 11.53 -4.88 15.88
N PRO A 304 11.98 -4.30 14.77
CA PRO A 304 11.06 -3.71 13.79
C PRO A 304 10.51 -4.73 12.80
N PHE A 305 11.10 -5.92 12.73
CA PHE A 305 10.66 -6.90 11.74
C PHE A 305 10.50 -8.28 12.36
N HIS A 306 9.61 -9.08 11.78
CA HIS A 306 9.48 -10.47 12.17
C HIS A 306 9.09 -11.28 10.93
N ASN A 307 9.32 -12.58 10.97
CA ASN A 307 8.94 -13.46 9.87
C ASN A 307 8.13 -14.67 10.32
N ILE A 308 7.43 -14.51 11.44
CA ILE A 308 6.71 -15.61 12.05
C ILE A 308 5.44 -16.04 11.33
N HIS A 309 4.55 -15.09 11.08
CA HIS A 309 3.25 -15.38 10.46
C HIS A 309 2.62 -14.07 10.02
N PRO A 310 2.01 -14.05 8.83
CA PRO A 310 1.42 -12.81 8.33
C PRO A 310 0.18 -12.39 9.15
N LEU A 311 -0.62 -13.36 9.57
CA LEU A 311 -1.92 -13.07 10.18
C LEU A 311 -1.83 -12.77 11.68
N THR A 312 -1.37 -11.57 12.01
CA THR A 312 -1.20 -11.18 13.39
C THR A 312 -2.31 -10.27 13.90
N ILE A 313 -2.37 -10.12 15.22
CA ILE A 313 -3.29 -9.19 15.86
C ILE A 313 -2.59 -8.50 17.01
N GLY A 314 -2.63 -7.17 17.01
CA GLY A 314 -2.02 -6.38 18.06
C GLY A 314 -1.10 -5.35 17.45
N GLU A 315 -0.29 -4.70 18.29
CA GLU A 315 0.73 -3.78 17.82
C GLU A 315 1.99 -4.57 17.49
N CYS A 316 2.16 -4.89 16.21
CA CYS A 316 3.17 -5.86 15.80
C CYS A 316 4.31 -5.25 14.97
N PRO A 317 5.46 -5.93 14.94
CA PRO A 317 6.55 -5.53 14.02
C PRO A 317 6.09 -5.80 12.60
N LYS A 318 6.78 -5.25 11.61
CA LYS A 318 6.41 -5.49 10.22
C LYS A 318 6.85 -6.88 9.78
N TYR A 319 5.91 -7.63 9.23
CA TYR A 319 6.20 -8.95 8.69
C TYR A 319 6.98 -8.83 7.38
N VAL A 320 8.03 -9.64 7.24
CA VAL A 320 8.84 -9.62 6.02
C VAL A 320 9.10 -11.04 5.53
N LYS A 321 9.57 -11.18 4.29
CA LYS A 321 9.87 -12.50 3.76
C LYS A 321 11.20 -13.10 4.25
N SER A 322 12.18 -12.25 4.50
CA SER A 322 13.53 -12.70 4.87
C SER A 322 13.64 -13.67 6.04
N ASP A 323 14.68 -14.49 6.02
CA ASP A 323 14.99 -15.39 7.12
C ASP A 323 16.00 -14.75 8.07
N ARG A 324 16.56 -13.63 7.65
CA ARG A 324 17.76 -13.10 8.31
C ARG A 324 17.95 -11.61 8.05
N LEU A 325 18.00 -10.83 9.12
CA LEU A 325 18.30 -9.39 9.01
C LEU A 325 19.29 -9.02 10.10
N VAL A 326 20.58 -9.15 9.81
CA VAL A 326 21.59 -8.92 10.82
C VAL A 326 22.39 -7.68 10.54
N LEU A 327 22.41 -6.76 11.49
CA LEU A 327 23.23 -5.54 11.41
C LEU A 327 24.61 -5.77 12.02
N ALA A 328 25.65 -5.30 11.35
CA ALA A 328 26.97 -5.28 11.95
C ALA A 328 26.99 -4.22 13.05
N THR A 329 27.61 -4.53 14.18
CA THR A 329 27.85 -3.52 15.21
C THR A 329 29.35 -3.35 15.42
N GLY A 330 30.04 -4.48 15.57
CA GLY A 330 31.49 -4.47 15.65
C GLY A 330 32.14 -4.28 14.30
N LEU A 331 33.45 -4.51 14.25
CA LEU A 331 34.21 -4.35 13.02
C LEU A 331 34.45 -5.69 12.35
N ARG A 332 35.01 -5.64 11.14
CA ARG A 332 35.37 -6.86 10.44
C ARG A 332 36.35 -7.66 11.28
N ASN A 333 36.01 -8.91 11.54
CA ASN A 333 36.86 -9.76 12.37
C ASN A 333 37.99 -10.36 11.55
N VAL A 334 39.19 -9.84 11.76
CA VAL A 334 40.36 -10.39 11.09
C VAL A 334 41.36 -11.00 12.10
N PRO A 335 41.07 -12.21 12.57
CA PRO A 335 42.04 -12.86 13.47
C PRO A 335 43.40 -13.05 12.78
N GLN A 336 44.47 -13.04 13.57
CA GLN A 336 45.81 -13.10 13.01
C GLN A 336 46.63 -14.24 13.60
N GLY A 341 38.36 -1.72 3.33
CA GLY A 341 37.30 -0.74 3.38
C GLY A 341 37.70 0.57 2.72
N LEU A 342 36.79 1.54 2.80
CA LEU A 342 37.00 2.85 2.22
C LEU A 342 38.27 3.57 2.68
N PHE A 343 38.77 3.26 3.87
CA PHE A 343 39.84 4.07 4.42
C PHE A 343 41.22 3.42 4.44
N GLY A 344 41.30 2.17 3.98
CA GLY A 344 42.59 1.54 3.72
C GLY A 344 43.31 0.96 4.93
N ALA A 345 42.75 1.21 6.12
CA ALA A 345 43.38 0.76 7.36
C ALA A 345 43.00 -0.68 7.70
N ILE A 346 41.75 -0.90 8.13
CA ILE A 346 41.33 -2.22 8.58
C ILE A 346 41.47 -3.25 7.45
N ALA A 347 42.08 -4.38 7.77
CA ALA A 347 42.45 -5.39 6.76
C ALA A 347 43.10 -4.73 5.56
N GLY A 348 43.91 -3.71 5.81
CA GLY A 348 44.54 -2.92 4.78
C GLY A 348 46.02 -2.77 5.05
N PHE A 349 46.47 -1.55 5.33
CA PHE A 349 47.89 -1.39 5.65
C PHE A 349 48.18 -1.86 7.07
N ILE A 350 47.13 -1.97 7.88
CA ILE A 350 47.19 -2.68 9.15
C ILE A 350 46.49 -4.01 8.91
N GLU A 351 47.25 -4.98 8.43
CA GLU A 351 46.66 -6.16 7.77
C GLU A 351 45.81 -7.09 8.63
N GLY A 352 46.02 -7.09 9.94
CA GLY A 352 45.28 -7.97 10.82
C GLY A 352 44.84 -7.34 12.12
N GLY A 353 43.87 -7.97 12.77
CA GLY A 353 43.40 -7.51 14.07
C GLY A 353 44.14 -8.18 15.21
N TRP A 354 44.04 -7.60 16.40
CA TRP A 354 44.71 -8.15 17.57
C TRP A 354 43.74 -8.94 18.44
N GLN A 355 43.85 -10.26 18.37
CA GLN A 355 43.10 -11.14 19.24
C GLN A 355 43.35 -10.77 20.70
N GLY A 356 44.47 -10.08 20.94
CA GLY A 356 44.91 -9.77 22.28
C GLY A 356 44.55 -8.41 22.85
N MET A 357 43.61 -7.70 22.22
CA MET A 357 43.08 -6.47 22.80
C MET A 357 41.62 -6.64 23.18
N VAL A 358 41.38 -6.80 24.47
CA VAL A 358 40.05 -7.15 24.98
C VAL A 358 39.30 -5.96 25.56
N ASP A 359 39.97 -4.82 25.68
CA ASP A 359 39.40 -3.70 26.42
C ASP A 359 38.90 -2.54 25.56
N GLY A 360 38.68 -2.79 24.28
CA GLY A 360 38.18 -1.76 23.38
C GLY A 360 38.19 -2.23 21.95
N TRP A 361 37.73 -1.38 21.02
CA TRP A 361 37.73 -1.75 19.60
C TRP A 361 39.05 -1.38 18.92
N TYR A 362 39.67 -0.30 19.40
CA TYR A 362 40.90 0.21 18.80
C TYR A 362 41.89 0.60 19.88
N GLY A 363 43.17 0.48 19.58
CA GLY A 363 44.19 0.84 20.56
C GLY A 363 45.62 0.73 20.10
N TYR A 364 46.52 0.55 21.06
CA TYR A 364 47.95 0.55 20.76
C TYR A 364 48.63 -0.69 21.29
N HIS A 365 49.70 -1.10 20.62
CA HIS A 365 50.65 -2.03 21.19
C HIS A 365 52.01 -1.34 21.21
N HIS A 366 52.66 -1.32 22.37
CA HIS A 366 53.93 -0.62 22.51
C HIS A 366 55.06 -1.55 22.93
N SER A 367 56.27 -1.28 22.44
CA SER A 367 57.45 -2.03 22.82
C SER A 367 58.56 -1.11 23.29
N ASN A 368 58.99 -1.29 24.53
CA ASN A 368 60.14 -0.57 25.06
C ASN A 368 60.90 -1.41 26.10
N ASP A 369 61.93 -0.81 26.69
CA ASP A 369 62.74 -1.49 27.69
C ASP A 369 61.90 -2.01 28.86
N GLN A 370 60.73 -1.41 29.05
CA GLN A 370 59.88 -1.76 30.19
C GLN A 370 58.95 -2.91 29.88
N GLY A 371 58.67 -3.13 28.59
CA GLY A 371 57.84 -4.25 28.18
C GLY A 371 56.92 -3.99 27.00
N SER A 372 55.68 -4.49 27.12
CA SER A 372 54.68 -4.41 26.06
C SER A 372 53.41 -5.10 26.55
N GLY A 373 52.24 -4.65 26.10
CA GLY A 373 52.14 -3.52 25.19
C GLY A 373 50.72 -3.10 24.82
N TYR A 374 49.74 -3.99 25.06
CA TYR A 374 48.35 -3.75 24.64
C TYR A 374 47.58 -2.71 25.47
N ALA A 375 47.00 -1.72 24.79
CA ALA A 375 46.24 -0.66 25.44
C ALA A 375 45.16 -0.08 24.52
N ALA A 376 43.91 -0.21 24.94
CA ALA A 376 42.80 0.28 24.13
C ALA A 376 42.66 1.79 24.26
N ASP A 377 42.33 2.47 23.16
CA ASP A 377 41.98 3.88 23.21
C ASP A 377 40.52 4.00 23.66
N LYS A 378 40.32 4.43 24.90
CA LYS A 378 38.98 4.48 25.48
C LYS A 378 38.06 5.43 24.76
N GLU A 379 38.56 6.62 24.43
CA GLU A 379 37.74 7.65 23.81
C GLU A 379 37.19 7.24 22.45
N SER A 380 38.08 6.87 21.53
CA SER A 380 37.67 6.49 20.18
C SER A 380 36.71 5.30 20.23
N THR A 381 36.99 4.36 21.13
CA THR A 381 36.11 3.23 21.37
C THR A 381 34.74 3.70 21.90
N GLN A 382 34.75 4.62 22.85
CA GLN A 382 33.52 5.15 23.42
C GLN A 382 32.67 5.86 22.38
N LYS A 383 33.32 6.64 21.53
CA LYS A 383 32.64 7.34 20.45
C LYS A 383 32.01 6.34 19.47
N ALA A 384 32.70 5.24 19.21
CA ALA A 384 32.18 4.24 18.27
C ALA A 384 30.95 3.55 18.85
N PHE A 385 31.04 3.15 20.10
CA PHE A 385 29.92 2.55 20.82
C PHE A 385 28.70 3.47 20.82
N ASP A 386 28.91 4.76 21.10
CA ASP A 386 27.82 5.72 21.04
C ASP A 386 27.22 5.76 19.63
N GLY A 387 28.09 5.89 18.64
CA GLY A 387 27.68 5.96 17.25
C GLY A 387 26.79 4.81 16.88
N ILE A 388 27.30 3.59 17.04
CA ILE A 388 26.57 2.38 16.67
C ILE A 388 25.30 2.17 17.50
N THR A 389 25.37 2.56 18.77
CA THR A 389 24.18 2.52 19.63
C THR A 389 23.07 3.35 19.03
N ASN A 390 23.42 4.53 18.53
CA ASN A 390 22.43 5.36 17.84
C ASN A 390 21.95 4.76 16.55
N LYS A 391 22.85 4.12 15.81
CA LYS A 391 22.47 3.51 14.55
C LYS A 391 21.38 2.48 14.82
N VAL A 392 21.70 1.49 15.65
CA VAL A 392 20.76 0.43 15.99
C VAL A 392 19.44 1.00 16.52
N ASN A 393 19.53 1.95 17.45
CA ASN A 393 18.33 2.60 17.97
C ASN A 393 17.51 3.34 16.90
N SER A 394 18.19 3.98 15.95
CA SER A 394 17.51 4.65 14.83
C SER A 394 16.62 3.68 14.07
N VAL A 395 17.20 2.55 13.67
CA VAL A 395 16.52 1.57 12.84
C VAL A 395 15.34 0.93 13.57
N ILE A 396 15.45 0.81 14.88
CA ILE A 396 14.42 0.15 15.65
C ILE A 396 13.34 1.14 16.09
N GLU A 397 13.76 2.22 16.73
CA GLU A 397 12.84 3.17 17.35
C GLU A 397 11.99 3.97 16.37
N LYS A 398 12.50 4.23 15.18
CA LYS A 398 11.75 5.01 14.19
C LYS A 398 10.61 4.20 13.56
N MET A 399 10.53 2.91 13.84
CA MET A 399 9.43 2.13 13.31
C MET A 399 8.11 2.52 13.98
N ASN A 400 7.16 2.98 13.18
CA ASN A 400 5.85 3.35 13.68
C ASN A 400 4.98 2.11 13.85
N THR A 401 4.35 1.96 15.00
CA THR A 401 3.47 0.81 15.22
C THR A 401 2.11 1.16 15.83
N GLN A 402 1.06 0.65 15.19
CA GLN A 402 -0.31 0.84 15.67
C GLN A 402 -1.07 -0.48 15.60
N PHE A 403 -2.10 -0.60 16.44
CA PHE A 403 -2.86 -1.84 16.52
C PHE A 403 -3.47 -2.22 15.19
N GLU A 404 -3.26 -3.47 14.78
CA GLU A 404 -3.86 -3.99 13.55
C GLU A 404 -4.29 -5.45 13.71
N ALA A 405 -5.36 -5.83 13.03
CA ALA A 405 -5.74 -7.23 12.89
C ALA A 405 -5.61 -7.61 11.42
N VAL A 406 -4.58 -8.37 11.07
CA VAL A 406 -4.26 -8.61 9.66
C VAL A 406 -5.25 -9.50 8.89
N GLY A 407 -5.80 -10.53 9.54
CA GLY A 407 -6.70 -11.46 8.85
C GLY A 407 -8.14 -10.98 8.67
N LYS A 408 -8.75 -11.29 7.52
CA LYS A 408 -10.13 -10.87 7.26
C LYS A 408 -11.06 -12.00 6.79
N GLU A 409 -12.36 -11.78 6.95
CA GLU A 409 -13.39 -12.71 6.46
C GLU A 409 -14.09 -12.14 5.23
N PHE A 410 -14.11 -12.91 4.15
CA PHE A 410 -14.88 -12.59 2.94
C PHE A 410 -15.70 -13.80 2.53
N SER A 411 -16.92 -13.59 2.03
CA SER A 411 -17.71 -14.73 1.54
C SER A 411 -17.26 -15.12 0.13
N ASN A 412 -17.92 -16.13 -0.44
CA ASN A 412 -17.48 -16.65 -1.72
C ASN A 412 -18.03 -15.90 -2.92
N LEU A 413 -18.86 -14.90 -2.67
CA LEU A 413 -19.18 -13.91 -3.69
C LEU A 413 -18.46 -12.58 -3.43
N GLU A 414 -17.30 -12.67 -2.78
CA GLU A 414 -16.46 -11.49 -2.53
C GLU A 414 -15.01 -11.81 -2.88
N ARG A 415 -14.82 -12.65 -3.89
CA ARG A 415 -13.47 -13.05 -4.28
C ARG A 415 -12.67 -11.84 -4.77
N ARG A 416 -13.35 -10.90 -5.43
CA ARG A 416 -12.67 -9.70 -5.91
C ARG A 416 -12.14 -8.88 -4.74
N LEU A 417 -13.00 -8.67 -3.75
CA LEU A 417 -12.64 -7.95 -2.54
C LEU A 417 -11.52 -8.66 -1.77
N GLU A 418 -11.67 -9.97 -1.61
CA GLU A 418 -10.64 -10.82 -1.01
C GLU A 418 -9.31 -10.65 -1.74
N ASN A 419 -9.37 -10.68 -3.08
CA ASN A 419 -8.19 -10.51 -3.90
C ASN A 419 -7.56 -9.13 -3.77
N LEU A 420 -8.39 -8.10 -3.62
CA LEU A 420 -7.88 -6.75 -3.41
C LEU A 420 -7.11 -6.68 -2.10
N ASN A 421 -7.68 -7.28 -1.06
CA ASN A 421 -7.03 -7.33 0.25
C ASN A 421 -5.74 -8.10 0.18
N LYS A 422 -5.71 -9.14 -0.65
CA LYS A 422 -4.50 -9.94 -0.77
C LYS A 422 -3.41 -9.18 -1.51
N LYS A 423 -3.78 -8.48 -2.58
CA LYS A 423 -2.78 -7.73 -3.32
C LYS A 423 -2.17 -6.67 -2.41
N MET A 424 -3.01 -6.05 -1.58
CA MET A 424 -2.55 -5.00 -0.68
C MET A 424 -1.52 -5.52 0.32
N GLU A 425 -1.83 -6.63 0.97
CA GLU A 425 -0.92 -7.25 1.92
C GLU A 425 0.37 -7.73 1.26
N ASP A 426 0.26 -8.22 0.03
CA ASP A 426 1.42 -8.62 -0.77
C ASP A 426 2.29 -7.44 -1.19
N GLY A 427 1.64 -6.32 -1.54
CA GLY A 427 2.37 -5.11 -1.90
C GLY A 427 3.18 -4.59 -0.73
N PHE A 428 2.58 -4.52 0.45
CA PHE A 428 3.30 -4.12 1.63
C PHE A 428 4.43 -5.09 1.98
N LEU A 429 4.17 -6.38 1.81
CA LEU A 429 5.20 -7.38 2.08
C LEU A 429 6.41 -7.10 1.21
N ASP A 430 6.18 -6.86 -0.07
CA ASP A 430 7.25 -6.54 -1.01
C ASP A 430 8.02 -5.28 -0.66
N VAL A 431 7.30 -4.20 -0.31
CA VAL A 431 7.92 -2.94 0.04
C VAL A 431 8.81 -3.09 1.27
N TRP A 432 8.28 -3.71 2.34
CA TRP A 432 9.03 -3.89 3.56
C TRP A 432 10.22 -4.85 3.40
N THR A 433 10.00 -5.99 2.77
CA THR A 433 11.09 -6.92 2.56
C THR A 433 12.22 -6.26 1.76
N TYR A 434 11.87 -5.60 0.66
CA TYR A 434 12.89 -4.99 -0.18
C TYR A 434 13.69 -3.94 0.60
N ASN A 435 12.98 -3.04 1.26
CA ASN A 435 13.60 -1.95 2.02
C ASN A 435 14.40 -2.42 3.23
N ALA A 436 13.90 -3.44 3.92
CA ALA A 436 14.59 -3.92 5.10
C ALA A 436 15.91 -4.60 4.71
N GLU A 437 15.88 -5.41 3.65
CA GLU A 437 17.08 -6.04 3.13
C GLU A 437 18.13 -5.00 2.73
N LEU A 438 17.74 -4.03 1.89
CA LEU A 438 18.68 -3.04 1.38
C LEU A 438 19.20 -2.13 2.49
N LEU A 439 18.32 -1.78 3.41
CA LEU A 439 18.71 -0.99 4.57
C LEU A 439 19.87 -1.66 5.32
N VAL A 440 19.70 -2.94 5.65
CA VAL A 440 20.74 -3.71 6.32
C VAL A 440 22.02 -3.78 5.50
N LEU A 441 21.89 -4.03 4.20
CA LEU A 441 23.06 -4.04 3.31
C LEU A 441 23.82 -2.71 3.30
N MET A 442 23.10 -1.60 3.18
CA MET A 442 23.72 -0.27 3.11
C MET A 442 24.37 0.10 4.43
N GLU A 443 23.62 -0.03 5.52
CA GLU A 443 24.13 0.30 6.84
C GLU A 443 25.33 -0.57 7.24
N ASN A 444 25.29 -1.85 6.87
CA ASN A 444 26.42 -2.74 7.14
C ASN A 444 27.69 -2.25 6.44
N GLU A 445 27.56 -1.85 5.18
CA GLU A 445 28.68 -1.30 4.45
C GLU A 445 29.25 -0.12 5.20
N ARG A 446 28.40 0.87 5.46
CA ARG A 446 28.82 2.09 6.14
C ARG A 446 29.40 1.85 7.53
N THR A 447 28.85 0.88 8.25
CA THR A 447 29.38 0.51 9.55
C THR A 447 30.82 0.01 9.48
N LEU A 448 31.11 -0.87 8.53
CA LEU A 448 32.48 -1.34 8.36
C LEU A 448 33.42 -0.17 8.10
N ASP A 449 33.00 0.75 7.23
CA ASP A 449 33.77 1.92 6.89
C ASP A 449 33.93 2.89 8.07
N PHE A 450 32.90 2.95 8.90
CA PHE A 450 32.94 3.78 10.10
C PHE A 450 34.11 3.32 10.98
N HIS A 451 34.22 2.02 11.18
CA HIS A 451 35.30 1.46 11.98
C HIS A 451 36.63 1.73 11.30
N ASP A 452 36.69 1.50 9.99
CA ASP A 452 37.87 1.79 9.20
C ASP A 452 38.30 3.22 9.48
N SER A 453 37.39 4.16 9.27
CA SER A 453 37.69 5.58 9.47
C SER A 453 38.23 5.85 10.88
N ASN A 454 37.56 5.29 11.87
CA ASN A 454 37.97 5.49 13.27
C ASN A 454 39.42 5.06 13.47
N VAL A 455 39.80 3.96 12.86
CA VAL A 455 41.17 3.45 13.00
C VAL A 455 42.17 4.36 12.29
N LYS A 456 41.83 4.78 11.08
CA LYS A 456 42.68 5.67 10.30
C LYS A 456 42.92 6.99 11.05
N ASN A 457 41.87 7.54 11.65
CA ASN A 457 42.01 8.78 12.42
C ASN A 457 42.89 8.59 13.65
N LEU A 458 42.79 7.43 14.29
CA LEU A 458 43.62 7.13 15.44
C LEU A 458 45.07 7.09 14.99
N TYR A 459 45.30 6.39 13.88
CA TYR A 459 46.63 6.30 13.29
C TYR A 459 47.19 7.68 12.95
N ASP A 460 46.33 8.57 12.50
CA ASP A 460 46.73 9.93 12.15
C ASP A 460 47.01 10.84 13.35
N LYS A 461 46.28 10.64 14.44
CA LYS A 461 46.59 11.36 15.68
C LYS A 461 48.03 11.11 16.10
N VAL A 462 48.44 9.84 16.04
CA VAL A 462 49.78 9.44 16.44
C VAL A 462 50.84 9.99 15.49
N ARG A 463 50.60 9.85 14.19
CA ARG A 463 51.51 10.40 13.19
C ARG A 463 51.78 11.89 13.39
N MET A 464 50.73 12.72 13.37
CA MET A 464 50.89 14.16 13.44
C MET A 464 51.55 14.66 14.73
N GLN A 465 51.48 13.85 15.78
CA GLN A 465 52.20 14.13 17.02
C GLN A 465 53.70 13.83 16.88
N LEU A 466 54.01 12.63 16.38
CA LEU A 466 55.39 12.21 16.28
C LEU A 466 56.17 12.97 15.20
N ARG A 467 55.57 13.09 14.02
CA ARG A 467 56.26 13.64 12.86
C ARG A 467 57.64 13.00 12.71
N ASP A 468 58.68 13.81 12.65
CA ASP A 468 60.02 13.30 12.34
C ASP A 468 60.76 12.62 13.50
N ASN A 469 60.19 12.66 14.70
CA ASN A 469 60.78 11.95 15.83
C ASN A 469 60.59 10.44 15.77
N VAL A 470 59.93 9.96 14.72
CA VAL A 470 59.77 8.51 14.48
C VAL A 470 59.64 8.19 13.00
N LYS A 471 59.92 6.94 12.64
CA LYS A 471 59.82 6.52 11.26
C LYS A 471 58.50 5.79 11.07
N GLU A 472 57.83 6.05 9.94
CA GLU A 472 56.62 5.28 9.61
C GLU A 472 57.00 3.89 9.09
N LEU A 473 56.95 2.92 10.00
CA LEU A 473 57.45 1.58 9.75
C LEU A 473 56.56 0.80 8.80
N GLY A 474 55.43 1.39 8.43
CA GLY A 474 54.39 0.68 7.72
C GLY A 474 53.55 -0.13 8.70
N ASN A 475 52.60 -0.89 8.18
CA ASN A 475 51.70 -1.70 8.99
C ASN A 475 51.22 -1.09 10.31
N GLY A 476 51.12 0.23 10.35
CA GLY A 476 50.56 0.92 11.49
C GLY A 476 51.47 1.05 12.69
N CYS A 477 52.77 0.80 12.49
CA CYS A 477 53.75 0.92 13.57
C CYS A 477 54.61 2.17 13.44
N PHE A 478 55.01 2.72 14.58
CA PHE A 478 55.94 3.84 14.58
C PHE A 478 57.22 3.46 15.30
N GLU A 479 58.35 3.64 14.63
CA GLU A 479 59.66 3.35 15.20
C GLU A 479 60.27 4.61 15.78
N PHE A 480 60.51 4.60 17.09
CA PHE A 480 60.99 5.79 17.79
C PHE A 480 62.46 6.09 17.55
N TYR A 481 62.77 7.36 17.34
CA TYR A 481 64.13 7.81 17.20
C TYR A 481 64.71 8.19 18.55
N HIS A 482 63.94 7.93 19.61
CA HIS A 482 64.38 8.23 20.97
C HIS A 482 63.86 7.18 21.94
N LYS A 483 64.28 7.28 23.19
CA LYS A 483 63.82 6.35 24.21
C LYS A 483 62.44 6.73 24.74
N CYS A 484 61.45 5.92 24.42
CA CYS A 484 60.09 6.18 24.86
C CYS A 484 59.72 5.26 26.02
N ASP A 485 59.82 5.77 27.24
CA ASP A 485 59.43 4.99 28.40
C ASP A 485 57.90 4.90 28.51
N ASP A 486 57.42 4.21 29.53
CA ASP A 486 55.99 4.02 29.72
C ASP A 486 55.22 5.34 29.77
N GLU A 487 55.74 6.30 30.53
CA GLU A 487 55.08 7.59 30.64
C GLU A 487 55.01 8.27 29.28
N CYS A 488 56.08 8.10 28.51
CA CYS A 488 56.15 8.64 27.16
C CYS A 488 55.07 8.01 26.26
N MET A 489 54.96 6.70 26.32
CA MET A 489 53.97 5.97 25.54
C MET A 489 52.56 6.45 25.89
N ASN A 490 52.32 6.69 27.17
CA ASN A 490 51.02 7.19 27.61
C ASN A 490 50.72 8.58 27.06
N SER A 491 51.75 9.42 26.97
CA SER A 491 51.58 10.78 26.45
C SER A 491 51.17 10.73 24.98
N VAL A 492 51.63 9.71 24.27
CA VAL A 492 51.25 9.50 22.89
C VAL A 492 49.80 9.02 22.84
N LYS A 493 49.50 8.01 23.66
CA LYS A 493 48.17 7.44 23.70
C LYS A 493 47.10 8.46 24.10
N ASN A 494 47.52 9.53 24.78
CA ASN A 494 46.55 10.55 25.19
C ASN A 494 46.70 11.91 24.49
N GLY A 495 47.45 11.93 23.40
CA GLY A 495 47.54 13.11 22.55
C GLY A 495 48.20 14.32 23.17
N THR A 496 49.11 14.10 24.11
CA THR A 496 49.86 15.18 24.76
C THR A 496 51.36 14.93 24.71
N TYR A 497 51.79 14.17 23.71
CA TYR A 497 53.19 13.82 23.51
C TYR A 497 54.06 15.07 23.31
N ASP A 498 55.24 15.06 23.94
CA ASP A 498 56.12 16.23 23.95
C ASP A 498 57.21 16.13 22.89
N TYR A 499 56.92 16.67 21.70
CA TYR A 499 57.85 16.60 20.58
C TYR A 499 59.16 17.39 20.79
N PRO A 500 59.04 18.65 21.24
CA PRO A 500 60.26 19.44 21.49
C PRO A 500 61.21 18.77 22.47
N LYS A 501 60.68 18.09 23.47
CA LYS A 501 61.49 17.40 24.47
C LYS A 501 62.42 16.34 23.85
N TYR A 502 61.94 15.66 22.81
CA TYR A 502 62.71 14.58 22.20
C TYR A 502 63.44 14.97 20.92
N GLU A 503 63.36 16.23 20.53
CA GLU A 503 64.30 16.76 19.57
C GLU A 503 65.67 16.69 20.24
N GLU A 504 66.73 16.54 19.44
CA GLU A 504 68.02 16.14 19.99
C GLU A 504 67.84 14.71 20.48
N GLU A 505 68.45 13.78 19.75
CA GLU A 505 68.13 12.35 19.85
C GLU A 505 67.02 12.07 18.86
N SER A 506 67.27 12.41 17.58
CA SER A 506 66.30 12.22 16.52
C SER A 506 67.04 11.80 15.25
N LYS A 507 66.91 10.54 14.85
CA LYS A 507 67.70 9.95 13.78
C LYS A 507 69.14 9.93 14.29
N ALA A 508 69.83 11.04 14.07
CA ALA A 508 70.99 11.39 14.86
C ALA A 508 70.66 12.73 15.49
N ALA A 509 70.16 13.64 14.65
CA ALA A 509 69.71 14.96 15.08
C ALA A 509 68.51 14.87 16.02
N ASP B 16 55.62 33.57 8.03
CA ASP B 16 54.76 33.40 6.88
C ASP B 16 53.99 32.09 6.97
N GLN B 17 52.66 32.19 6.98
CA GLN B 17 51.87 30.98 7.01
C GLN B 17 50.50 31.11 6.36
N ILE B 18 49.93 29.98 6.00
CA ILE B 18 48.59 29.91 5.44
C ILE B 18 47.83 28.78 6.14
N CYS B 19 46.57 29.04 6.48
CA CYS B 19 45.78 28.07 7.24
C CYS B 19 44.47 27.74 6.52
N ILE B 20 44.12 26.45 6.50
CA ILE B 20 42.84 26.00 5.94
C ILE B 20 41.76 26.06 7.03
N GLY B 21 40.55 26.41 6.65
CA GLY B 21 39.49 26.57 7.63
C GLY B 21 38.09 26.47 7.08
N TYR B 22 37.10 26.56 7.97
CA TYR B 22 35.70 26.38 7.60
C TYR B 22 34.77 27.28 8.37
N HIS B 23 33.67 27.64 7.72
CA HIS B 23 32.70 28.56 8.26
C HIS B 23 32.12 28.11 9.60
N ALA B 24 31.93 29.09 10.49
CA ALA B 24 31.13 28.91 11.70
C ALA B 24 30.19 30.11 11.80
N ASN B 25 29.18 30.01 12.65
CA ASN B 25 28.26 31.14 12.81
C ASN B 25 27.45 31.12 14.11
N ASN B 26 26.31 31.81 14.10
CA ASN B 26 25.48 31.93 15.29
C ASN B 26 24.48 30.80 15.48
N SER B 27 24.32 29.95 14.46
CA SER B 27 23.21 29.00 14.46
C SER B 27 23.16 28.05 15.66
N THR B 28 21.95 27.80 16.15
CA THR B 28 21.72 26.78 17.17
C THR B 28 20.81 25.70 16.59
N GLU B 29 20.55 25.79 15.29
CA GLU B 29 19.75 24.82 14.57
C GLU B 29 20.32 23.43 14.77
N LYS B 30 19.47 22.48 15.17
CA LYS B 30 19.92 21.11 15.43
C LYS B 30 19.35 20.10 14.45
N VAL B 31 20.17 19.11 14.09
CA VAL B 31 19.69 17.97 13.30
C VAL B 31 20.10 16.65 13.97
N ASP B 32 19.48 15.56 13.53
CA ASP B 32 19.87 14.22 13.95
C ASP B 32 20.50 13.49 12.77
N THR B 33 21.48 12.64 13.04
CA THR B 33 22.02 11.76 12.03
C THR B 33 21.90 10.33 12.52
N ILE B 34 22.23 9.37 11.66
CA ILE B 34 22.17 7.96 12.03
C ILE B 34 23.06 7.69 13.23
N LEU B 35 24.19 8.40 13.33
CA LEU B 35 25.15 8.14 14.40
C LEU B 35 25.04 9.05 15.61
N GLU B 36 24.37 10.19 15.44
CA GLU B 36 24.40 11.25 16.45
C GLU B 36 23.06 11.93 16.57
N ARG B 37 22.75 12.42 17.76
CA ARG B 37 21.54 13.22 17.97
C ARG B 37 21.89 14.68 18.26
N ASN B 38 21.03 15.59 17.82
CA ASN B 38 21.16 17.01 18.15
C ASN B 38 22.51 17.63 17.81
N VAL B 39 22.96 17.39 16.60
CA VAL B 39 24.16 18.03 16.11
C VAL B 39 23.80 19.46 15.70
N THR B 40 24.55 20.42 16.20
CA THR B 40 24.36 21.80 15.79
C THR B 40 25.03 22.08 14.45
N VAL B 41 24.28 22.62 13.51
CA VAL B 41 24.77 22.93 12.18
C VAL B 41 24.57 24.40 11.82
N THR B 42 25.40 24.92 10.93
CA THR B 42 25.35 26.32 10.55
C THR B 42 24.07 26.68 9.80
N HIS B 43 23.54 25.74 9.03
CA HIS B 43 22.32 25.93 8.26
C HIS B 43 21.59 24.61 8.09
N ALA B 44 20.28 24.70 7.85
CA ALA B 44 19.44 23.50 7.76
C ALA B 44 18.13 23.84 7.05
N LYS B 45 17.48 22.83 6.50
CA LYS B 45 16.21 23.03 5.82
C LYS B 45 15.19 21.99 6.23
N ASP B 46 14.07 22.47 6.74
CA ASP B 46 12.97 21.62 7.15
C ASP B 46 12.24 21.16 5.90
N ILE B 47 12.04 19.85 5.76
CA ILE B 47 11.31 19.34 4.60
C ILE B 47 9.93 18.80 4.98
N LEU B 48 9.50 19.11 6.19
CA LEU B 48 8.15 18.77 6.64
C LEU B 48 7.26 20.01 6.67
N GLU B 49 6.19 20.00 5.87
CA GLU B 49 5.25 21.11 5.88
C GLU B 49 4.33 21.00 7.11
N LYS B 50 4.33 22.04 7.94
CA LYS B 50 3.62 22.00 9.21
C LYS B 50 2.55 23.08 9.35
N THR B 51 2.43 23.95 8.35
CA THR B 51 1.53 25.08 8.45
C THR B 51 0.51 25.15 7.31
N HIS B 52 -0.63 25.74 7.62
CA HIS B 52 -1.72 25.94 6.67
C HIS B 52 -2.30 27.32 6.87
N ASN B 53 -3.19 27.74 5.98
CA ASN B 53 -3.70 29.12 5.98
C ASN B 53 -5.03 29.29 6.70
N GLY B 54 -5.54 28.20 7.28
CA GLY B 54 -6.77 28.24 8.05
C GLY B 54 -8.02 28.53 7.25
N LYS B 55 -7.92 28.47 5.92
CA LYS B 55 -9.05 28.78 5.06
C LYS B 55 -9.54 27.58 4.27
N LEU B 56 -10.82 27.58 3.93
CA LEU B 56 -11.34 26.66 2.94
C LEU B 56 -11.12 27.35 1.59
N CYS B 57 -10.59 26.62 0.61
CA CYS B 57 -10.20 27.26 -0.64
C CYS B 57 -10.76 26.59 -1.89
N ARG B 58 -10.61 27.29 -3.01
CA ARG B 58 -10.93 26.71 -4.31
C ARG B 58 -9.82 25.75 -4.68
N LEU B 59 -10.19 24.66 -5.32
CA LEU B 59 -9.22 23.63 -5.68
C LEU B 59 -8.86 23.77 -7.15
N SER B 60 -7.67 24.29 -7.42
CA SER B 60 -7.22 24.51 -8.79
C SER B 60 -8.26 25.28 -9.62
N GLY B 61 -8.65 26.45 -9.13
CA GLY B 61 -9.57 27.32 -9.85
C GLY B 61 -11.04 27.06 -9.56
N ILE B 62 -11.38 25.83 -9.19
CA ILE B 62 -12.77 25.41 -9.05
C ILE B 62 -13.20 25.35 -7.59
N PRO B 63 -14.32 25.99 -7.23
CA PRO B 63 -14.83 25.98 -5.86
C PRO B 63 -15.41 24.63 -5.47
N PRO B 64 -15.54 24.38 -4.15
CA PRO B 64 -16.28 23.20 -3.70
C PRO B 64 -17.76 23.50 -3.69
N LEU B 65 -18.60 22.48 -3.79
CA LEU B 65 -20.01 22.61 -3.48
C LEU B 65 -20.14 22.67 -1.96
N GLU B 66 -20.85 23.68 -1.45
CA GLU B 66 -21.06 23.83 -0.01
C GLU B 66 -22.47 23.42 0.41
N LEU B 67 -22.57 22.54 1.40
CA LEU B 67 -23.88 21.97 1.76
C LEU B 67 -24.29 22.33 3.17
N GLY B 68 -23.34 22.80 3.98
CA GLY B 68 -23.63 23.21 5.34
C GLY B 68 -24.29 22.12 6.16
N ASP B 69 -25.48 22.41 6.66
CA ASP B 69 -26.21 21.49 7.53
C ASP B 69 -27.00 20.43 6.80
N CYS B 70 -26.94 20.43 5.48
CA CYS B 70 -27.69 19.49 4.68
C CYS B 70 -26.81 18.37 4.18
N SER B 71 -27.34 17.15 4.24
CA SER B 71 -26.69 16.03 3.60
C SER B 71 -27.04 16.05 2.12
N ILE B 72 -26.27 15.29 1.34
CA ILE B 72 -26.52 15.18 -0.08
C ILE B 72 -27.94 14.72 -0.39
N ALA B 73 -28.45 13.76 0.39
CA ALA B 73 -29.82 13.30 0.22
C ALA B 73 -30.80 14.46 0.44
N GLY B 74 -30.64 15.17 1.55
CA GLY B 74 -31.52 16.27 1.86
C GLY B 74 -31.52 17.29 0.73
N TRP B 75 -30.33 17.58 0.22
CA TRP B 75 -30.17 18.60 -0.83
C TRP B 75 -30.81 18.17 -2.13
N LEU B 76 -30.50 16.95 -2.57
CA LEU B 76 -31.07 16.43 -3.82
C LEU B 76 -32.58 16.21 -3.76
N LEU B 77 -33.07 15.75 -2.61
CA LEU B 77 -34.50 15.51 -2.43
C LEU B 77 -35.24 16.84 -2.24
N GLY B 78 -34.51 17.83 -1.71
CA GLY B 78 -35.08 19.13 -1.49
C GLY B 78 -35.82 19.21 -0.16
N ASN B 79 -35.25 18.61 0.88
CA ASN B 79 -35.70 18.86 2.23
C ASN B 79 -35.82 20.38 2.41
N PRO B 80 -37.00 20.84 2.83
CA PRO B 80 -37.28 22.29 2.92
C PRO B 80 -36.18 23.11 3.60
N GLU B 81 -35.45 22.55 4.55
CA GLU B 81 -34.35 23.26 5.21
C GLU B 81 -33.14 23.45 4.29
N CYS B 82 -33.17 22.84 3.12
CA CYS B 82 -32.04 22.88 2.19
C CYS B 82 -32.41 23.60 0.88
N ASP B 83 -33.69 23.94 0.75
CA ASP B 83 -34.21 24.42 -0.53
C ASP B 83 -33.84 25.88 -0.87
N ARG B 84 -33.12 26.55 0.02
CA ARG B 84 -32.53 27.84 -0.33
C ARG B 84 -31.01 27.73 -0.28
N LEU B 85 -30.47 26.91 -1.16
CA LEU B 85 -29.06 26.55 -1.12
C LEU B 85 -28.39 26.98 -2.43
N LEU B 86 -27.12 27.38 -2.31
CA LEU B 86 -26.33 27.91 -3.43
C LEU B 86 -26.36 27.04 -4.68
N SER B 87 -25.44 26.08 -4.74
CA SER B 87 -25.29 25.17 -5.88
C SER B 87 -24.60 25.81 -7.09
N VAL B 88 -23.28 25.62 -7.19
CA VAL B 88 -22.51 26.18 -8.29
C VAL B 88 -22.71 25.37 -9.57
N PRO B 89 -22.25 25.91 -10.71
CA PRO B 89 -22.34 25.19 -11.99
C PRO B 89 -21.33 24.05 -12.04
N GLU B 90 -20.38 24.07 -11.12
CA GLU B 90 -19.23 23.19 -11.21
C GLU B 90 -18.48 23.19 -9.88
N TRP B 91 -18.06 22.01 -9.43
CA TRP B 91 -17.26 21.95 -8.22
C TRP B 91 -16.19 20.85 -8.22
N SER B 92 -15.23 20.99 -7.32
CA SER B 92 -14.06 20.13 -7.30
C SER B 92 -14.08 19.22 -6.06
N TYR B 93 -14.90 19.59 -5.09
CA TYR B 93 -15.19 18.72 -3.95
C TYR B 93 -16.42 19.19 -3.20
N ILE B 94 -16.85 18.44 -2.20
CA ILE B 94 -18.05 18.79 -1.46
C ILE B 94 -17.67 19.04 -0.01
N VAL B 95 -18.16 20.14 0.53
CA VAL B 95 -17.95 20.46 1.94
C VAL B 95 -19.26 20.26 2.66
N GLU B 96 -19.19 19.49 3.75
CA GLU B 96 -20.32 19.22 4.59
C GLU B 96 -19.86 19.41 6.02
N LYS B 97 -20.83 19.61 6.92
CA LYS B 97 -20.54 19.56 8.34
C LYS B 97 -20.45 18.09 8.75
N GLU B 98 -19.80 17.81 9.87
CA GLU B 98 -19.54 16.43 10.29
C GLU B 98 -20.81 15.56 10.28
N ASN B 99 -21.85 16.01 10.97
CA ASN B 99 -23.13 15.31 10.98
C ASN B 99 -24.28 16.22 10.57
N PRO B 100 -24.57 16.28 9.26
CA PRO B 100 -25.56 17.21 8.73
C PRO B 100 -26.89 17.04 9.45
N VAL B 101 -27.48 18.16 9.86
CA VAL B 101 -28.75 18.12 10.58
C VAL B 101 -29.89 17.66 9.68
N ASN B 102 -29.90 18.16 8.44
CA ASN B 102 -31.04 17.97 7.56
C ASN B 102 -30.80 16.95 6.46
N GLY B 103 -31.58 15.88 6.48
CA GLY B 103 -31.49 14.85 5.47
C GLY B 103 -32.89 14.39 5.11
N LEU B 104 -33.18 13.11 5.38
CA LEU B 104 -34.51 12.56 5.15
C LEU B 104 -35.50 13.00 6.23
N CYS B 105 -36.14 14.16 6.02
CA CYS B 105 -37.06 14.71 7.01
C CYS B 105 -38.24 13.78 7.28
N TYR B 106 -38.85 13.25 6.22
CA TYR B 106 -39.72 12.09 6.39
C TYR B 106 -38.79 10.88 6.47
N PRO B 107 -38.91 10.08 7.53
CA PRO B 107 -37.93 9.00 7.78
C PRO B 107 -37.85 7.98 6.65
N GLY B 108 -36.69 7.39 6.45
CA GLY B 108 -36.58 6.36 5.43
C GLY B 108 -35.16 5.94 5.11
N SER B 109 -34.93 5.51 3.87
CA SER B 109 -33.58 5.15 3.46
C SER B 109 -33.32 5.51 2.01
N PHE B 110 -32.09 5.25 1.57
CA PHE B 110 -31.64 5.67 0.25
C PHE B 110 -30.71 4.57 -0.27
N ASN B 111 -31.15 3.87 -1.31
CA ASN B 111 -30.37 2.75 -1.85
C ASN B 111 -29.13 3.21 -2.61
N ASP B 112 -28.01 2.55 -2.34
CA ASP B 112 -26.73 2.87 -2.99
C ASP B 112 -26.41 4.35 -2.83
N TYR B 113 -26.62 4.85 -1.61
CA TYR B 113 -26.44 6.28 -1.30
C TYR B 113 -24.98 6.68 -1.37
N GLU B 114 -24.10 5.84 -0.82
CA GLU B 114 -22.67 6.12 -0.87
C GLU B 114 -22.15 6.23 -2.31
N GLU B 115 -22.63 5.36 -3.19
CA GLU B 115 -22.27 5.43 -4.61
C GLU B 115 -22.77 6.71 -5.24
N LEU B 116 -24.01 7.08 -4.94
CA LEU B 116 -24.53 8.36 -5.43
C LEU B 116 -23.61 9.49 -4.95
N LYS B 117 -23.30 9.48 -3.66
CA LYS B 117 -22.43 10.49 -3.09
C LYS B 117 -21.08 10.53 -3.79
N HIS B 118 -20.48 9.37 -3.99
CA HIS B 118 -19.18 9.32 -4.64
C HIS B 118 -19.27 9.86 -6.07
N LEU B 119 -20.40 9.60 -6.71
CA LEU B 119 -20.61 10.00 -8.09
C LEU B 119 -20.59 11.51 -8.30
N ILE B 120 -21.20 12.26 -7.40
CA ILE B 120 -21.36 13.71 -7.58
C ILE B 120 -20.32 14.48 -6.76
N THR B 121 -19.27 13.79 -6.41
CA THR B 121 -18.24 14.38 -5.60
C THR B 121 -17.50 15.50 -6.36
N SER B 122 -17.52 15.43 -7.70
CA SER B 122 -16.88 16.43 -8.53
C SER B 122 -17.48 16.46 -9.94
N VAL B 123 -18.03 17.60 -10.37
CA VAL B 123 -18.81 17.63 -11.62
C VAL B 123 -18.44 18.75 -12.58
N THR B 124 -19.05 18.72 -13.77
CA THR B 124 -18.65 19.63 -14.83
C THR B 124 -18.99 21.12 -14.66
N HIS B 125 -20.24 21.60 -14.65
CA HIS B 125 -21.54 21.04 -15.12
C HIS B 125 -22.44 20.13 -14.25
N PHE B 126 -23.51 20.75 -13.75
CA PHE B 126 -24.55 20.08 -12.98
C PHE B 126 -25.82 20.94 -13.00
N GLU B 127 -26.82 20.49 -13.76
CA GLU B 127 -27.94 21.34 -14.13
C GLU B 127 -29.31 20.76 -13.78
N LYS B 128 -30.11 21.53 -13.05
CA LYS B 128 -31.45 21.07 -12.66
C LYS B 128 -32.44 21.19 -13.81
N VAL B 129 -33.28 20.17 -13.97
CA VAL B 129 -34.29 20.19 -15.03
C VAL B 129 -35.66 19.70 -14.51
N LYS B 130 -36.72 20.40 -14.89
CA LYS B 130 -38.07 19.98 -14.53
C LYS B 130 -38.61 18.99 -15.56
N ILE B 131 -38.30 17.71 -15.36
CA ILE B 131 -38.67 16.67 -16.31
C ILE B 131 -40.14 16.24 -16.17
N LEU B 132 -40.67 16.32 -14.97
CA LEU B 132 -42.04 15.90 -14.71
C LEU B 132 -42.81 16.94 -13.89
N PRO B 133 -43.26 18.02 -14.56
CA PRO B 133 -44.00 19.07 -13.86
C PRO B 133 -45.13 18.47 -13.03
N ARG B 134 -45.18 18.77 -11.74
CA ARG B 134 -46.11 18.12 -10.85
C ARG B 134 -47.58 18.37 -11.23
N ASP B 135 -47.87 19.60 -11.65
CA ASP B 135 -49.25 19.98 -11.94
C ASP B 135 -49.88 19.09 -13.02
N GLN B 136 -49.05 18.35 -13.74
CA GLN B 136 -49.57 17.47 -14.79
C GLN B 136 -49.93 16.05 -14.32
N TRP B 137 -49.86 15.80 -13.01
CA TRP B 137 -50.49 14.62 -12.43
C TRP B 137 -51.97 14.95 -12.18
N THR B 138 -52.76 15.00 -13.25
CA THR B 138 -54.10 15.56 -13.16
C THR B 138 -55.12 14.66 -12.46
N GLN B 139 -54.83 13.38 -12.38
CA GLN B 139 -55.73 12.42 -11.73
C GLN B 139 -55.32 12.13 -10.30
N HIS B 140 -54.40 12.94 -9.75
CA HIS B 140 -53.90 12.69 -8.40
C HIS B 140 -53.73 13.95 -7.58
N THR B 141 -53.95 13.83 -6.28
CA THR B 141 -53.62 14.88 -5.35
C THR B 141 -52.11 14.91 -5.22
N THR B 142 -51.56 16.10 -5.17
CA THR B 142 -50.15 16.28 -5.41
C THR B 142 -49.56 17.15 -4.32
N THR B 143 -50.43 17.68 -3.48
CA THR B 143 -50.04 18.69 -2.49
C THR B 143 -49.91 18.07 -1.12
N GLY B 144 -49.73 16.75 -1.09
CA GLY B 144 -49.58 16.02 0.15
C GLY B 144 -48.33 16.44 0.89
N GLY B 145 -48.50 16.81 2.17
CA GLY B 145 -47.39 17.19 3.01
C GLY B 145 -47.44 16.46 4.33
N SER B 146 -46.44 16.69 5.18
CA SER B 146 -46.34 16.01 6.45
C SER B 146 -45.73 16.94 7.49
N ARG B 147 -46.04 16.68 8.76
CA ARG B 147 -45.46 17.47 9.84
C ARG B 147 -43.98 17.14 10.06
N ALA B 148 -43.54 16.00 9.54
CA ALA B 148 -42.13 15.62 9.65
C ALA B 148 -41.24 16.52 8.78
N CYS B 149 -41.88 17.32 7.93
CA CYS B 149 -41.18 18.27 7.08
C CYS B 149 -41.83 19.65 7.17
N ALA B 150 -42.37 19.97 8.34
CA ALA B 150 -43.08 21.22 8.56
C ALA B 150 -42.23 22.44 8.21
N VAL B 151 -42.81 23.37 7.46
CA VAL B 151 -42.08 24.58 7.08
C VAL B 151 -42.24 25.75 8.06
N LEU B 152 -43.41 26.39 8.08
CA LEU B 152 -43.58 27.57 8.96
C LEU B 152 -44.99 27.85 9.46
N ASP B 153 -45.57 26.91 10.22
CA ASP B 153 -45.00 25.60 10.45
C ASP B 153 -45.97 24.57 9.89
N ASN B 154 -46.41 24.82 8.67
CA ASN B 154 -47.38 23.96 7.99
C ASN B 154 -46.77 22.64 7.55
N PRO B 155 -47.62 21.64 7.29
CA PRO B 155 -47.11 20.42 6.67
C PRO B 155 -46.39 20.76 5.37
N SER B 156 -45.34 20.02 5.05
CA SER B 156 -44.59 20.24 3.83
C SER B 156 -43.95 18.94 3.38
N PHE B 157 -43.13 19.01 2.33
CA PHE B 157 -42.53 17.82 1.78
C PHE B 157 -41.26 18.19 1.01
N PHE B 158 -40.49 17.17 0.64
CA PHE B 158 -39.32 17.33 -0.21
C PHE B 158 -39.73 18.10 -1.45
N ARG B 159 -39.13 19.27 -1.65
CA ARG B 159 -39.56 20.19 -2.69
C ARG B 159 -39.27 19.73 -4.13
N ASN B 160 -38.35 18.78 -4.30
CA ASN B 160 -38.08 18.24 -5.64
C ASN B 160 -38.92 17.00 -5.98
N MET B 161 -39.67 16.52 -4.98
CA MET B 161 -40.44 15.30 -5.13
C MET B 161 -41.93 15.57 -5.04
N VAL B 162 -42.73 14.59 -5.47
CA VAL B 162 -44.17 14.68 -5.46
C VAL B 162 -44.76 13.48 -4.76
N TRP B 163 -45.49 13.73 -3.67
CA TRP B 163 -46.22 12.69 -2.97
C TRP B 163 -47.60 12.50 -3.63
N LEU B 164 -47.69 11.59 -4.59
CA LEU B 164 -48.97 11.30 -5.25
C LEU B 164 -49.88 10.61 -4.25
N THR B 165 -51.08 11.16 -4.07
CA THR B 165 -52.08 10.57 -3.18
C THR B 165 -53.46 10.62 -3.83
N LYS B 166 -54.41 9.89 -3.26
CA LYS B 166 -55.69 9.74 -3.93
C LYS B 166 -56.36 11.07 -4.17
N LYS B 167 -57.15 11.14 -5.24
CA LYS B 167 -57.93 12.32 -5.55
C LYS B 167 -59.39 11.96 -5.30
N GLY B 168 -60.00 12.62 -4.33
CA GLY B 168 -61.33 12.24 -3.90
C GLY B 168 -61.25 10.92 -3.19
N SER B 169 -61.87 9.90 -3.77
CA SER B 169 -61.82 8.55 -3.21
C SER B 169 -61.07 7.62 -4.17
N ASN B 170 -60.40 8.21 -5.14
CA ASN B 170 -59.81 7.45 -6.21
C ASN B 170 -58.29 7.64 -6.31
N TYR B 171 -57.58 6.56 -6.58
CA TYR B 171 -56.19 6.64 -6.99
C TYR B 171 -56.05 5.80 -8.25
N PRO B 172 -56.30 6.41 -9.42
CA PRO B 172 -56.19 5.70 -10.69
C PRO B 172 -54.74 5.37 -10.93
N ILE B 173 -54.46 4.45 -11.86
CA ILE B 173 -53.07 4.11 -12.14
C ILE B 173 -52.32 5.35 -12.62
N ALA B 174 -51.12 5.54 -12.08
CA ALA B 174 -50.31 6.69 -12.44
C ALA B 174 -49.19 6.29 -13.39
N LYS B 175 -49.28 6.77 -14.63
CA LYS B 175 -48.29 6.49 -15.66
C LYS B 175 -47.79 7.77 -16.32
N ARG B 176 -46.53 8.12 -16.10
CA ARG B 176 -45.92 9.21 -16.84
C ARG B 176 -44.52 8.78 -17.17
N SER B 177 -43.97 9.33 -18.25
CA SER B 177 -42.62 8.97 -18.65
C SER B 177 -41.84 10.18 -19.16
N TYR B 178 -40.54 10.05 -19.25
CA TYR B 178 -39.73 11.18 -19.70
C TYR B 178 -38.59 10.74 -20.59
N ASN B 179 -38.41 11.49 -21.67
CA ASN B 179 -37.33 11.22 -22.60
C ASN B 179 -36.18 12.20 -22.34
N ASN B 180 -35.00 11.66 -22.04
CA ASN B 180 -33.85 12.52 -21.76
C ASN B 180 -33.28 13.17 -23.03
N THR B 181 -33.86 14.31 -23.42
CA THR B 181 -33.33 15.09 -24.54
C THR B 181 -32.44 16.23 -24.05
N SER B 182 -32.00 16.16 -22.81
CA SER B 182 -31.20 17.23 -22.22
C SER B 182 -29.82 17.33 -22.86
N GLY B 183 -29.43 16.30 -23.60
CA GLY B 183 -28.10 16.25 -24.19
C GLY B 183 -27.04 15.77 -23.22
N GLU B 184 -27.46 15.29 -22.06
CA GLU B 184 -26.52 14.76 -21.06
C GLU B 184 -27.15 13.71 -20.16
N GLN B 185 -26.30 12.86 -19.59
CA GLN B 185 -26.71 11.96 -18.53
C GLN B 185 -27.56 12.71 -17.52
N MET B 186 -28.62 12.09 -17.04
CA MET B 186 -29.44 12.72 -16.02
C MET B 186 -29.68 11.86 -14.78
N LEU B 187 -29.32 12.41 -13.64
CA LEU B 187 -29.58 11.81 -12.34
C LEU B 187 -31.06 11.95 -12.00
N ILE B 188 -31.70 10.83 -11.72
CA ILE B 188 -33.11 10.85 -11.36
C ILE B 188 -33.37 9.96 -10.16
N ILE B 189 -34.11 10.50 -9.22
CA ILE B 189 -34.38 9.85 -7.96
C ILE B 189 -35.88 9.63 -7.82
N TRP B 190 -36.28 8.51 -7.20
CA TRP B 190 -37.68 8.27 -6.90
C TRP B 190 -37.80 7.51 -5.59
N GLY B 191 -39.02 7.44 -5.05
CA GLY B 191 -39.22 6.78 -3.79
C GLY B 191 -40.44 5.90 -3.80
N ILE B 192 -40.52 5.02 -2.79
CA ILE B 192 -41.74 4.29 -2.51
C ILE B 192 -42.08 4.47 -1.03
N HIS B 193 -43.36 4.68 -0.73
CA HIS B 193 -43.81 4.90 0.65
C HIS B 193 -44.28 3.60 1.31
N HIS B 194 -43.62 3.21 2.39
CA HIS B 194 -44.00 2.05 3.19
C HIS B 194 -44.83 2.48 4.41
N PRO B 195 -46.17 2.42 4.33
CA PRO B 195 -46.99 2.89 5.44
C PRO B 195 -46.84 2.08 6.73
N ASN B 196 -47.21 2.71 7.84
CA ASN B 196 -47.19 2.07 9.15
C ASN B 196 -48.30 1.03 9.31
N ASP B 197 -49.44 1.25 8.66
CA ASP B 197 -50.62 0.41 8.84
C ASP B 197 -51.59 0.49 7.66
N ASP B 198 -52.61 -0.35 7.66
CA ASP B 198 -53.56 -0.42 6.55
C ASP B 198 -54.43 0.83 6.47
N ALA B 199 -54.78 1.40 7.63
CA ALA B 199 -55.54 2.63 7.66
C ALA B 199 -54.79 3.76 6.94
N GLU B 200 -53.47 3.76 7.07
CA GLU B 200 -52.65 4.77 6.41
C GLU B 200 -52.62 4.50 4.92
N GLN B 201 -52.36 3.25 4.54
CA GLN B 201 -52.39 2.86 3.13
C GLN B 201 -53.72 3.29 2.51
N ARG B 202 -54.79 3.11 3.27
CA ARG B 202 -56.13 3.32 2.77
C ARG B 202 -56.42 4.81 2.62
N THR B 203 -56.03 5.59 3.63
CA THR B 203 -56.22 7.02 3.58
C THR B 203 -55.48 7.65 2.41
N LEU B 204 -54.20 7.31 2.27
CA LEU B 204 -53.35 7.91 1.24
C LEU B 204 -53.64 7.42 -0.17
N TYR B 205 -53.86 6.12 -0.33
CA TYR B 205 -53.86 5.55 -1.67
C TYR B 205 -55.15 4.78 -2.03
N GLN B 206 -56.11 4.77 -1.11
CA GLN B 206 -57.39 4.10 -1.35
C GLN B 206 -57.21 2.60 -1.52
N ASN B 207 -56.46 2.20 -2.54
CA ASN B 207 -56.23 0.80 -2.83
C ASN B 207 -55.23 0.19 -1.85
N VAL B 208 -55.50 -1.03 -1.41
CA VAL B 208 -54.49 -1.81 -0.71
C VAL B 208 -54.06 -2.91 -1.69
N GLY B 209 -52.76 -3.18 -1.73
CA GLY B 209 -52.22 -4.07 -2.74
C GLY B 209 -51.79 -3.29 -3.98
N THR B 210 -50.74 -2.49 -3.83
CA THR B 210 -50.26 -1.60 -4.89
C THR B 210 -48.81 -1.93 -5.26
N TYR B 211 -48.26 -1.18 -6.21
CA TYR B 211 -46.89 -1.41 -6.65
C TYR B 211 -46.31 -0.17 -7.29
N VAL B 212 -44.99 -0.05 -7.23
CA VAL B 212 -44.29 1.02 -7.90
C VAL B 212 -43.35 0.38 -8.92
N SER B 213 -43.30 0.94 -10.12
CA SER B 213 -42.55 0.33 -11.19
C SER B 213 -41.78 1.39 -11.97
N VAL B 214 -40.50 1.17 -12.17
CA VAL B 214 -39.66 2.13 -12.86
C VAL B 214 -38.81 1.42 -13.90
N GLY B 215 -38.70 2.00 -15.09
CA GLY B 215 -38.01 1.32 -16.17
C GLY B 215 -37.31 2.23 -17.15
N THR B 216 -36.04 1.94 -17.40
CA THR B 216 -35.29 2.58 -18.47
C THR B 216 -34.73 1.49 -19.37
N SER B 217 -33.74 1.83 -20.19
CA SER B 217 -33.10 0.84 -21.05
C SER B 217 -32.31 -0.15 -20.20
N THR B 218 -31.73 0.35 -19.10
CA THR B 218 -30.83 -0.45 -18.29
C THR B 218 -31.39 -0.76 -16.91
N LEU B 219 -32.25 0.12 -16.41
CA LEU B 219 -32.86 -0.08 -15.12
C LEU B 219 -34.25 -0.71 -15.23
N ASN B 220 -34.52 -1.66 -14.33
CA ASN B 220 -35.79 -2.36 -14.31
C ASN B 220 -36.09 -2.70 -12.87
N LYS B 221 -37.11 -2.08 -12.29
CA LYS B 221 -37.36 -2.25 -10.87
C LYS B 221 -38.84 -2.18 -10.54
N ARG B 222 -39.31 -3.17 -9.79
CA ARG B 222 -40.70 -3.19 -9.35
C ARG B 222 -40.77 -3.53 -7.86
N SER B 223 -41.40 -2.65 -7.09
CA SER B 223 -41.47 -2.83 -5.65
C SER B 223 -42.90 -2.79 -5.14
N ILE B 224 -43.12 -3.47 -4.02
CA ILE B 224 -44.40 -3.50 -3.35
C ILE B 224 -44.24 -2.83 -1.99
N PRO B 225 -45.19 -1.95 -1.62
CA PRO B 225 -45.06 -1.23 -0.35
C PRO B 225 -45.10 -2.21 0.81
N GLU B 226 -44.30 -1.99 1.83
CA GLU B 226 -44.30 -2.84 3.02
C GLU B 226 -45.04 -2.19 4.19
N ILE B 227 -46.27 -2.62 4.39
CA ILE B 227 -47.07 -2.09 5.48
C ILE B 227 -46.76 -2.86 6.76
N ALA B 228 -46.19 -2.17 7.73
CA ALA B 228 -45.80 -2.81 8.99
C ALA B 228 -45.55 -1.78 10.08
N THR B 229 -45.95 -2.10 11.31
CA THR B 229 -45.77 -1.21 12.44
C THR B 229 -44.29 -0.95 12.73
N ARG B 230 -43.95 0.32 12.97
CA ARG B 230 -42.58 0.71 13.32
C ARG B 230 -42.57 1.85 14.33
N PRO B 231 -41.45 2.02 15.03
CA PRO B 231 -41.32 3.16 15.94
C PRO B 231 -41.40 4.44 15.15
N LYS B 232 -42.04 5.45 15.73
CA LYS B 232 -42.15 6.75 15.10
C LYS B 232 -40.81 7.46 15.05
N VAL B 233 -40.44 7.93 13.87
CA VAL B 233 -39.29 8.80 13.67
C VAL B 233 -39.78 10.12 13.08
N ASN B 234 -39.47 11.23 13.74
CA ASN B 234 -40.07 12.51 13.35
C ASN B 234 -41.58 12.36 13.28
N GLY B 235 -42.13 11.58 14.21
CA GLY B 235 -43.56 11.38 14.31
C GLY B 235 -44.18 10.45 13.27
N GLN B 236 -43.36 9.67 12.57
CA GLN B 236 -43.89 8.78 11.55
C GLN B 236 -43.49 7.32 11.75
N GLY B 237 -44.46 6.43 11.67
CA GLY B 237 -44.21 5.01 11.62
C GLY B 237 -43.83 4.54 10.21
N GLY B 238 -44.24 5.31 9.20
CA GLY B 238 -43.91 4.98 7.83
C GLY B 238 -42.48 5.31 7.43
N ARG B 239 -42.07 4.83 6.25
CA ARG B 239 -40.74 5.10 5.75
C ARG B 239 -40.81 5.33 4.25
N MET B 240 -39.96 6.21 3.75
CA MET B 240 -39.79 6.34 2.31
C MET B 240 -38.42 5.84 1.89
N GLU B 241 -38.42 4.89 0.99
CA GLU B 241 -37.20 4.30 0.48
C GLU B 241 -36.90 4.83 -0.92
N PHE B 242 -35.78 5.53 -1.07
CA PHE B 242 -35.44 6.14 -2.35
C PHE B 242 -34.40 5.35 -3.13
N SER B 243 -34.52 5.40 -4.45
CA SER B 243 -33.51 4.85 -5.33
C SER B 243 -33.17 5.89 -6.37
N TRP B 244 -32.15 5.62 -7.17
CA TRP B 244 -31.71 6.57 -8.18
C TRP B 244 -31.11 5.83 -9.35
N THR B 245 -31.13 6.47 -10.51
CA THR B 245 -30.49 5.92 -11.69
C THR B 245 -29.94 7.09 -12.49
N LEU B 246 -29.04 6.80 -13.42
CA LEU B 246 -28.64 7.78 -14.41
C LEU B 246 -29.37 7.44 -15.68
N LEU B 247 -30.17 8.39 -16.17
CA LEU B 247 -30.87 8.24 -17.45
C LEU B 247 -29.95 8.69 -18.58
N GLU B 248 -29.64 7.80 -19.50
CA GLU B 248 -28.76 8.14 -20.62
C GLU B 248 -29.40 9.11 -21.62
N THR B 249 -28.55 9.77 -22.40
CA THR B 249 -29.02 10.69 -23.43
C THR B 249 -30.00 9.98 -24.37
N TRP B 250 -31.16 10.60 -24.58
CA TRP B 250 -32.15 10.10 -25.52
C TRP B 250 -32.83 8.81 -25.06
N ASP B 251 -32.68 8.44 -23.79
CA ASP B 251 -33.38 7.27 -23.29
C ASP B 251 -34.60 7.72 -22.51
N VAL B 252 -35.50 6.79 -22.24
CA VAL B 252 -36.77 7.11 -21.61
C VAL B 252 -36.90 6.42 -20.26
N ILE B 253 -37.46 7.12 -19.28
CA ILE B 253 -37.77 6.50 -18.00
C ILE B 253 -39.28 6.43 -17.84
N ASN B 254 -39.79 5.24 -17.55
CA ASN B 254 -41.21 5.01 -17.37
C ASN B 254 -41.57 4.83 -15.90
N PHE B 255 -42.47 5.68 -15.39
CA PHE B 255 -43.00 5.49 -14.05
C PHE B 255 -44.40 4.95 -14.14
N GLU B 256 -44.72 3.97 -13.28
CA GLU B 256 -46.08 3.47 -13.18
C GLU B 256 -46.38 3.01 -11.76
N SER B 257 -47.55 3.39 -11.25
CA SER B 257 -47.91 3.01 -9.90
C SER B 257 -49.41 3.01 -9.62
N THR B 258 -49.86 1.97 -8.91
CA THR B 258 -51.22 1.94 -8.40
C THR B 258 -51.25 2.54 -6.99
N GLY B 259 -50.12 3.08 -6.56
CA GLY B 259 -50.00 3.70 -5.25
C GLY B 259 -48.61 3.64 -4.65
N ASN B 260 -48.32 4.60 -3.77
CA ASN B 260 -47.11 4.62 -2.96
C ASN B 260 -45.87 5.19 -3.67
N LEU B 261 -46.02 5.55 -4.93
CA LEU B 261 -44.94 6.21 -5.66
C LEU B 261 -44.66 7.60 -5.12
N ILE B 262 -43.39 7.86 -4.81
CA ILE B 262 -42.91 9.21 -4.55
C ILE B 262 -42.15 9.62 -5.79
N ALA B 263 -42.79 10.41 -6.65
CA ALA B 263 -42.23 10.74 -7.95
C ALA B 263 -41.30 11.94 -7.89
N PRO B 264 -40.31 11.98 -8.78
CA PRO B 264 -39.49 13.18 -8.92
C PRO B 264 -40.22 14.23 -9.77
N GLU B 265 -39.98 15.51 -9.53
CA GLU B 265 -40.42 16.54 -10.44
C GLU B 265 -39.23 17.00 -11.28
N TYR B 266 -38.03 16.77 -10.77
CA TYR B 266 -36.82 17.20 -11.46
C TYR B 266 -35.78 16.09 -11.66
N GLY B 267 -34.92 16.30 -12.65
CA GLY B 267 -33.72 15.50 -12.83
C GLY B 267 -32.50 16.40 -12.90
N PHE B 268 -31.32 15.82 -12.76
CA PHE B 268 -30.11 16.62 -12.75
C PHE B 268 -29.11 16.19 -13.82
N LYS B 269 -28.93 17.02 -14.84
CA LYS B 269 -27.93 16.80 -15.86
C LYS B 269 -26.57 16.81 -15.21
N ILE B 270 -25.84 15.72 -15.38
CA ILE B 270 -24.55 15.62 -14.71
C ILE B 270 -23.44 15.26 -15.68
N SER B 271 -22.33 15.99 -15.60
CA SER B 271 -21.12 15.68 -16.36
C SER B 271 -19.92 15.61 -15.43
N LYS B 272 -19.14 14.55 -15.55
CA LYS B 272 -18.01 14.31 -14.66
C LYS B 272 -16.66 14.49 -15.36
N ARG B 273 -15.67 14.93 -14.58
CA ARG B 273 -14.31 15.11 -15.09
C ARG B 273 -13.35 14.41 -14.12
N GLY B 274 -13.79 13.27 -13.59
CA GLY B 274 -13.05 12.57 -12.56
C GLY B 274 -13.79 12.62 -11.24
N SER B 275 -13.21 12.02 -10.21
CA SER B 275 -13.83 12.01 -8.90
C SER B 275 -13.01 12.72 -7.84
N SER B 276 -13.65 12.97 -6.70
CA SER B 276 -13.08 13.72 -5.60
C SER B 276 -13.61 13.10 -4.32
N GLY B 277 -13.87 13.91 -3.31
CA GLY B 277 -14.44 13.38 -2.08
C GLY B 277 -15.22 14.45 -1.30
N ILE B 278 -15.65 14.09 -0.10
CA ILE B 278 -16.36 15.02 0.74
C ILE B 278 -15.47 15.36 1.91
N MET B 279 -15.41 16.64 2.26
CA MET B 279 -14.65 17.10 3.40
C MET B 279 -15.58 17.57 4.53
N LYS B 280 -15.47 16.95 5.69
CA LYS B 280 -16.33 17.30 6.81
C LYS B 280 -15.68 18.36 7.70
N THR B 281 -16.19 19.59 7.63
CA THR B 281 -15.63 20.69 8.40
C THR B 281 -16.68 21.77 8.64
N GLU B 282 -16.38 22.68 9.58
CA GLU B 282 -17.28 23.78 9.88
C GLU B 282 -16.89 25.04 9.12
N LYS B 283 -15.72 25.01 8.48
CA LYS B 283 -15.24 26.14 7.70
C LYS B 283 -16.10 26.38 6.46
N THR B 284 -16.10 27.61 5.97
CA THR B 284 -16.82 27.95 4.76
C THR B 284 -15.86 28.53 3.71
N LEU B 285 -16.23 28.40 2.45
CA LEU B 285 -15.39 28.84 1.35
C LEU B 285 -14.96 30.29 1.47
N GLU B 286 -13.69 30.56 1.18
CA GLU B 286 -13.20 31.94 1.10
C GLU B 286 -12.60 32.19 -0.28
N ASN B 287 -12.29 33.45 -0.57
CA ASN B 287 -11.69 33.79 -1.85
C ASN B 287 -10.21 33.38 -1.83
N CYS B 288 -10.00 32.08 -1.97
CA CYS B 288 -8.69 31.48 -1.73
C CYS B 288 -8.38 30.42 -2.77
N GLU B 289 -7.11 30.32 -3.15
CA GLU B 289 -6.69 29.33 -4.13
C GLU B 289 -5.65 28.36 -3.56
N THR B 290 -5.88 27.05 -3.74
CA THR B 290 -4.94 26.02 -3.28
C THR B 290 -4.91 24.80 -4.19
N LYS B 291 -3.87 23.99 -4.05
CA LYS B 291 -3.78 22.72 -4.77
C LYS B 291 -3.94 21.57 -3.79
N CYS B 292 -3.95 21.89 -2.50
CA CYS B 292 -4.10 20.86 -1.47
C CYS B 292 -4.90 21.38 -0.26
N GLN B 293 -6.12 20.89 -0.12
CA GLN B 293 -7.03 21.34 0.94
C GLN B 293 -7.09 20.35 2.11
N THR B 294 -7.09 20.88 3.33
CA THR B 294 -7.36 20.04 4.50
C THR B 294 -8.54 20.64 5.26
N PRO B 295 -9.13 19.87 6.19
CA PRO B 295 -10.28 20.39 6.92
C PRO B 295 -9.95 21.57 7.81
N LEU B 296 -8.67 21.72 8.16
CA LEU B 296 -8.23 22.81 9.03
C LEU B 296 -7.85 24.04 8.22
N GLY B 297 -7.55 23.83 6.95
CA GLY B 297 -7.07 24.90 6.10
C GLY B 297 -6.19 24.38 4.99
N ALA B 298 -5.83 25.26 4.06
CA ALA B 298 -5.08 24.86 2.89
C ALA B 298 -3.56 24.81 3.11
N ILE B 299 -2.90 23.90 2.40
CA ILE B 299 -1.45 23.78 2.42
C ILE B 299 -0.85 24.35 1.14
N ASN B 300 0.14 25.24 1.31
CA ASN B 300 0.86 25.83 0.20
C ASN B 300 2.32 25.46 0.32
N THR B 301 2.76 24.46 -0.44
CA THR B 301 4.11 23.95 -0.27
C THR B 301 4.63 23.11 -1.43
N THR B 302 5.94 23.13 -1.59
CA THR B 302 6.59 22.20 -2.50
C THR B 302 7.18 21.03 -1.72
N LEU B 303 7.23 21.15 -0.39
CA LEU B 303 7.78 20.08 0.46
C LEU B 303 7.09 18.74 0.22
N PRO B 304 7.85 17.64 0.39
CA PRO B 304 7.40 16.29 0.08
C PRO B 304 6.56 15.66 1.19
N PHE B 305 6.61 16.22 2.39
CA PHE B 305 5.89 15.63 3.50
C PHE B 305 5.15 16.69 4.32
N HIS B 306 4.04 16.29 4.93
CA HIS B 306 3.32 17.16 5.85
C HIS B 306 2.68 16.35 6.97
N ASN B 307 2.35 17.02 8.08
CA ASN B 307 1.76 16.33 9.22
C ASN B 307 0.50 17.02 9.73
N ILE B 308 -0.18 17.73 8.84
CA ILE B 308 -1.26 18.62 9.25
C ILE B 308 -2.58 17.91 9.53
N HIS B 309 -2.99 17.04 8.62
CA HIS B 309 -4.23 16.29 8.78
C HIS B 309 -4.27 15.17 7.74
N PRO B 310 -4.76 13.99 8.14
CA PRO B 310 -4.85 12.81 7.26
C PRO B 310 -5.84 12.99 6.11
N LEU B 311 -6.93 13.72 6.35
CA LEU B 311 -8.02 13.78 5.38
C LEU B 311 -7.90 15.00 4.47
N THR B 312 -7.09 14.84 3.43
CA THR B 312 -6.81 15.92 2.51
C THR B 312 -7.45 15.66 1.15
N ILE B 313 -7.59 16.73 0.38
CA ILE B 313 -8.04 16.63 -1.00
C ILE B 313 -7.15 17.52 -1.87
N GLY B 314 -6.75 17.01 -3.02
CA GLY B 314 -5.86 17.74 -3.92
C GLY B 314 -4.60 16.97 -4.28
N GLU B 315 -3.57 17.69 -4.71
CA GLU B 315 -2.26 17.10 -4.93
C GLU B 315 -1.40 17.46 -3.74
N CYS B 316 -1.17 16.50 -2.86
CA CYS B 316 -0.65 16.78 -1.54
C CYS B 316 0.68 16.11 -1.26
N PRO B 317 1.45 16.67 -0.32
CA PRO B 317 2.66 15.99 0.16
C PRO B 317 2.25 14.70 0.84
N LYS B 318 3.17 13.76 1.02
CA LYS B 318 2.86 12.55 1.78
C LYS B 318 2.65 12.89 3.25
N TYR B 319 1.55 12.40 3.81
CA TYR B 319 1.26 12.56 5.22
C TYR B 319 2.11 11.61 6.05
N VAL B 320 2.69 12.10 7.14
CA VAL B 320 3.58 11.29 7.97
C VAL B 320 3.35 11.54 9.46
N LYS B 321 3.79 10.61 10.30
CA LYS B 321 3.61 10.75 11.73
C LYS B 321 4.89 11.24 12.41
N SER B 322 5.38 12.40 11.98
CA SER B 322 6.53 13.03 12.63
C SER B 322 6.31 14.51 12.89
N ASP B 323 7.04 15.05 13.86
CA ASP B 323 6.98 16.46 14.19
C ASP B 323 8.02 17.26 13.43
N ARG B 324 8.97 16.58 12.81
CA ARG B 324 10.23 17.20 12.47
C ARG B 324 11.00 16.39 11.45
N LEU B 325 11.29 17.01 10.31
CA LEU B 325 12.21 16.42 9.33
C LEU B 325 13.17 17.50 8.81
N VAL B 326 14.30 17.64 9.49
CA VAL B 326 15.25 18.70 9.20
C VAL B 326 16.50 18.14 8.55
N LEU B 327 16.79 18.60 7.34
CA LEU B 327 18.00 18.24 6.61
C LEU B 327 19.10 19.22 6.95
N ALA B 328 20.26 18.71 7.36
CA ALA B 328 21.44 19.55 7.40
C ALA B 328 21.76 20.06 5.99
N THR B 329 22.09 21.33 5.88
CA THR B 329 22.62 21.87 4.63
C THR B 329 24.03 22.40 4.89
N GLY B 330 24.17 23.28 5.87
CA GLY B 330 25.47 23.76 6.29
C GLY B 330 26.28 22.64 6.91
N LEU B 331 27.37 23.00 7.59
CA LEU B 331 28.20 22.00 8.24
C LEU B 331 28.07 22.06 9.75
N ARG B 332 28.67 21.09 10.44
CA ARG B 332 28.69 21.12 11.88
C ARG B 332 29.23 22.47 12.36
N ASN B 333 28.41 23.19 13.12
CA ASN B 333 28.79 24.50 13.64
C ASN B 333 29.70 24.39 14.85
N VAL B 334 30.93 24.86 14.69
CA VAL B 334 31.93 24.76 15.74
C VAL B 334 32.59 26.12 15.95
N PRO B 335 31.83 27.10 16.46
CA PRO B 335 32.40 28.44 16.69
C PRO B 335 33.46 28.41 17.79
N GLN B 336 34.40 29.34 17.72
CA GLN B 336 35.51 29.37 18.68
C GLN B 336 35.55 30.68 19.45
N ILE B 337 36.35 30.70 20.51
CA ILE B 337 36.51 31.88 21.35
C ILE B 337 36.97 33.07 20.52
N GLY B 341 34.31 13.16 13.03
CA GLY B 341 33.89 13.02 11.64
C GLY B 341 34.70 11.98 10.89
N LEU B 342 34.13 11.47 9.80
CA LEU B 342 34.70 10.36 9.06
C LEU B 342 36.08 10.71 8.48
N PHE B 343 36.24 11.95 8.02
CA PHE B 343 37.51 12.36 7.43
C PHE B 343 38.41 13.08 8.42
N GLY B 344 37.89 13.35 9.62
CA GLY B 344 38.71 13.79 10.73
C GLY B 344 39.21 15.22 10.69
N ALA B 345 38.69 16.03 9.78
CA ALA B 345 39.12 17.42 9.70
C ALA B 345 38.27 18.30 10.61
N ILE B 346 37.00 18.42 10.29
CA ILE B 346 36.06 19.27 11.03
C ILE B 346 35.93 18.77 12.47
N ALA B 347 36.02 19.68 13.41
CA ALA B 347 36.03 19.30 14.81
C ALA B 347 37.08 18.22 15.04
N GLY B 348 38.09 18.20 14.17
CA GLY B 348 39.13 17.20 14.19
C GLY B 348 40.51 17.84 14.21
N PHE B 349 41.35 17.55 13.22
CA PHE B 349 42.70 18.11 13.27
C PHE B 349 42.68 19.61 13.01
N ILE B 350 41.56 20.11 12.51
CA ILE B 350 41.32 21.54 12.50
C ILE B 350 40.25 21.83 13.56
N GLU B 351 40.70 22.14 14.78
CA GLU B 351 39.87 22.00 15.97
C GLU B 351 38.53 22.73 15.94
N GLY B 352 38.49 23.88 15.26
CA GLY B 352 37.28 24.69 15.23
C GLY B 352 37.10 25.51 13.96
N GLY B 353 35.93 26.12 13.81
CA GLY B 353 35.61 26.90 12.64
C GLY B 353 35.89 28.39 12.79
N TRP B 354 35.61 29.15 11.74
CA TRP B 354 35.89 30.58 11.74
C TRP B 354 34.65 31.46 11.62
N GLN B 355 34.40 32.24 12.65
CA GLN B 355 33.31 33.19 12.68
C GLN B 355 33.51 34.24 11.60
N GLY B 356 34.77 34.59 11.36
CA GLY B 356 35.13 35.70 10.52
C GLY B 356 35.09 35.45 9.02
N MET B 357 34.92 34.21 8.62
CA MET B 357 34.85 33.89 7.20
C MET B 357 33.40 33.86 6.72
N VAL B 358 32.92 34.97 6.19
CA VAL B 358 31.53 35.11 5.80
C VAL B 358 31.32 34.81 4.31
N ASP B 359 32.40 34.83 3.54
CA ASP B 359 32.31 34.82 2.09
C ASP B 359 32.33 33.42 1.46
N GLY B 360 32.32 32.40 2.30
CA GLY B 360 32.33 31.03 1.80
C GLY B 360 32.22 29.99 2.89
N TRP B 361 32.06 28.72 2.50
CA TRP B 361 31.99 27.63 3.46
C TRP B 361 33.37 27.14 3.92
N TYR B 362 34.36 27.20 3.03
CA TYR B 362 35.71 26.79 3.37
C TYR B 362 36.66 27.83 2.79
N GLY B 363 37.85 27.95 3.37
CA GLY B 363 38.78 28.96 2.92
C GLY B 363 40.12 28.96 3.64
N TYR B 364 40.82 30.08 3.51
CA TYR B 364 42.18 30.19 4.00
C TYR B 364 42.32 31.37 4.92
N HIS B 365 43.25 31.25 5.86
CA HIS B 365 43.78 32.42 6.53
C HIS B 365 45.28 32.46 6.28
N HIS B 366 45.77 33.62 5.88
CA HIS B 366 47.18 33.77 5.54
C HIS B 366 47.82 34.89 6.35
N SER B 367 49.06 34.69 6.76
CA SER B 367 49.85 35.73 7.42
C SER B 367 51.16 35.90 6.69
N ASN B 368 51.48 37.14 6.36
CA ASN B 368 52.78 37.47 5.81
C ASN B 368 53.07 38.94 6.09
N ASP B 369 54.17 39.45 5.55
CA ASP B 369 54.58 40.82 5.81
C ASP B 369 53.51 41.85 5.44
N GLN B 370 52.67 41.52 4.47
CA GLN B 370 51.74 42.50 3.90
C GLN B 370 50.35 42.53 4.54
N GLY B 371 50.07 41.60 5.44
CA GLY B 371 48.74 41.55 6.04
C GLY B 371 48.23 40.15 6.33
N SER B 372 46.91 40.02 6.48
CA SER B 372 46.28 38.77 6.89
C SER B 372 44.86 39.03 7.40
N GLY B 373 43.86 38.31 6.89
CA GLY B 373 44.02 37.37 5.79
C GLY B 373 43.00 36.25 5.66
N TYR B 374 41.70 36.55 5.72
CA TYR B 374 40.66 35.55 5.47
C TYR B 374 40.24 35.56 3.99
N ALA B 375 40.15 34.38 3.39
CA ALA B 375 39.69 34.29 2.01
C ALA B 375 38.94 32.99 1.75
N ALA B 376 37.71 33.11 1.27
CA ALA B 376 36.93 31.94 0.96
C ALA B 376 37.53 31.24 -0.25
N ASP B 377 37.70 29.93 -0.17
CA ASP B 377 38.06 29.19 -1.36
C ASP B 377 36.81 29.06 -2.23
N LYS B 378 36.83 29.74 -3.36
CA LYS B 378 35.68 29.85 -4.23
C LYS B 378 35.31 28.53 -4.91
N GLU B 379 36.31 27.75 -5.27
CA GLU B 379 36.06 26.51 -5.98
C GLU B 379 35.32 25.47 -5.13
N SER B 380 35.82 25.19 -3.94
CA SER B 380 35.22 24.14 -3.11
C SER B 380 33.91 24.62 -2.48
N THR B 381 33.78 25.93 -2.32
CA THR B 381 32.54 26.49 -1.79
C THR B 381 31.40 26.27 -2.79
N GLN B 382 31.67 26.62 -4.04
CA GLN B 382 30.71 26.45 -5.13
C GLN B 382 30.32 24.99 -5.31
N LYS B 383 31.32 24.11 -5.27
CA LYS B 383 31.08 22.67 -5.32
C LYS B 383 30.06 22.30 -4.26
N ALA B 384 30.33 22.71 -3.03
CA ALA B 384 29.47 22.41 -1.90
C ALA B 384 28.08 23.00 -2.06
N PHE B 385 27.99 24.24 -2.53
CA PHE B 385 26.67 24.85 -2.73
C PHE B 385 25.87 24.06 -3.75
N ASP B 386 26.45 23.80 -4.91
CA ASP B 386 25.79 23.03 -5.96
C ASP B 386 25.38 21.64 -5.47
N GLY B 387 26.27 20.97 -4.74
CA GLY B 387 26.00 19.64 -4.24
C GLY B 387 24.81 19.57 -3.30
N ILE B 388 24.85 20.39 -2.24
CA ILE B 388 23.77 20.43 -1.26
C ILE B 388 22.45 20.84 -1.92
N THR B 389 22.52 21.79 -2.85
CA THR B 389 21.35 22.24 -3.59
C THR B 389 20.71 21.08 -4.36
N ASN B 390 21.57 20.23 -4.94
CA ASN B 390 21.08 19.07 -5.67
C ASN B 390 20.48 18.02 -4.74
N LYS B 391 21.09 17.86 -3.56
CA LYS B 391 20.62 16.88 -2.60
C LYS B 391 19.20 17.22 -2.11
N VAL B 392 19.03 18.46 -1.66
CA VAL B 392 17.73 18.94 -1.26
C VAL B 392 16.73 18.78 -2.41
N ASN B 393 17.14 19.18 -3.62
CA ASN B 393 16.27 19.04 -4.78
C ASN B 393 15.94 17.59 -5.14
N SER B 394 16.91 16.69 -4.99
CA SER B 394 16.63 15.27 -5.18
C SER B 394 15.49 14.82 -4.27
N VAL B 395 15.65 15.05 -2.97
CA VAL B 395 14.69 14.61 -1.98
C VAL B 395 13.30 15.21 -2.18
N ILE B 396 13.24 16.41 -2.74
CA ILE B 396 11.98 17.11 -2.93
C ILE B 396 11.35 16.90 -4.31
N GLU B 397 12.16 17.02 -5.37
CA GLU B 397 11.65 16.96 -6.74
C GLU B 397 11.20 15.56 -7.18
N LYS B 398 11.82 14.53 -6.62
CA LYS B 398 11.55 13.16 -7.04
C LYS B 398 10.21 12.65 -6.53
N MET B 399 9.62 13.39 -5.59
CA MET B 399 8.34 12.99 -5.02
C MET B 399 7.22 13.14 -6.05
N ASN B 400 6.69 12.01 -6.49
CA ASN B 400 5.53 11.98 -7.37
C ASN B 400 4.26 12.25 -6.57
N THR B 401 3.51 13.26 -6.99
CA THR B 401 2.32 13.66 -6.25
C THR B 401 1.10 13.82 -7.16
N GLN B 402 0.15 12.90 -7.05
CA GLN B 402 -1.07 12.98 -7.84
C GLN B 402 -2.30 13.27 -6.98
N PHE B 403 -3.36 13.73 -7.64
CA PHE B 403 -4.59 14.13 -6.98
C PHE B 403 -5.23 12.98 -6.22
N GLU B 404 -5.56 13.21 -4.96
CA GLU B 404 -6.27 12.22 -4.17
C GLU B 404 -7.26 12.85 -3.21
N ALA B 405 -8.35 12.13 -2.95
CA ALA B 405 -9.30 12.49 -1.91
C ALA B 405 -9.27 11.39 -0.86
N VAL B 406 -8.63 11.65 0.28
CA VAL B 406 -8.43 10.59 1.26
C VAL B 406 -9.74 10.08 1.84
N GLY B 407 -10.54 10.99 2.39
CA GLY B 407 -11.78 10.62 3.05
C GLY B 407 -12.77 9.88 2.16
N LYS B 408 -13.36 8.81 2.70
CA LYS B 408 -14.29 7.98 1.94
C LYS B 408 -15.60 7.76 2.70
N GLU B 409 -16.67 7.46 1.96
CA GLU B 409 -17.96 7.16 2.58
C GLU B 409 -18.28 5.65 2.57
N PHE B 410 -18.51 5.08 3.74
CA PHE B 410 -18.94 3.69 3.85
C PHE B 410 -20.16 3.57 4.74
N SER B 411 -21.14 2.75 4.35
CA SER B 411 -22.37 2.56 5.13
C SER B 411 -22.05 1.73 6.37
N ASN B 412 -23.02 1.60 7.27
CA ASN B 412 -22.84 0.86 8.50
C ASN B 412 -22.72 -0.65 8.29
N LEU B 413 -22.99 -1.10 7.06
CA LEU B 413 -22.83 -2.51 6.72
C LEU B 413 -21.65 -2.70 5.77
N GLU B 414 -20.71 -1.77 5.83
CA GLU B 414 -19.51 -1.85 5.02
C GLU B 414 -18.30 -1.60 5.89
N ARG B 415 -18.35 -2.15 7.11
CA ARG B 415 -17.28 -1.95 8.06
C ARG B 415 -15.98 -2.63 7.61
N ARG B 416 -16.10 -3.82 7.03
CA ARG B 416 -14.92 -4.52 6.54
C ARG B 416 -14.21 -3.69 5.47
N LEU B 417 -15.01 -3.08 4.60
CA LEU B 417 -14.51 -2.24 3.53
C LEU B 417 -13.81 -0.99 4.07
N GLU B 418 -14.50 -0.27 4.95
CA GLU B 418 -13.93 0.86 5.68
C GLU B 418 -12.61 0.45 6.33
N ASN B 419 -12.61 -0.73 6.95
CA ASN B 419 -11.42 -1.22 7.64
C ASN B 419 -10.27 -1.52 6.66
N LEU B 420 -10.61 -2.05 5.50
CA LEU B 420 -9.64 -2.27 4.43
C LEU B 420 -9.02 -0.94 4.04
N ASN B 421 -9.85 0.09 3.95
CA ASN B 421 -9.38 1.42 3.59
C ASN B 421 -8.44 1.99 4.65
N LYS B 422 -8.84 1.86 5.91
CA LYS B 422 -8.04 2.31 7.02
C LYS B 422 -6.69 1.60 7.03
N LYS B 423 -6.72 0.29 6.82
CA LYS B 423 -5.49 -0.51 6.86
C LYS B 423 -4.53 -0.10 5.75
N MET B 424 -5.08 0.25 4.60
CA MET B 424 -4.29 0.77 3.51
C MET B 424 -3.61 2.10 3.86
N GLU B 425 -4.38 3.07 4.36
CA GLU B 425 -3.83 4.39 4.68
C GLU B 425 -2.78 4.28 5.78
N ASP B 426 -3.09 3.51 6.83
CA ASP B 426 -2.11 3.23 7.88
C ASP B 426 -0.86 2.58 7.29
N GLY B 427 -1.05 1.68 6.34
CA GLY B 427 0.07 1.06 5.64
C GLY B 427 1.02 2.06 5.00
N PHE B 428 0.49 2.97 4.19
CA PHE B 428 1.36 3.94 3.54
C PHE B 428 1.90 4.94 4.56
N LEU B 429 1.13 5.15 5.62
CA LEU B 429 1.55 6.05 6.68
C LEU B 429 2.85 5.54 7.30
N ASP B 430 2.86 4.27 7.71
CA ASP B 430 4.02 3.62 8.29
C ASP B 430 5.24 3.58 7.34
N VAL B 431 4.98 3.24 6.07
CA VAL B 431 6.05 3.20 5.08
C VAL B 431 6.69 4.57 4.90
N TRP B 432 5.88 5.58 4.61
CA TRP B 432 6.36 6.93 4.37
C TRP B 432 7.03 7.57 5.59
N THR B 433 6.48 7.30 6.77
CA THR B 433 7.05 7.87 7.98
C THR B 433 8.42 7.25 8.25
N TYR B 434 8.48 5.91 8.29
CA TYR B 434 9.74 5.22 8.51
C TYR B 434 10.79 5.66 7.50
N ASN B 435 10.42 5.62 6.22
CA ASN B 435 11.36 5.95 5.16
C ASN B 435 11.84 7.41 5.18
N ALA B 436 10.94 8.34 5.51
CA ALA B 436 11.32 9.75 5.60
C ALA B 436 12.26 10.00 6.79
N GLU B 437 11.89 9.48 7.96
CA GLU B 437 12.75 9.57 9.13
C GLU B 437 14.15 9.02 8.85
N LEU B 438 14.22 7.85 8.21
CA LEU B 438 15.52 7.24 7.94
C LEU B 438 16.32 7.96 6.85
N LEU B 439 15.62 8.41 5.81
CA LEU B 439 16.25 9.16 4.74
C LEU B 439 17.01 10.35 5.33
N VAL B 440 16.31 11.11 6.16
CA VAL B 440 16.88 12.32 6.76
C VAL B 440 18.08 11.99 7.64
N LEU B 441 17.93 11.01 8.52
CA LEU B 441 19.05 10.57 9.35
C LEU B 441 20.26 10.19 8.50
N MET B 442 20.02 9.52 7.37
CA MET B 442 21.11 9.03 6.54
C MET B 442 21.74 10.13 5.71
N GLU B 443 20.90 11.02 5.19
CA GLU B 443 21.37 12.13 4.39
C GLU B 443 22.14 13.14 5.22
N ASN B 444 21.70 13.36 6.46
CA ASN B 444 22.37 14.29 7.37
C ASN B 444 23.75 13.74 7.74
N GLU B 445 23.81 12.44 7.94
CA GLU B 445 25.06 11.77 8.19
C GLU B 445 26.06 12.05 7.06
N ARG B 446 25.59 11.94 5.82
CA ARG B 446 26.45 12.07 4.66
C ARG B 446 26.78 13.53 4.33
N THR B 447 25.88 14.43 4.71
CA THR B 447 26.12 15.85 4.51
C THR B 447 27.26 16.35 5.39
N LEU B 448 27.24 15.98 6.66
CA LEU B 448 28.35 16.28 7.55
C LEU B 448 29.67 15.72 7.01
N ASP B 449 29.65 14.49 6.51
CA ASP B 449 30.88 13.86 6.02
C ASP B 449 31.37 14.49 4.72
N PHE B 450 30.43 15.00 3.94
CA PHE B 450 30.75 15.70 2.69
C PHE B 450 31.53 16.97 3.02
N HIS B 451 31.01 17.75 3.97
CA HIS B 451 31.70 18.96 4.40
C HIS B 451 33.08 18.60 4.95
N ASP B 452 33.14 17.55 5.76
CA ASP B 452 34.39 17.11 6.36
C ASP B 452 35.39 16.81 5.24
N SER B 453 34.95 16.02 4.27
CA SER B 453 35.79 15.67 3.13
C SER B 453 36.26 16.90 2.37
N ASN B 454 35.35 17.83 2.15
CA ASN B 454 35.68 19.05 1.42
C ASN B 454 36.84 19.83 2.05
N VAL B 455 36.82 19.92 3.39
CA VAL B 455 37.87 20.59 4.13
C VAL B 455 39.15 19.76 4.07
N LYS B 456 39.02 18.47 4.26
CA LYS B 456 40.17 17.57 4.17
C LYS B 456 40.84 17.67 2.80
N ASN B 457 40.06 17.63 1.72
CA ASN B 457 40.61 17.79 0.37
C ASN B 457 41.27 19.15 0.15
N LEU B 458 40.66 20.19 0.70
CA LEU B 458 41.20 21.54 0.57
C LEU B 458 42.58 21.63 1.20
N TYR B 459 42.71 21.06 2.40
CA TYR B 459 43.96 21.02 3.15
C TYR B 459 45.01 20.20 2.40
N ASP B 460 44.58 19.07 1.85
CA ASP B 460 45.49 18.25 1.07
C ASP B 460 45.92 18.95 -0.21
N LYS B 461 45.03 19.75 -0.79
CA LYS B 461 45.35 20.49 -2.01
C LYS B 461 46.55 21.40 -1.77
N VAL B 462 46.51 22.11 -0.65
CA VAL B 462 47.61 23.00 -0.27
C VAL B 462 48.86 22.17 0.02
N ARG B 463 48.71 21.14 0.85
CA ARG B 463 49.82 20.30 1.24
C ARG B 463 50.58 19.73 0.05
N MET B 464 49.85 19.19 -0.92
CA MET B 464 50.46 18.55 -2.07
C MET B 464 51.17 19.56 -2.98
N GLN B 465 50.71 20.80 -2.98
CA GLN B 465 51.40 21.85 -3.71
C GLN B 465 52.68 22.21 -2.98
N LEU B 466 52.56 22.49 -1.69
CA LEU B 466 53.68 23.03 -0.93
C LEU B 466 54.80 22.01 -0.70
N ARG B 467 54.42 20.74 -0.58
CA ARG B 467 55.39 19.68 -0.36
C ARG B 467 56.36 20.06 0.77
N ASP B 468 57.66 19.98 0.53
CA ASP B 468 58.61 20.32 1.59
C ASP B 468 59.09 21.79 1.60
N ASN B 469 58.51 22.62 0.74
CA ASN B 469 58.71 24.06 0.81
C ASN B 469 57.96 24.62 2.03
N VAL B 470 57.24 23.77 2.75
CA VAL B 470 56.60 24.17 4.01
C VAL B 470 56.52 23.04 5.04
N LYS B 471 56.29 23.43 6.30
CA LYS B 471 56.16 22.49 7.39
C LYS B 471 54.72 22.45 7.89
N GLU B 472 54.20 21.24 8.13
CA GLU B 472 52.84 21.08 8.65
C GLU B 472 52.78 21.36 10.16
N LEU B 473 52.04 22.40 10.50
CA LEU B 473 52.13 23.02 11.82
C LEU B 473 51.16 22.48 12.86
N GLY B 474 50.11 21.82 12.39
CA GLY B 474 49.02 21.46 13.27
C GLY B 474 47.80 22.30 12.92
N ASN B 475 46.68 22.02 13.57
CA ASN B 475 45.34 22.42 13.10
C ASN B 475 45.24 23.31 11.85
N GLY B 476 45.55 22.70 10.71
CA GLY B 476 45.25 23.26 9.41
C GLY B 476 46.26 24.25 8.86
N CYS B 477 47.36 24.45 9.57
CA CYS B 477 48.29 25.51 9.23
C CYS B 477 49.57 25.03 8.59
N PHE B 478 50.07 25.82 7.65
CA PHE B 478 51.35 25.55 7.03
C PHE B 478 52.29 26.73 7.32
N GLU B 479 53.52 26.42 7.67
CA GLU B 479 54.53 27.46 7.82
C GLU B 479 55.51 27.32 6.68
N PHE B 480 55.66 28.39 5.91
CA PHE B 480 56.52 28.37 4.73
C PHE B 480 57.99 28.41 5.11
N TYR B 481 58.81 27.73 4.32
CA TYR B 481 60.25 27.83 4.48
C TYR B 481 60.80 28.92 3.57
N HIS B 482 59.91 29.77 3.08
CA HIS B 482 60.30 30.85 2.17
C HIS B 482 59.28 31.98 2.23
N LYS B 483 59.69 33.15 1.77
CA LYS B 483 58.81 34.31 1.78
C LYS B 483 57.67 34.14 0.79
N CYS B 484 56.45 34.30 1.27
CA CYS B 484 55.27 34.14 0.42
C CYS B 484 54.39 35.38 0.49
N ASP B 485 54.65 36.34 -0.40
CA ASP B 485 53.86 37.56 -0.45
C ASP B 485 52.48 37.29 -1.04
N ASP B 486 51.65 38.33 -1.08
CA ASP B 486 50.26 38.19 -1.50
C ASP B 486 50.09 37.47 -2.84
N GLU B 487 51.03 37.67 -3.76
CA GLU B 487 50.93 37.03 -5.06
C GLU B 487 51.19 35.53 -4.93
N CYS B 488 52.14 35.19 -4.07
CA CYS B 488 52.44 33.79 -3.76
C CYS B 488 51.21 33.11 -3.10
N MET B 489 50.64 33.78 -2.11
CA MET B 489 49.43 33.31 -1.43
C MET B 489 48.32 33.03 -2.45
N ASN B 490 48.14 33.97 -3.37
CA ASN B 490 47.15 33.80 -4.43
C ASN B 490 47.34 32.50 -5.20
N SER B 491 48.56 32.27 -5.68
CA SER B 491 48.85 31.07 -6.46
C SER B 491 48.55 29.80 -5.65
N VAL B 492 48.74 29.88 -4.33
CA VAL B 492 48.39 28.76 -3.47
C VAL B 492 46.87 28.62 -3.39
N LYS B 493 46.20 29.74 -3.17
CA LYS B 493 44.74 29.78 -3.05
C LYS B 493 44.03 29.24 -4.29
N ASN B 494 44.60 29.48 -5.47
CA ASN B 494 43.99 29.03 -6.72
C ASN B 494 44.75 27.90 -7.41
N GLY B 495 45.58 27.18 -6.66
CA GLY B 495 46.18 25.95 -7.14
C GLY B 495 47.25 26.08 -8.22
N THR B 496 47.91 27.23 -8.28
CA THR B 496 49.02 27.40 -9.22
C THR B 496 50.34 27.74 -8.52
N TYR B 497 50.52 27.24 -7.30
CA TYR B 497 51.77 27.43 -6.58
C TYR B 497 52.94 26.98 -7.46
N ASP B 498 54.10 27.60 -7.28
CA ASP B 498 55.27 27.26 -8.08
C ASP B 498 56.38 26.70 -7.19
N TYR B 499 56.36 25.38 -6.99
CA TYR B 499 57.32 24.73 -6.10
C TYR B 499 58.80 24.99 -6.46
N PRO B 500 59.20 24.73 -7.71
CA PRO B 500 60.61 24.88 -8.12
C PRO B 500 61.19 26.26 -7.82
N LYS B 501 60.37 27.30 -7.90
CA LYS B 501 60.85 28.65 -7.64
C LYS B 501 61.35 28.90 -6.22
N TYR B 502 60.81 28.20 -5.22
CA TYR B 502 61.00 28.62 -3.83
C TYR B 502 61.86 27.76 -2.90
N GLU B 503 63.09 27.43 -3.29
CA GLU B 503 64.09 26.98 -2.33
C GLU B 503 65.36 27.73 -2.62
N GLU B 504 65.83 28.67 -1.77
CA GLU B 504 65.50 28.93 -0.35
C GLU B 504 64.93 27.91 0.63
N GLU B 505 64.87 26.64 0.26
CA GLU B 505 64.55 25.62 1.25
C GLU B 505 65.87 25.15 1.85
N SER B 506 66.79 26.09 1.97
CA SER B 506 68.01 25.90 2.75
C SER B 506 67.67 26.25 4.19
N LYS B 507 66.57 27.00 4.35
CA LYS B 507 66.04 27.28 5.67
C LYS B 507 65.49 26.01 6.29
N ALA B 508 64.86 25.17 5.46
CA ALA B 508 64.40 23.87 5.92
C ALA B 508 65.53 23.10 6.59
N ALA B 509 66.77 23.48 6.28
CA ALA B 509 67.96 22.88 6.89
C ALA B 509 68.97 23.95 7.32
N GLN C 17 60.63 7.15 -12.33
CA GLN C 17 59.42 7.53 -11.63
C GLN C 17 58.27 6.53 -11.79
N ILE C 18 57.19 6.77 -11.04
CA ILE C 18 56.00 5.93 -11.14
C ILE C 18 54.77 6.72 -10.71
N CYS C 19 53.70 6.61 -11.50
CA CYS C 19 52.46 7.36 -11.27
C CYS C 19 51.27 6.43 -11.07
N ILE C 20 50.40 6.79 -10.13
CA ILE C 20 49.12 6.12 -9.96
C ILE C 20 48.09 6.79 -10.85
N GLY C 21 47.18 6.01 -11.42
CA GLY C 21 46.13 6.57 -12.27
C GLY C 21 44.95 5.63 -12.45
N TYR C 22 43.98 6.06 -13.25
CA TYR C 22 42.76 5.30 -13.43
C TYR C 22 42.27 5.30 -14.88
N HIS C 23 41.38 4.36 -15.18
CA HIS C 23 40.86 4.15 -16.52
C HIS C 23 40.00 5.32 -17.02
N ALA C 24 40.13 5.62 -18.30
CA ALA C 24 39.23 6.53 -18.99
C ALA C 24 38.89 5.90 -20.32
N ASN C 25 37.81 6.35 -20.95
CA ASN C 25 37.40 5.79 -22.24
C ASN C 25 36.55 6.77 -23.01
N ASN C 26 35.83 6.29 -24.03
CA ASN C 26 35.06 7.18 -24.88
C ASN C 26 33.56 7.14 -24.63
N SER C 27 33.19 6.73 -23.41
CA SER C 27 31.79 6.66 -23.00
C SER C 27 31.16 8.05 -22.90
N THR C 28 29.86 8.10 -23.18
CA THR C 28 29.07 9.30 -22.98
C THR C 28 27.90 8.97 -22.08
N GLU C 29 27.95 7.79 -21.46
CA GLU C 29 26.93 7.37 -20.49
C GLU C 29 26.78 8.40 -19.38
N LYS C 30 25.54 8.81 -19.13
CA LYS C 30 25.26 9.80 -18.11
C LYS C 30 24.51 9.15 -16.94
N VAL C 31 24.96 9.42 -15.72
CA VAL C 31 24.19 9.10 -14.53
C VAL C 31 24.00 10.34 -13.67
N ASP C 32 23.01 10.29 -12.80
CA ASP C 32 22.77 11.32 -11.79
C ASP C 32 23.11 10.74 -10.41
N THR C 33 23.59 11.59 -9.52
CA THR C 33 23.79 11.21 -8.13
C THR C 33 23.03 12.20 -7.25
N ILE C 34 22.94 11.93 -5.95
CA ILE C 34 22.29 12.85 -5.03
C ILE C 34 22.92 14.24 -5.10
N LEU C 35 24.22 14.31 -5.30
CA LEU C 35 24.92 15.59 -5.28
C LEU C 35 25.11 16.19 -6.67
N GLU C 36 24.99 15.38 -7.71
CA GLU C 36 25.37 15.81 -9.04
C GLU C 36 24.44 15.31 -10.13
N ARG C 37 24.28 16.11 -11.18
CA ARG C 37 23.48 15.73 -12.34
C ARG C 37 24.37 15.53 -13.55
N ASN C 38 24.05 14.55 -14.38
CA ASN C 38 24.72 14.35 -15.67
C ASN C 38 26.21 14.12 -15.59
N VAL C 39 26.61 13.12 -14.80
CA VAL C 39 28.00 12.74 -14.68
C VAL C 39 28.31 11.68 -15.74
N THR C 40 29.32 11.94 -16.56
CA THR C 40 29.74 10.94 -17.53
C THR C 40 30.55 9.85 -16.83
N VAL C 41 30.16 8.60 -17.04
CA VAL C 41 30.87 7.48 -16.45
C VAL C 41 31.39 6.48 -17.50
N THR C 42 32.47 5.78 -17.15
CA THR C 42 33.08 4.80 -18.05
C THR C 42 32.13 3.68 -18.45
N HIS C 43 31.30 3.23 -17.50
CA HIS C 43 30.29 2.19 -17.74
C HIS C 43 29.11 2.39 -16.81
N ALA C 44 27.92 2.00 -17.25
CA ALA C 44 26.71 2.12 -16.43
C ALA C 44 25.66 1.07 -16.80
N LYS C 45 24.78 0.74 -15.86
CA LYS C 45 23.74 -0.25 -16.13
C LYS C 45 22.32 0.26 -15.87
N ASP C 46 21.52 0.27 -16.93
CA ASP C 46 20.12 0.64 -16.86
C ASP C 46 19.37 -0.40 -16.06
N ILE C 47 18.58 0.00 -15.09
CA ILE C 47 17.76 -0.98 -14.35
C ILE C 47 16.28 -0.77 -14.54
N LEU C 48 15.91 0.02 -15.55
CA LEU C 48 14.51 0.25 -15.87
C LEU C 48 14.21 -0.38 -17.20
N GLU C 49 13.32 -1.38 -17.22
CA GLU C 49 12.96 -2.02 -18.50
C GLU C 49 11.97 -1.16 -19.28
N LYS C 50 12.31 -0.86 -20.54
CA LYS C 50 11.48 0.02 -21.36
C LYS C 50 10.98 -0.58 -22.68
N THR C 51 11.36 -1.82 -22.98
CA THR C 51 10.95 -2.42 -24.23
C THR C 51 10.10 -3.69 -24.08
N HIS C 52 9.15 -3.84 -25.00
CA HIS C 52 8.33 -5.04 -25.09
C HIS C 52 8.44 -5.60 -26.50
N ASN C 53 7.96 -6.82 -26.71
CA ASN C 53 8.06 -7.45 -28.03
C ASN C 53 6.87 -7.12 -28.95
N GLY C 54 5.97 -6.28 -28.49
CA GLY C 54 4.82 -5.90 -29.28
C GLY C 54 3.91 -7.07 -29.63
N LYS C 55 4.05 -8.17 -28.92
CA LYS C 55 3.25 -9.35 -29.19
C LYS C 55 2.45 -9.85 -27.98
N LEU C 56 1.34 -10.51 -28.27
CA LEU C 56 0.52 -11.17 -27.26
C LEU C 56 0.97 -12.62 -27.19
N CYS C 57 1.28 -13.10 -25.99
CA CYS C 57 1.96 -14.39 -25.86
C CYS C 57 1.29 -15.39 -24.92
N ARG C 58 1.75 -16.64 -24.99
CA ARG C 58 1.36 -17.65 -24.02
C ARG C 58 2.02 -17.34 -22.68
N LEU C 59 1.40 -17.77 -21.60
CA LEU C 59 1.89 -17.47 -20.27
C LEU C 59 2.36 -18.76 -19.60
N SER C 60 3.67 -18.94 -19.51
CA SER C 60 4.22 -20.18 -18.94
C SER C 60 3.61 -21.41 -19.60
N GLY C 61 3.59 -21.40 -20.93
CA GLY C 61 3.14 -22.54 -21.69
C GLY C 61 1.68 -22.48 -22.12
N ILE C 62 0.91 -21.61 -21.49
CA ILE C 62 -0.55 -21.62 -21.66
C ILE C 62 -1.11 -20.35 -22.31
N PRO C 63 -1.94 -20.51 -23.34
CA PRO C 63 -2.46 -19.37 -24.09
C PRO C 63 -3.62 -18.68 -23.37
N PRO C 64 -3.94 -17.47 -23.82
CA PRO C 64 -5.13 -16.76 -23.32
C PRO C 64 -6.36 -17.35 -23.98
N LEU C 65 -7.52 -17.17 -23.35
CA LEU C 65 -8.79 -17.35 -24.02
C LEU C 65 -9.07 -16.08 -24.83
N GLU C 66 -9.37 -16.22 -26.11
CA GLU C 66 -9.54 -15.06 -26.98
C GLU C 66 -11.00 -14.85 -27.37
N LEU C 67 -11.60 -13.75 -26.93
CA LEU C 67 -13.04 -13.59 -27.09
C LEU C 67 -13.47 -12.63 -28.18
N GLY C 68 -12.51 -12.00 -28.85
CA GLY C 68 -12.81 -11.06 -29.91
C GLY C 68 -13.66 -9.93 -29.38
N ASP C 69 -14.76 -9.62 -30.07
CA ASP C 69 -15.68 -8.61 -29.56
C ASP C 69 -16.92 -9.27 -28.96
N CYS C 70 -16.71 -10.42 -28.31
CA CYS C 70 -17.74 -11.06 -27.52
C CYS C 70 -17.37 -10.91 -26.05
N SER C 71 -18.36 -10.55 -25.23
CA SER C 71 -18.17 -10.49 -23.79
C SER C 71 -18.32 -11.90 -23.23
N ILE C 72 -17.93 -12.08 -21.97
CA ILE C 72 -18.00 -13.39 -21.35
C ILE C 72 -19.43 -13.92 -21.25
N ALA C 73 -20.37 -13.03 -20.90
CA ALA C 73 -21.77 -13.44 -20.87
C ALA C 73 -22.22 -13.89 -22.26
N GLY C 74 -21.94 -13.07 -23.27
CA GLY C 74 -22.27 -13.42 -24.64
C GLY C 74 -21.72 -14.79 -25.00
N TRP C 75 -20.50 -15.05 -24.56
CA TRP C 75 -19.86 -16.33 -24.84
C TRP C 75 -20.51 -17.51 -24.09
N LEU C 76 -20.71 -17.37 -22.78
CA LEU C 76 -21.24 -18.48 -22.00
C LEU C 76 -22.72 -18.75 -22.29
N LEU C 77 -23.47 -17.69 -22.57
CA LEU C 77 -24.89 -17.83 -22.90
C LEU C 77 -25.06 -18.39 -24.31
N GLY C 78 -24.07 -18.14 -25.16
CA GLY C 78 -24.10 -18.63 -26.52
C GLY C 78 -24.81 -17.68 -27.46
N ASN C 79 -24.56 -16.38 -27.28
CA ASN C 79 -25.01 -15.40 -28.25
C ASN C 79 -24.61 -15.92 -29.64
N PRO C 80 -25.56 -15.93 -30.59
CA PRO C 80 -25.33 -16.47 -31.94
C PRO C 80 -24.14 -15.81 -32.61
N GLU C 81 -23.91 -14.55 -32.27
CA GLU C 81 -22.83 -13.80 -32.89
C GLU C 81 -21.47 -14.33 -32.46
N CYS C 82 -21.46 -15.20 -31.44
CA CYS C 82 -20.21 -15.70 -30.86
C CYS C 82 -19.87 -17.14 -31.23
N ASP C 83 -20.57 -17.70 -32.21
CA ASP C 83 -20.40 -19.11 -32.56
C ASP C 83 -19.00 -19.47 -33.03
N ARG C 84 -18.42 -18.63 -33.88
CA ARG C 84 -17.13 -18.96 -34.46
C ARG C 84 -16.00 -18.55 -33.54
N LEU C 85 -16.31 -18.52 -32.24
CA LEU C 85 -15.34 -18.12 -31.23
C LEU C 85 -14.28 -19.21 -31.01
N LEU C 86 -14.72 -20.43 -30.78
CA LEU C 86 -13.80 -21.55 -30.54
C LEU C 86 -12.87 -21.28 -29.36
N SER C 87 -13.22 -21.85 -28.22
CA SER C 87 -12.45 -21.68 -27.01
C SER C 87 -11.31 -22.70 -26.93
N VAL C 88 -10.51 -22.57 -25.89
CA VAL C 88 -9.51 -23.57 -25.55
C VAL C 88 -9.98 -24.31 -24.30
N PRO C 89 -9.38 -25.48 -24.01
CA PRO C 89 -9.76 -26.27 -22.83
C PRO C 89 -9.05 -25.77 -21.58
N GLU C 90 -7.97 -25.01 -21.78
CA GLU C 90 -7.21 -24.44 -20.68
C GLU C 90 -6.72 -23.07 -21.10
N TRP C 91 -6.66 -22.14 -20.14
CA TRP C 91 -6.13 -20.81 -20.43
C TRP C 91 -5.55 -20.12 -19.21
N SER C 92 -4.59 -19.21 -19.43
CA SER C 92 -3.88 -18.55 -18.34
C SER C 92 -4.39 -17.14 -18.08
N TYR C 93 -5.12 -16.59 -19.06
CA TYR C 93 -5.80 -15.30 -18.91
C TYR C 93 -6.81 -15.07 -20.03
N ILE C 94 -7.53 -13.96 -19.97
CA ILE C 94 -8.57 -13.70 -20.96
C ILE C 94 -8.28 -12.41 -21.71
N VAL C 95 -8.45 -12.45 -23.02
CA VAL C 95 -8.31 -11.26 -23.84
C VAL C 95 -9.67 -10.84 -24.38
N GLU C 96 -10.03 -9.59 -24.13
CA GLU C 96 -11.31 -9.06 -24.57
C GLU C 96 -11.00 -7.75 -25.27
N LYS C 97 -11.78 -7.41 -26.29
CA LYS C 97 -11.67 -6.08 -26.88
C LYS C 97 -12.11 -5.08 -25.82
N GLU C 98 -11.61 -3.87 -25.92
CA GLU C 98 -11.91 -2.82 -24.93
C GLU C 98 -13.40 -2.74 -24.64
N ASN C 99 -14.20 -2.73 -25.70
CA ASN C 99 -15.66 -2.68 -25.58
C ASN C 99 -16.34 -3.74 -26.46
N PRO C 100 -16.62 -4.91 -25.87
CA PRO C 100 -17.25 -6.02 -26.59
C PRO C 100 -18.54 -5.57 -27.25
N VAL C 101 -18.82 -6.11 -28.43
CA VAL C 101 -20.01 -5.76 -29.18
C VAL C 101 -21.13 -6.78 -28.97
N ASN C 102 -20.76 -7.98 -28.53
CA ASN C 102 -21.72 -9.07 -28.42
C ASN C 102 -21.85 -9.61 -27.01
N GLY C 103 -22.92 -9.20 -26.33
CA GLY C 103 -23.20 -9.66 -24.99
C GLY C 103 -24.62 -10.17 -24.93
N LEU C 104 -25.47 -9.46 -24.20
CA LEU C 104 -26.87 -9.83 -24.08
C LEU C 104 -27.69 -9.27 -25.24
N CYS C 105 -27.82 -10.05 -26.30
CA CYS C 105 -28.56 -9.57 -27.46
C CYS C 105 -30.03 -9.40 -27.09
N TYR C 106 -30.58 -10.34 -26.34
CA TYR C 106 -31.84 -10.06 -25.69
C TYR C 106 -31.47 -9.25 -24.45
N PRO C 107 -32.11 -8.08 -24.29
CA PRO C 107 -31.71 -7.16 -23.22
C PRO C 107 -31.98 -7.72 -21.82
N GLY C 108 -31.12 -7.39 -20.87
CA GLY C 108 -31.31 -7.84 -19.51
C GLY C 108 -30.17 -7.48 -18.60
N SER C 109 -29.79 -8.45 -17.77
CA SER C 109 -28.71 -8.25 -16.83
C SER C 109 -28.22 -9.59 -16.30
N PHE C 110 -27.11 -9.54 -15.57
CA PHE C 110 -26.43 -10.75 -15.12
C PHE C 110 -25.99 -10.53 -13.68
N ASN C 111 -26.58 -11.27 -12.75
CA ASN C 111 -26.27 -11.10 -11.32
C ASN C 111 -24.87 -11.59 -10.98
N ASP C 112 -24.13 -10.78 -10.24
CA ASP C 112 -22.76 -11.12 -9.83
C ASP C 112 -21.87 -11.47 -11.01
N TYR C 113 -22.02 -10.71 -12.10
CA TYR C 113 -21.28 -10.94 -13.33
C TYR C 113 -19.78 -10.84 -13.11
N GLU C 114 -19.36 -9.77 -12.44
CA GLU C 114 -17.94 -9.51 -12.25
C GLU C 114 -17.29 -10.63 -11.44
N GLU C 115 -18.01 -11.15 -10.46
CA GLU C 115 -17.48 -12.28 -9.67
C GLU C 115 -17.32 -13.51 -10.55
N LEU C 116 -18.24 -13.71 -11.50
CA LEU C 116 -18.12 -14.79 -12.47
C LEU C 116 -16.85 -14.63 -13.33
N LYS C 117 -16.70 -13.46 -13.96
CA LYS C 117 -15.52 -13.18 -14.76
C LYS C 117 -14.24 -13.47 -13.99
N HIS C 118 -14.18 -12.99 -12.74
CA HIS C 118 -12.99 -13.17 -11.94
C HIS C 118 -12.74 -14.65 -11.70
N LEU C 119 -13.80 -15.41 -11.55
CA LEU C 119 -13.69 -16.83 -11.29
C LEU C 119 -13.12 -17.63 -12.48
N ILE C 120 -13.32 -17.15 -13.70
CA ILE C 120 -12.89 -17.92 -14.87
C ILE C 120 -11.67 -17.35 -15.60
N THR C 121 -11.03 -16.34 -15.03
CA THR C 121 -9.87 -15.73 -15.68
C THR C 121 -8.75 -16.74 -15.94
N SER C 122 -8.70 -17.80 -15.13
CA SER C 122 -7.64 -18.79 -15.25
C SER C 122 -8.11 -20.18 -14.88
N VAL C 123 -8.19 -21.05 -15.88
CA VAL C 123 -8.73 -22.39 -15.64
C VAL C 123 -7.81 -23.51 -16.11
N THR C 124 -8.24 -24.74 -15.79
CA THR C 124 -7.48 -25.93 -16.10
C THR C 124 -8.21 -27.11 -15.50
N HIS C 125 -9.23 -27.61 -16.20
CA HIS C 125 -9.57 -27.13 -17.54
C HIS C 125 -11.04 -26.66 -17.63
N PHE C 126 -11.55 -26.59 -18.85
CA PHE C 126 -12.89 -26.08 -19.10
C PHE C 126 -13.57 -26.94 -20.16
N GLU C 127 -14.82 -27.33 -19.91
CA GLU C 127 -15.51 -28.23 -20.83
C GLU C 127 -17.03 -28.10 -20.76
N LYS C 128 -17.63 -27.66 -21.85
CA LYS C 128 -19.08 -27.60 -21.95
C LYS C 128 -19.69 -28.99 -21.99
N VAL C 129 -20.82 -29.19 -21.30
CA VAL C 129 -21.52 -30.47 -21.32
C VAL C 129 -23.04 -30.29 -21.39
N LYS C 130 -23.73 -31.24 -21.99
CA LYS C 130 -25.17 -31.14 -22.17
C LYS C 130 -25.96 -31.71 -20.99
N ILE C 131 -26.02 -30.96 -19.90
CA ILE C 131 -26.65 -31.43 -18.67
C ILE C 131 -28.17 -31.59 -18.74
N LEU C 132 -28.84 -30.79 -19.57
CA LEU C 132 -30.29 -30.85 -19.64
C LEU C 132 -30.80 -30.81 -21.08
N PRO C 133 -30.65 -31.94 -21.81
CA PRO C 133 -31.02 -31.98 -23.22
C PRO C 133 -32.40 -31.36 -23.43
N ARG C 134 -32.51 -30.45 -24.38
CA ARG C 134 -33.75 -29.71 -24.55
C ARG C 134 -34.88 -30.55 -25.14
N ASP C 135 -34.53 -31.67 -25.75
CA ASP C 135 -35.53 -32.60 -26.28
C ASP C 135 -36.47 -33.06 -25.19
N GLN C 136 -35.98 -33.12 -23.97
CA GLN C 136 -36.74 -33.70 -22.87
C GLN C 136 -37.70 -32.73 -22.20
N TRP C 137 -37.83 -31.52 -22.75
CA TRP C 137 -38.87 -30.60 -22.28
C TRP C 137 -40.13 -30.89 -23.09
N THR C 138 -40.65 -32.11 -22.94
CA THR C 138 -41.71 -32.60 -23.82
C THR C 138 -43.07 -31.95 -23.60
N GLN C 139 -43.25 -31.30 -22.47
CA GLN C 139 -44.54 -30.67 -22.16
C GLN C 139 -44.50 -29.16 -22.32
N HIS C 140 -43.42 -28.67 -22.93
CA HIS C 140 -43.29 -27.25 -23.20
C HIS C 140 -42.72 -27.03 -24.58
N THR C 141 -42.95 -25.83 -25.11
CA THR C 141 -42.36 -25.41 -26.36
C THR C 141 -40.98 -24.83 -26.06
N THR C 142 -39.99 -25.27 -26.82
CA THR C 142 -38.61 -24.89 -26.57
C THR C 142 -38.00 -24.10 -27.71
N THR C 143 -38.82 -23.78 -28.71
CA THR C 143 -38.32 -23.14 -29.93
C THR C 143 -38.37 -21.62 -29.88
N GLY C 144 -38.70 -21.06 -28.73
CA GLY C 144 -38.86 -19.62 -28.60
C GLY C 144 -37.57 -18.87 -28.87
N GLY C 145 -37.70 -17.76 -29.58
CA GLY C 145 -36.59 -16.87 -29.83
C GLY C 145 -37.06 -15.46 -30.08
N SER C 146 -36.14 -14.58 -30.46
CA SER C 146 -36.46 -13.17 -30.57
C SER C 146 -35.68 -12.51 -31.68
N ARG C 147 -36.30 -11.53 -32.33
CA ARG C 147 -35.62 -10.78 -33.38
C ARG C 147 -34.49 -9.93 -32.79
N ALA C 148 -34.36 -9.96 -31.46
CA ALA C 148 -33.25 -9.28 -30.79
C ALA C 148 -31.96 -10.09 -30.92
N CYS C 149 -32.11 -11.37 -31.20
CA CYS C 149 -30.97 -12.26 -31.37
C CYS C 149 -30.97 -12.78 -32.80
N ALA C 150 -31.60 -12.00 -33.67
CA ALA C 150 -31.83 -12.39 -35.05
C ALA C 150 -30.61 -12.97 -35.74
N VAL C 151 -30.77 -14.16 -36.30
CA VAL C 151 -29.80 -14.67 -37.24
C VAL C 151 -30.41 -14.70 -38.65
N LEU C 152 -29.99 -13.75 -39.48
CA LEU C 152 -30.09 -13.91 -40.92
C LEU C 152 -31.48 -13.88 -41.60
N ASP C 153 -32.43 -13.08 -41.16
CA ASP C 153 -32.44 -12.40 -39.87
C ASP C 153 -33.75 -12.82 -39.24
N ASN C 154 -33.80 -14.08 -38.85
CA ASN C 154 -34.99 -14.67 -38.27
C ASN C 154 -34.79 -14.71 -36.78
N PRO C 155 -35.89 -14.76 -36.02
CA PRO C 155 -35.70 -14.80 -34.57
C PRO C 155 -34.73 -15.91 -34.22
N SER C 156 -33.91 -15.69 -33.20
CA SER C 156 -33.04 -16.73 -32.68
C SER C 156 -32.88 -16.51 -31.18
N PHE C 157 -31.90 -17.17 -30.58
CA PHE C 157 -31.75 -17.07 -29.13
C PHE C 157 -30.36 -17.51 -28.71
N PHE C 158 -30.01 -17.26 -27.45
CA PHE C 158 -28.78 -17.77 -26.87
C PHE C 158 -28.78 -19.26 -27.09
N ARG C 159 -27.69 -19.78 -27.64
CA ARG C 159 -27.67 -21.16 -28.10
C ARG C 159 -27.44 -22.17 -26.98
N ASN C 160 -26.93 -21.72 -25.85
CA ASN C 160 -26.74 -22.62 -24.72
C ASN C 160 -27.97 -22.67 -23.83
N MET C 161 -28.90 -21.75 -24.06
CA MET C 161 -30.05 -21.59 -23.19
C MET C 161 -31.32 -22.04 -23.89
N VAL C 162 -32.39 -22.19 -23.10
CA VAL C 162 -33.67 -22.67 -23.62
C VAL C 162 -34.82 -21.83 -23.09
N TRP C 163 -35.47 -21.12 -24.01
CA TRP C 163 -36.65 -20.34 -23.68
C TRP C 163 -37.88 -21.25 -23.69
N LEU C 164 -38.39 -21.59 -22.50
CA LEU C 164 -39.58 -22.43 -22.43
C LEU C 164 -40.83 -21.57 -22.55
N THR C 165 -41.79 -22.02 -23.34
CA THR C 165 -43.06 -21.31 -23.45
C THR C 165 -44.22 -22.30 -23.50
N LYS C 166 -45.44 -21.79 -23.38
CA LYS C 166 -46.61 -22.65 -23.31
C LYS C 166 -46.68 -23.55 -24.54
N LYS C 167 -47.17 -24.77 -24.35
CA LYS C 167 -47.35 -25.72 -25.44
C LYS C 167 -48.83 -25.78 -25.79
N GLY C 168 -49.16 -25.29 -26.98
CA GLY C 168 -50.55 -25.08 -27.35
C GLY C 168 -51.06 -23.89 -26.57
N SER C 169 -51.71 -24.17 -25.44
CA SER C 169 -52.16 -23.11 -24.55
C SER C 169 -52.02 -23.57 -23.10
N ASN C 170 -51.01 -24.40 -22.85
CA ASN C 170 -50.75 -24.89 -21.50
C ASN C 170 -49.27 -24.85 -21.12
N TYR C 171 -49.01 -24.34 -19.93
CA TYR C 171 -47.66 -24.33 -19.40
C TYR C 171 -47.65 -25.10 -18.10
N PRO C 172 -47.57 -26.44 -18.19
CA PRO C 172 -47.51 -27.30 -17.01
C PRO C 172 -46.28 -26.94 -16.19
N ILE C 173 -46.28 -27.32 -14.92
CA ILE C 173 -45.11 -27.07 -14.09
C ILE C 173 -43.86 -27.62 -14.78
N ALA C 174 -42.81 -26.81 -14.82
CA ALA C 174 -41.55 -27.21 -15.42
C ALA C 174 -40.60 -27.71 -14.34
N LYS C 175 -40.33 -29.01 -14.35
CA LYS C 175 -39.58 -29.63 -13.26
C LYS C 175 -38.51 -30.57 -13.78
N ARG C 176 -37.26 -30.13 -13.74
CA ARG C 176 -36.12 -30.98 -14.10
C ARG C 176 -34.97 -30.74 -13.13
N SER C 177 -34.14 -31.76 -12.94
CA SER C 177 -32.98 -31.60 -12.09
C SER C 177 -31.78 -32.29 -12.69
N TYR C 178 -30.61 -32.00 -12.14
CA TYR C 178 -29.38 -32.58 -12.64
C TYR C 178 -28.38 -32.88 -11.53
N ASN C 179 -27.79 -34.07 -11.57
CA ASN C 179 -26.77 -34.47 -10.61
C ASN C 179 -25.38 -34.35 -11.22
N ASN C 180 -24.54 -33.52 -10.63
CA ASN C 180 -23.19 -33.36 -11.14
C ASN C 180 -22.31 -34.60 -10.89
N THR C 181 -22.36 -35.53 -11.84
CA THR C 181 -21.56 -36.76 -11.81
C THR C 181 -20.33 -36.64 -12.72
N SER C 182 -20.02 -35.44 -13.16
CA SER C 182 -18.98 -35.25 -14.16
C SER C 182 -17.58 -35.26 -13.56
N GLY C 183 -17.49 -35.27 -12.22
CA GLY C 183 -16.20 -35.31 -11.56
C GLY C 183 -15.56 -33.94 -11.34
N GLU C 184 -16.22 -32.89 -11.83
CA GLU C 184 -15.71 -31.52 -11.65
C GLU C 184 -16.80 -30.56 -11.23
N GLN C 185 -16.42 -29.52 -10.50
CA GLN C 185 -17.35 -28.43 -10.20
C GLN C 185 -17.90 -27.92 -11.52
N MET C 186 -19.16 -27.53 -11.53
CA MET C 186 -19.80 -27.14 -12.77
C MET C 186 -20.48 -25.77 -12.69
N LEU C 187 -20.05 -24.86 -13.55
CA LEU C 187 -20.68 -23.57 -13.67
C LEU C 187 -21.98 -23.72 -14.44
N ILE C 188 -23.09 -23.30 -13.83
CA ILE C 188 -24.41 -23.42 -14.45
C ILE C 188 -25.13 -22.07 -14.37
N ILE C 189 -25.69 -21.64 -15.50
CA ILE C 189 -26.36 -20.35 -15.60
C ILE C 189 -27.85 -20.53 -15.91
N TRP C 190 -28.69 -19.67 -15.35
CA TRP C 190 -30.12 -19.65 -15.71
C TRP C 190 -30.65 -18.23 -15.72
N GLY C 191 -31.84 -18.04 -16.27
CA GLY C 191 -32.44 -16.72 -16.36
C GLY C 191 -33.93 -16.71 -16.07
N ILE C 192 -34.47 -15.54 -15.75
CA ILE C 192 -35.91 -15.34 -15.66
C ILE C 192 -36.32 -14.22 -16.61
N HIS C 193 -37.50 -14.35 -17.22
CA HIS C 193 -37.95 -13.39 -18.20
C HIS C 193 -38.95 -12.41 -17.59
N HIS C 194 -38.62 -11.12 -17.66
CA HIS C 194 -39.52 -10.07 -17.20
C HIS C 194 -40.19 -9.44 -18.42
N PRO C 195 -41.42 -9.86 -18.70
CA PRO C 195 -42.14 -9.42 -19.90
C PRO C 195 -42.52 -7.95 -19.84
N ASN C 196 -42.82 -7.39 -21.00
CA ASN C 196 -43.19 -5.99 -21.12
C ASN C 196 -44.60 -5.72 -20.62
N ASP C 197 -45.46 -6.73 -20.71
CA ASP C 197 -46.86 -6.56 -20.33
C ASP C 197 -47.57 -7.89 -20.10
N ASP C 198 -48.80 -7.81 -19.62
CA ASP C 198 -49.59 -9.00 -19.31
C ASP C 198 -49.93 -9.80 -20.57
N ALA C 199 -50.23 -9.11 -21.66
CA ALA C 199 -50.50 -9.78 -22.92
C ALA C 199 -49.32 -10.65 -23.30
N GLU C 200 -48.11 -10.11 -23.11
CA GLU C 200 -46.90 -10.84 -23.43
C GLU C 200 -46.76 -12.06 -22.50
N GLN C 201 -47.06 -11.88 -21.22
CA GLN C 201 -46.98 -12.97 -20.27
C GLN C 201 -47.87 -14.14 -20.70
N ARG C 202 -49.13 -13.82 -21.00
CA ARG C 202 -50.13 -14.81 -21.36
C ARG C 202 -49.86 -15.48 -22.71
N THR C 203 -49.42 -14.70 -23.68
CA THR C 203 -49.04 -15.24 -24.97
C THR C 203 -47.97 -16.28 -24.80
N LEU C 204 -46.98 -15.95 -23.97
CA LEU C 204 -45.79 -16.78 -23.79
C LEU C 204 -46.01 -17.92 -22.80
N TYR C 205 -46.67 -17.62 -21.69
CA TYR C 205 -46.68 -18.54 -20.54
C TYR C 205 -48.06 -18.92 -20.03
N GLN C 206 -49.11 -18.43 -20.66
CA GLN C 206 -50.48 -18.74 -20.25
C GLN C 206 -50.78 -18.26 -18.82
N ASN C 207 -50.12 -18.86 -17.83
CA ASN C 207 -50.26 -18.45 -16.43
C ASN C 207 -49.81 -17.01 -16.23
N VAL C 208 -50.12 -16.41 -15.08
CA VAL C 208 -49.78 -15.00 -14.87
C VAL C 208 -48.89 -14.74 -13.66
N GLY C 209 -49.24 -15.33 -12.53
CA GLY C 209 -48.48 -15.16 -11.30
C GLY C 209 -47.55 -16.35 -11.14
N THR C 210 -46.47 -16.33 -11.89
CA THR C 210 -45.59 -17.47 -11.98
C THR C 210 -44.34 -17.24 -11.15
N TYR C 211 -43.48 -18.25 -11.09
CA TYR C 211 -42.21 -18.12 -10.38
C TYR C 211 -41.17 -19.01 -11.05
N VAL C 212 -39.92 -18.73 -10.74
CA VAL C 212 -38.81 -19.59 -11.11
C VAL C 212 -38.07 -19.90 -9.81
N SER C 213 -37.90 -21.18 -9.49
CA SER C 213 -37.16 -21.54 -8.29
C SER C 213 -36.00 -22.44 -8.63
N VAL C 214 -34.90 -22.28 -7.89
CA VAL C 214 -33.69 -23.05 -8.12
C VAL C 214 -33.10 -23.43 -6.78
N GLY C 215 -32.64 -24.67 -6.67
CA GLY C 215 -32.13 -25.17 -5.41
C GLY C 215 -30.99 -26.15 -5.58
N THR C 216 -29.99 -26.02 -4.72
CA THR C 216 -28.95 -27.02 -4.59
C THR C 216 -28.70 -27.14 -3.11
N SER C 217 -27.62 -27.80 -2.73
CA SER C 217 -27.38 -27.98 -1.32
C SER C 217 -26.92 -26.67 -0.65
N THR C 218 -26.49 -25.69 -1.44
CA THR C 218 -26.15 -24.38 -0.87
C THR C 218 -26.95 -23.21 -1.46
N LEU C 219 -27.41 -23.37 -2.69
CA LEU C 219 -28.21 -22.33 -3.35
C LEU C 219 -29.71 -22.47 -3.08
N ASN C 220 -30.35 -21.37 -2.70
CA ASN C 220 -31.79 -21.32 -2.62
C ASN C 220 -32.30 -20.03 -3.24
N LYS C 221 -33.21 -20.14 -4.21
CA LYS C 221 -33.68 -18.95 -4.93
C LYS C 221 -35.05 -19.13 -5.60
N ARG C 222 -35.98 -18.22 -5.29
CA ARG C 222 -37.23 -18.15 -6.05
C ARG C 222 -37.48 -16.73 -6.57
N SER C 223 -37.61 -16.60 -7.89
CA SER C 223 -37.80 -15.30 -8.53
C SER C 223 -39.19 -15.16 -9.13
N ILE C 224 -39.77 -13.97 -8.94
CA ILE C 224 -41.03 -13.62 -9.59
C ILE C 224 -40.80 -12.66 -10.76
N PRO C 225 -41.45 -12.92 -11.89
CA PRO C 225 -41.31 -12.04 -13.06
C PRO C 225 -41.84 -10.65 -12.77
N GLU C 226 -41.11 -9.62 -13.19
CA GLU C 226 -41.57 -8.25 -13.09
C GLU C 226 -42.11 -7.74 -14.42
N ILE C 227 -43.44 -7.62 -14.51
CA ILE C 227 -44.09 -7.16 -15.73
C ILE C 227 -44.29 -5.65 -15.68
N ALA C 228 -43.65 -4.95 -16.60
CA ALA C 228 -43.68 -3.49 -16.61
C ALA C 228 -43.21 -2.93 -17.96
N THR C 229 -43.84 -1.83 -18.39
CA THR C 229 -43.48 -1.19 -19.64
C THR C 229 -42.11 -0.53 -19.57
N ARG C 230 -41.28 -0.86 -20.56
CA ARG C 230 -39.91 -0.37 -20.61
C ARG C 230 -39.58 0.04 -22.04
N PRO C 231 -38.54 0.87 -22.22
CA PRO C 231 -38.09 1.24 -23.56
C PRO C 231 -37.57 0.03 -24.35
N LYS C 232 -37.80 0.03 -25.66
CA LYS C 232 -37.32 -1.04 -26.51
C LYS C 232 -35.81 -1.02 -26.60
N VAL C 233 -35.20 -2.17 -26.35
CA VAL C 233 -33.76 -2.37 -26.56
C VAL C 233 -33.61 -3.56 -27.48
N ASN C 234 -32.95 -3.35 -28.62
CA ASN C 234 -32.94 -4.37 -29.66
C ASN C 234 -34.38 -4.76 -29.97
N GLY C 235 -35.27 -3.78 -29.92
CA GLY C 235 -36.67 -3.98 -30.24
C GLY C 235 -37.52 -4.63 -29.16
N GLN C 236 -36.94 -4.90 -28.00
CA GLN C 236 -37.71 -5.55 -26.93
C GLN C 236 -37.93 -4.66 -25.71
N GLY C 237 -39.16 -4.62 -25.22
CA GLY C 237 -39.45 -3.98 -23.95
C GLY C 237 -39.21 -4.92 -22.78
N GLY C 238 -39.11 -6.22 -23.08
CA GLY C 238 -38.89 -7.23 -22.06
C GLY C 238 -37.43 -7.31 -21.66
N ARG C 239 -37.13 -8.08 -20.61
CA ARG C 239 -35.76 -8.20 -20.13
C ARG C 239 -35.48 -9.59 -19.58
N MET C 240 -34.25 -10.05 -19.72
CA MET C 240 -33.86 -11.31 -19.12
C MET C 240 -32.78 -11.14 -18.07
N GLU C 241 -33.09 -11.59 -16.86
CA GLU C 241 -32.18 -11.49 -15.73
C GLU C 241 -31.50 -12.84 -15.48
N PHE C 242 -30.19 -12.87 -15.65
CA PHE C 242 -29.48 -14.13 -15.46
C PHE C 242 -28.74 -14.22 -14.12
N SER C 243 -28.62 -15.44 -13.62
CA SER C 243 -27.89 -15.73 -12.40
C SER C 243 -27.08 -17.00 -12.63
N TRP C 244 -26.09 -17.24 -11.77
CA TRP C 244 -25.23 -18.40 -11.95
C TRP C 244 -24.86 -19.01 -10.63
N THR C 245 -24.58 -20.31 -10.65
CA THR C 245 -24.02 -20.97 -9.49
C THR C 245 -22.92 -21.95 -9.89
N LEU C 246 -22.16 -22.36 -8.90
CA LEU C 246 -21.15 -23.37 -9.07
C LEU C 246 -21.64 -24.63 -8.39
N LEU C 247 -22.01 -25.63 -9.18
CA LEU C 247 -22.51 -26.89 -8.65
C LEU C 247 -21.35 -27.81 -8.27
N GLU C 248 -21.37 -28.29 -7.02
CA GLU C 248 -20.34 -29.19 -6.50
C GLU C 248 -20.50 -30.57 -7.09
N THR C 249 -19.40 -31.32 -7.09
CA THR C 249 -19.43 -32.70 -7.54
C THR C 249 -20.39 -33.50 -6.67
N TRP C 250 -21.28 -34.24 -7.33
CA TRP C 250 -22.22 -35.13 -6.64
C TRP C 250 -23.41 -34.40 -5.98
N ASP C 251 -23.44 -33.07 -6.10
CA ASP C 251 -24.59 -32.29 -5.67
C ASP C 251 -25.66 -32.28 -6.77
N VAL C 252 -26.86 -31.85 -6.43
CA VAL C 252 -27.98 -31.82 -7.37
C VAL C 252 -28.58 -30.41 -7.51
N ILE C 253 -28.85 -29.98 -8.74
CA ILE C 253 -29.57 -28.73 -8.97
C ILE C 253 -30.99 -29.01 -9.44
N ASN C 254 -31.97 -28.39 -8.80
CA ASN C 254 -33.39 -28.57 -9.16
C ASN C 254 -34.02 -27.27 -9.64
N PHE C 255 -34.57 -27.30 -10.85
CA PHE C 255 -35.32 -26.17 -11.38
C PHE C 255 -36.81 -26.45 -11.29
N GLU C 256 -37.57 -25.51 -10.78
CA GLU C 256 -39.02 -25.60 -10.87
C GLU C 256 -39.59 -24.24 -11.29
N SER C 257 -40.57 -24.26 -12.19
CA SER C 257 -41.15 -23.03 -12.69
C SER C 257 -42.56 -23.22 -13.23
N THR C 258 -43.38 -22.19 -13.10
CA THR C 258 -44.71 -22.17 -13.71
C THR C 258 -44.71 -21.16 -14.83
N GLY C 259 -43.50 -20.76 -15.25
CA GLY C 259 -43.36 -19.79 -16.32
C GLY C 259 -42.20 -18.84 -16.12
N ASN C 260 -41.69 -18.32 -17.23
CA ASN C 260 -40.64 -17.31 -17.26
C ASN C 260 -39.21 -17.84 -17.09
N LEU C 261 -39.08 -19.15 -16.87
CA LEU C 261 -37.77 -19.77 -16.72
C LEU C 261 -37.01 -19.80 -18.06
N ILE C 262 -35.78 -19.32 -18.05
CA ILE C 262 -34.85 -19.46 -19.16
C ILE C 262 -33.81 -20.47 -18.70
N ALA C 263 -33.91 -21.70 -19.18
CA ALA C 263 -33.17 -22.82 -18.61
C ALA C 263 -31.86 -23.06 -19.33
N PRO C 264 -30.87 -23.61 -18.61
CA PRO C 264 -29.64 -24.00 -19.31
C PRO C 264 -29.87 -25.33 -20.00
N GLU C 265 -29.23 -25.54 -21.14
CA GLU C 265 -29.15 -26.88 -21.69
C GLU C 265 -27.78 -27.43 -21.36
N TYR C 266 -26.83 -26.52 -21.12
CA TYR C 266 -25.45 -26.91 -20.89
C TYR C 266 -24.92 -26.41 -19.55
N GLY C 267 -23.85 -27.06 -19.09
CA GLY C 267 -23.09 -26.62 -17.95
C GLY C 267 -21.63 -26.61 -18.36
N PHE C 268 -20.75 -26.13 -17.48
CA PHE C 268 -19.34 -26.04 -17.81
C PHE C 268 -18.50 -26.61 -16.70
N LYS C 269 -17.80 -27.70 -16.99
CA LYS C 269 -16.87 -28.29 -16.03
C LYS C 269 -15.69 -27.36 -15.88
N ILE C 270 -15.28 -27.09 -14.65
CA ILE C 270 -14.23 -26.11 -14.42
C ILE C 270 -13.32 -26.51 -13.26
N SER C 271 -12.00 -26.42 -13.48
CA SER C 271 -11.03 -26.59 -12.41
C SER C 271 -10.08 -25.41 -12.43
N LYS C 272 -9.72 -24.92 -11.25
CA LYS C 272 -8.89 -23.73 -11.15
C LYS C 272 -7.66 -24.00 -10.32
N ARG C 273 -6.52 -23.53 -10.80
CA ARG C 273 -5.31 -23.50 -10.00
C ARG C 273 -5.34 -22.26 -9.12
N GLY C 274 -5.29 -21.09 -9.76
CA GLY C 274 -5.39 -19.81 -9.07
C GLY C 274 -6.09 -18.82 -9.98
N SER C 275 -6.10 -17.54 -9.61
CA SER C 275 -6.81 -16.54 -10.39
C SER C 275 -5.88 -15.67 -11.24
N SER C 276 -6.42 -15.13 -12.32
CA SER C 276 -5.67 -14.29 -13.23
C SER C 276 -6.46 -13.00 -13.45
N GLY C 277 -6.47 -12.52 -14.69
CA GLY C 277 -7.23 -11.33 -15.01
C GLY C 277 -7.61 -11.24 -16.47
N ILE C 278 -8.33 -10.18 -16.82
CA ILE C 278 -8.76 -9.95 -18.19
C ILE C 278 -7.94 -8.81 -18.79
N MET C 279 -7.33 -9.07 -19.94
CA MET C 279 -6.59 -8.03 -20.64
C MET C 279 -7.40 -7.48 -21.79
N LYS C 280 -7.61 -6.17 -21.81
CA LYS C 280 -8.28 -5.52 -22.91
C LYS C 280 -7.27 -5.02 -23.94
N THR C 281 -7.40 -5.52 -25.17
CA THR C 281 -6.49 -5.14 -26.25
C THR C 281 -7.06 -5.61 -27.58
N GLU C 282 -6.55 -5.07 -28.67
CA GLU C 282 -6.99 -5.51 -29.98
C GLU C 282 -6.12 -6.67 -30.47
N LYS C 283 -4.89 -6.74 -29.96
CA LYS C 283 -3.95 -7.78 -30.37
C LYS C 283 -4.50 -9.20 -30.24
N THR C 284 -3.89 -10.12 -30.97
CA THR C 284 -4.25 -11.53 -30.91
C THR C 284 -3.01 -12.37 -30.68
N LEU C 285 -3.18 -13.53 -30.06
CA LEU C 285 -2.09 -14.44 -29.73
C LEU C 285 -1.18 -14.66 -30.94
N GLU C 286 0.13 -14.62 -30.71
CA GLU C 286 1.10 -14.65 -31.83
C GLU C 286 2.18 -15.71 -31.76
N ASN C 287 2.03 -16.69 -30.86
CA ASN C 287 2.95 -17.84 -30.83
C ASN C 287 4.30 -17.56 -30.16
N CYS C 288 4.30 -16.65 -29.20
CA CYS C 288 5.50 -16.40 -28.43
C CYS C 288 5.27 -16.89 -27.01
N GLU C 289 6.33 -16.88 -26.22
CA GLU C 289 6.24 -17.25 -24.82
C GLU C 289 6.62 -16.06 -23.98
N THR C 290 5.95 -15.90 -22.84
CA THR C 290 6.31 -14.85 -21.89
C THR C 290 5.93 -15.21 -20.47
N LYS C 291 6.47 -14.49 -19.51
CA LYS C 291 6.04 -14.65 -18.12
C LYS C 291 5.47 -13.33 -17.60
N CYS C 292 5.37 -12.36 -18.50
CA CYS C 292 4.86 -11.04 -18.16
C CYS C 292 4.27 -10.38 -19.40
N GLN C 293 2.96 -10.19 -19.41
CA GLN C 293 2.28 -9.64 -20.57
C GLN C 293 1.68 -8.28 -20.29
N THR C 294 1.84 -7.34 -21.21
CA THR C 294 1.15 -6.06 -21.13
C THR C 294 0.24 -5.95 -22.34
N PRO C 295 -0.73 -5.03 -22.33
CA PRO C 295 -1.59 -4.95 -23.51
C PRO C 295 -0.85 -4.46 -24.75
N LEU C 296 0.41 -4.06 -24.59
CA LEU C 296 1.20 -3.54 -25.70
C LEU C 296 2.15 -4.58 -26.27
N GLY C 297 2.50 -5.55 -25.46
CA GLY C 297 3.46 -6.57 -25.83
C GLY C 297 3.98 -7.23 -24.58
N ALA C 298 4.66 -8.36 -24.74
CA ALA C 298 5.20 -9.08 -23.60
C ALA C 298 6.54 -8.52 -23.15
N ILE C 299 6.89 -8.78 -21.90
CA ILE C 299 8.13 -8.30 -21.32
C ILE C 299 9.01 -9.50 -21.00
N ASN C 300 10.28 -9.40 -21.36
CA ASN C 300 11.26 -10.41 -21.02
C ASN C 300 12.51 -9.75 -20.48
N THR C 301 12.54 -9.57 -19.18
CA THR C 301 13.62 -8.81 -18.57
C THR C 301 13.97 -9.39 -17.22
N THR C 302 15.21 -9.13 -16.82
CA THR C 302 15.67 -9.51 -15.50
C THR C 302 15.65 -8.29 -14.56
N LEU C 303 15.47 -7.11 -15.15
CA LEU C 303 15.46 -5.84 -14.41
C LEU C 303 14.27 -5.72 -13.44
N PRO C 304 14.44 -4.95 -12.34
CA PRO C 304 13.49 -4.85 -11.23
C PRO C 304 12.33 -3.88 -11.47
N PHE C 305 12.49 -2.97 -12.42
CA PHE C 305 11.49 -1.96 -12.68
C PHE C 305 11.19 -1.92 -14.17
N HIS C 306 10.03 -1.38 -14.53
CA HIS C 306 9.63 -1.22 -15.92
C HIS C 306 8.62 -0.09 -15.95
N ASN C 307 8.44 0.51 -17.12
CA ASN C 307 7.52 1.62 -17.26
C ASN C 307 6.65 1.48 -18.51
N ILE C 308 6.50 0.23 -18.98
CA ILE C 308 5.79 -0.03 -20.23
C ILE C 308 4.30 0.29 -20.14
N HIS C 309 3.66 -0.18 -19.08
CA HIS C 309 2.21 -0.13 -18.96
C HIS C 309 1.79 -0.67 -17.60
N PRO C 310 0.81 -0.03 -16.96
CA PRO C 310 0.34 -0.38 -15.62
C PRO C 310 -0.34 -1.76 -15.55
N LEU C 311 -1.22 -2.04 -16.50
CA LEU C 311 -2.07 -3.23 -16.44
C LEU C 311 -1.39 -4.47 -17.01
N THR C 312 -0.54 -5.10 -16.19
CA THR C 312 0.20 -6.28 -16.61
C THR C 312 -0.40 -7.57 -16.04
N ILE C 313 0.06 -8.70 -16.55
CA ILE C 313 -0.29 -10.00 -16.01
C ILE C 313 0.93 -10.91 -16.07
N GLY C 314 1.20 -11.61 -14.97
CA GLY C 314 2.31 -12.54 -14.94
C GLY C 314 3.27 -12.20 -13.81
N GLU C 315 4.52 -12.60 -13.97
CA GLU C 315 5.56 -12.26 -13.02
C GLU C 315 6.35 -11.07 -13.55
N CYS C 316 6.00 -9.88 -13.08
CA CYS C 316 6.48 -8.64 -13.66
C CYS C 316 7.35 -7.81 -12.71
N PRO C 317 8.21 -6.96 -13.28
CA PRO C 317 9.00 -6.02 -12.48
C PRO C 317 8.04 -5.00 -11.91
N LYS C 318 8.43 -4.29 -10.85
CA LYS C 318 7.60 -3.23 -10.34
C LYS C 318 7.50 -2.11 -11.36
N TYR C 319 6.27 -1.63 -11.56
CA TYR C 319 6.01 -0.55 -12.49
C TYR C 319 6.25 0.80 -11.80
N VAL C 320 6.89 1.74 -12.51
CA VAL C 320 7.25 3.04 -11.92
C VAL C 320 7.03 4.19 -12.90
N LYS C 321 6.92 5.39 -12.35
CA LYS C 321 6.69 6.59 -13.14
C LYS C 321 8.03 7.23 -13.48
N SER C 322 8.84 6.52 -14.24
CA SER C 322 10.23 6.92 -14.45
C SER C 322 10.65 6.70 -15.90
N ASP C 323 11.44 7.63 -16.45
CA ASP C 323 11.94 7.49 -17.81
C ASP C 323 13.32 6.89 -17.83
N ARG C 324 13.97 6.91 -16.67
CA ARG C 324 15.39 6.62 -16.60
C ARG C 324 15.78 6.18 -15.20
N LEU C 325 16.36 4.99 -15.08
CA LEU C 325 16.98 4.53 -13.84
C LEU C 325 18.30 3.87 -14.20
N VAL C 326 19.35 4.68 -14.23
CA VAL C 326 20.67 4.22 -14.64
C VAL C 326 21.65 4.19 -13.49
N LEU C 327 22.23 3.03 -13.28
CA LEU C 327 23.15 2.80 -12.18
C LEU C 327 24.59 2.92 -12.70
N ALA C 328 25.41 3.71 -12.03
CA ALA C 328 26.84 3.80 -12.37
C ALA C 328 27.53 2.50 -11.96
N THR C 329 28.38 1.97 -12.83
CA THR C 329 29.16 0.80 -12.46
C THR C 329 30.63 1.18 -12.48
N GLY C 330 31.03 1.88 -13.53
CA GLY C 330 32.40 2.32 -13.71
C GLY C 330 32.65 3.63 -13.00
N LEU C 331 33.79 4.26 -13.29
CA LEU C 331 34.14 5.50 -12.62
C LEU C 331 33.78 6.71 -13.47
N ARG C 332 33.82 7.89 -12.86
CA ARG C 332 33.71 9.13 -13.60
C ARG C 332 34.67 9.11 -14.78
N ASN C 333 34.15 9.33 -15.99
CA ASN C 333 34.95 9.34 -17.19
C ASN C 333 35.64 10.68 -17.37
N VAL C 334 36.95 10.73 -17.16
CA VAL C 334 37.70 11.97 -17.27
C VAL C 334 38.80 11.91 -18.33
N PRO C 335 38.42 11.84 -19.62
CA PRO C 335 39.47 11.78 -20.65
C PRO C 335 40.22 13.11 -20.80
N GLY C 341 35.11 14.12 -5.56
CA GLY C 341 34.82 12.90 -4.83
C GLY C 341 35.31 13.00 -3.39
N LEU C 342 34.67 12.24 -2.51
CA LEU C 342 35.04 12.30 -1.10
C LEU C 342 36.53 12.13 -0.87
N PHE C 343 37.23 11.38 -1.72
CA PHE C 343 38.64 11.07 -1.44
C PHE C 343 39.69 11.93 -2.17
N GLY C 344 39.23 12.78 -3.08
CA GLY C 344 40.08 13.77 -3.72
C GLY C 344 41.06 13.27 -4.77
N ALA C 345 41.01 11.99 -5.10
CA ALA C 345 41.92 11.44 -6.11
C ALA C 345 41.40 11.68 -7.52
N ILE C 346 40.32 11.01 -7.88
CA ILE C 346 39.75 11.09 -9.22
C ILE C 346 39.22 12.49 -9.55
N ALA C 347 39.64 13.02 -10.70
CA ALA C 347 39.32 14.40 -11.05
C ALA C 347 39.75 15.34 -9.93
N GLY C 348 40.80 14.96 -9.21
CA GLY C 348 41.32 15.74 -8.11
C GLY C 348 42.79 16.02 -8.28
N PHE C 349 43.62 15.52 -7.35
CA PHE C 349 45.06 15.69 -7.47
C PHE C 349 45.64 14.77 -8.54
N ILE C 350 44.82 13.86 -9.03
CA ILE C 350 45.16 13.15 -10.25
C ILE C 350 44.16 13.62 -11.30
N GLU C 351 44.57 14.61 -12.08
CA GLU C 351 43.65 15.42 -12.88
C GLU C 351 42.80 14.66 -13.88
N GLY C 352 43.40 13.69 -14.58
CA GLY C 352 42.69 12.97 -15.62
C GLY C 352 42.90 11.48 -15.65
N GLY C 353 42.04 10.79 -16.40
CA GLY C 353 42.17 9.36 -16.61
C GLY C 353 43.16 9.01 -17.71
N TRP C 354 43.34 7.72 -17.95
CA TRP C 354 44.24 7.23 -18.97
C TRP C 354 43.50 6.38 -19.98
N GLN C 355 43.45 6.81 -21.23
CA GLN C 355 42.91 6.00 -22.33
C GLN C 355 43.74 4.73 -22.47
N GLY C 356 45.04 4.86 -22.21
CA GLY C 356 46.00 3.81 -22.49
C GLY C 356 45.94 2.62 -21.56
N MET C 357 45.26 2.76 -20.43
CA MET C 357 45.15 1.66 -19.50
C MET C 357 43.89 0.84 -19.73
N VAL C 358 44.01 -0.23 -20.51
CA VAL C 358 42.85 -0.99 -20.93
C VAL C 358 42.53 -2.23 -20.09
N ASP C 359 43.49 -2.72 -19.30
CA ASP C 359 43.31 -3.96 -18.55
C ASP C 359 42.65 -3.81 -17.19
N GLY C 360 42.38 -2.60 -16.75
CA GLY C 360 41.88 -2.40 -15.41
C GLY C 360 41.37 -1.02 -15.11
N TRP C 361 40.65 -0.88 -14.00
CA TRP C 361 40.09 0.40 -13.62
C TRP C 361 41.17 1.27 -12.99
N TYR C 362 42.05 0.65 -12.23
CA TYR C 362 43.10 1.39 -11.54
C TYR C 362 44.46 0.81 -11.93
N GLY C 363 45.53 1.60 -11.81
CA GLY C 363 46.83 1.11 -12.20
C GLY C 363 47.98 2.09 -12.10
N TYR C 364 49.08 1.75 -12.77
CA TYR C 364 50.31 2.52 -12.68
C TYR C 364 50.84 2.91 -14.04
N HIS C 365 51.58 4.02 -14.08
CA HIS C 365 52.45 4.30 -15.20
C HIS C 365 53.84 4.52 -14.65
N HIS C 366 54.85 3.98 -15.34
CA HIS C 366 56.20 4.11 -14.85
C HIS C 366 57.11 4.61 -15.97
N SER C 367 58.14 5.33 -15.59
CA SER C 367 59.15 5.75 -16.54
C SER C 367 60.49 5.24 -16.05
N ASN C 368 61.26 4.67 -16.97
CA ASN C 368 62.41 3.87 -16.59
C ASN C 368 63.56 4.06 -17.55
N ASP C 369 64.75 3.58 -17.17
CA ASP C 369 65.85 3.43 -18.10
C ASP C 369 65.41 2.42 -19.15
N GLN C 370 64.64 1.43 -18.69
CA GLN C 370 64.17 0.36 -19.56
C GLN C 370 62.94 0.75 -20.39
N GLY C 371 62.14 1.71 -19.90
CA GLY C 371 61.01 2.20 -20.67
C GLY C 371 59.78 2.65 -19.91
N SER C 372 58.60 2.34 -20.47
CA SER C 372 57.28 2.67 -19.92
C SER C 372 56.33 1.54 -20.31
N GLY C 373 55.04 1.58 -19.91
CA GLY C 373 54.44 2.63 -19.12
C GLY C 373 53.28 2.14 -18.26
N TYR C 374 52.18 1.72 -18.89
CA TYR C 374 50.97 1.34 -18.13
C TYR C 374 50.97 -0.10 -17.62
N ALA C 375 50.47 -0.27 -16.41
CA ALA C 375 50.23 -1.59 -15.84
C ALA C 375 49.01 -1.52 -14.91
N ALA C 376 47.96 -2.26 -15.27
CA ALA C 376 46.78 -2.32 -14.44
C ALA C 376 47.09 -3.03 -13.12
N ASP C 377 46.55 -2.50 -12.02
CA ASP C 377 46.62 -3.20 -10.74
C ASP C 377 45.38 -4.08 -10.58
N LYS C 378 45.46 -5.32 -11.06
CA LYS C 378 44.28 -6.17 -11.18
C LYS C 378 43.69 -6.62 -9.85
N GLU C 379 44.46 -6.50 -8.77
CA GLU C 379 43.94 -6.85 -7.46
C GLU C 379 42.86 -5.88 -7.00
N SER C 380 43.19 -4.59 -7.01
CA SER C 380 42.22 -3.58 -6.60
C SER C 380 41.08 -3.45 -7.62
N THR C 381 41.41 -3.63 -8.90
CA THR C 381 40.38 -3.66 -9.93
C THR C 381 39.41 -4.81 -9.70
N GLN C 382 39.95 -5.98 -9.38
CA GLN C 382 39.14 -7.18 -9.27
C GLN C 382 38.25 -7.12 -8.04
N LYS C 383 38.80 -6.56 -6.96
CA LYS C 383 38.04 -6.37 -5.74
C LYS C 383 36.91 -5.39 -6.01
N ALA C 384 37.18 -4.40 -6.87
CA ALA C 384 36.16 -3.42 -7.21
C ALA C 384 35.07 -4.03 -8.08
N PHE C 385 35.47 -4.81 -9.09
CA PHE C 385 34.51 -5.46 -9.98
C PHE C 385 33.58 -6.36 -9.18
N ASP C 386 34.14 -7.09 -8.22
CA ASP C 386 33.35 -7.94 -7.35
C ASP C 386 32.40 -7.14 -6.45
N GLY C 387 32.85 -5.97 -6.00
CA GLY C 387 32.05 -5.11 -5.16
C GLY C 387 30.84 -4.56 -5.87
N ILE C 388 31.07 -3.95 -7.03
CA ILE C 388 30.00 -3.36 -7.83
C ILE C 388 29.02 -4.44 -8.31
N THR C 389 29.55 -5.60 -8.67
CA THR C 389 28.71 -6.70 -9.12
C THR C 389 27.73 -7.12 -8.04
N ASN C 390 28.20 -7.15 -6.79
CA ASN C 390 27.34 -7.45 -5.66
C ASN C 390 26.28 -6.36 -5.47
N LYS C 391 26.67 -5.10 -5.68
CA LYS C 391 25.74 -3.99 -5.56
C LYS C 391 24.62 -4.10 -6.58
N VAL C 392 24.99 -4.22 -7.84
CA VAL C 392 24.02 -4.35 -8.91
C VAL C 392 23.08 -5.50 -8.61
N ASN C 393 23.63 -6.68 -8.38
CA ASN C 393 22.76 -7.83 -8.20
C ASN C 393 22.00 -7.81 -6.86
N SER C 394 22.48 -6.99 -5.91
CA SER C 394 21.71 -6.69 -4.71
C SER C 394 20.44 -5.92 -5.07
N VAL C 395 20.61 -4.87 -5.86
CA VAL C 395 19.49 -4.04 -6.28
C VAL C 395 18.47 -4.85 -7.06
N ILE C 396 18.95 -5.78 -7.87
CA ILE C 396 18.08 -6.54 -8.76
C ILE C 396 17.45 -7.77 -8.10
N GLU C 397 18.28 -8.64 -7.54
CA GLU C 397 17.81 -9.93 -7.04
C GLU C 397 16.91 -9.85 -5.81
N LYS C 398 17.09 -8.83 -4.99
CA LYS C 398 16.27 -8.65 -3.79
C LYS C 398 14.81 -8.39 -4.12
N MET C 399 14.52 -8.01 -5.36
CA MET C 399 13.15 -7.68 -5.76
C MET C 399 12.27 -8.93 -5.82
N ASN C 400 11.09 -8.85 -5.20
CA ASN C 400 10.08 -9.92 -5.26
C ASN C 400 9.23 -9.83 -6.52
N THR C 401 8.83 -10.97 -7.07
CA THR C 401 8.06 -10.99 -8.30
C THR C 401 7.06 -12.13 -8.35
N GLN C 402 6.04 -12.06 -7.51
CA GLN C 402 4.98 -13.06 -7.53
C GLN C 402 3.99 -12.76 -8.66
N PHE C 403 3.45 -13.82 -9.25
CA PHE C 403 2.47 -13.66 -10.33
C PHE C 403 1.34 -12.75 -9.89
N GLU C 404 0.92 -11.85 -10.76
CA GLU C 404 -0.25 -11.03 -10.48
C GLU C 404 -0.94 -10.46 -11.73
N ALA C 405 -2.23 -10.18 -11.57
CA ALA C 405 -3.02 -9.54 -12.62
C ALA C 405 -3.54 -8.22 -12.09
N VAL C 406 -2.96 -7.12 -12.56
CA VAL C 406 -3.28 -5.81 -12.04
C VAL C 406 -4.69 -5.34 -12.37
N GLY C 407 -5.11 -5.53 -13.61
CA GLY C 407 -6.42 -5.06 -14.05
C GLY C 407 -7.59 -5.77 -13.39
N LYS C 408 -8.62 -4.99 -13.02
CA LYS C 408 -9.77 -5.56 -12.32
C LYS C 408 -11.13 -5.03 -12.81
N GLU C 409 -12.16 -5.87 -12.67
CA GLU C 409 -13.50 -5.54 -13.13
C GLU C 409 -14.40 -5.08 -11.97
N PHE C 410 -15.04 -3.93 -12.14
CA PHE C 410 -16.03 -3.42 -11.21
C PHE C 410 -17.24 -2.91 -11.96
N SER C 411 -18.44 -3.20 -11.46
CA SER C 411 -19.67 -2.70 -12.08
C SER C 411 -19.84 -1.22 -11.80
N ASN C 412 -20.86 -0.62 -12.40
CA ASN C 412 -21.06 0.82 -12.31
C ASN C 412 -21.66 1.30 -10.98
N LEU C 413 -21.99 0.35 -10.10
CA LEU C 413 -22.36 0.70 -8.72
C LEU C 413 -21.30 0.21 -7.75
N GLU C 414 -20.07 0.10 -8.26
CA GLU C 414 -18.93 -0.28 -7.43
C GLU C 414 -17.81 0.73 -7.61
N ARG C 415 -18.14 1.96 -7.95
CA ARG C 415 -17.13 3.00 -8.14
C ARG C 415 -16.23 3.19 -6.94
N ARG C 416 -16.78 3.07 -5.73
CA ARG C 416 -15.99 3.29 -4.54
C ARG C 416 -14.93 2.20 -4.42
N LEU C 417 -15.34 0.97 -4.65
CA LEU C 417 -14.42 -0.15 -4.62
C LEU C 417 -13.36 0.00 -5.71
N GLU C 418 -13.77 0.45 -6.89
CA GLU C 418 -12.84 0.66 -7.98
C GLU C 418 -11.81 1.72 -7.62
N ASN C 419 -12.30 2.79 -6.98
CA ASN C 419 -11.48 3.92 -6.58
C ASN C 419 -10.51 3.52 -5.46
N LEU C 420 -10.99 2.66 -4.57
CA LEU C 420 -10.16 2.10 -3.52
C LEU C 420 -8.99 1.31 -4.12
N ASN C 421 -9.28 0.51 -5.15
CA ASN C 421 -8.24 -0.24 -5.87
C ASN C 421 -7.25 0.69 -6.57
N LYS C 422 -7.75 1.78 -7.13
CA LYS C 422 -6.93 2.80 -7.75
C LYS C 422 -6.02 3.47 -6.73
N LYS C 423 -6.60 3.88 -5.61
CA LYS C 423 -5.83 4.46 -4.51
C LYS C 423 -4.66 3.56 -4.09
N MET C 424 -4.89 2.25 -4.14
CA MET C 424 -3.86 1.30 -3.75
C MET C 424 -2.74 1.18 -4.79
N GLU C 425 -3.11 1.17 -6.06
CA GLU C 425 -2.13 1.10 -7.11
C GLU C 425 -1.30 2.36 -7.14
N ASP C 426 -1.97 3.51 -7.07
CA ASP C 426 -1.30 4.80 -7.05
C ASP C 426 -0.36 4.89 -5.86
N GLY C 427 -0.79 4.34 -4.73
CA GLY C 427 0.02 4.34 -3.53
C GLY C 427 1.34 3.62 -3.74
N PHE C 428 1.28 2.38 -4.21
CA PHE C 428 2.50 1.59 -4.40
C PHE C 428 3.40 2.19 -5.49
N LEU C 429 2.79 2.69 -6.54
CA LEU C 429 3.50 3.40 -7.59
C LEU C 429 4.33 4.55 -7.01
N ASP C 430 3.70 5.39 -6.20
CA ASP C 430 4.40 6.51 -5.61
C ASP C 430 5.59 6.03 -4.77
N VAL C 431 5.33 5.05 -3.90
CA VAL C 431 6.36 4.52 -3.04
C VAL C 431 7.52 3.96 -3.85
N TRP C 432 7.21 3.15 -4.86
CA TRP C 432 8.22 2.48 -5.65
C TRP C 432 9.01 3.44 -6.55
N THR C 433 8.31 4.43 -7.11
CA THR C 433 8.95 5.40 -7.99
C THR C 433 9.97 6.21 -7.20
N TYR C 434 9.57 6.64 -6.01
CA TYR C 434 10.42 7.49 -5.18
C TYR C 434 11.62 6.72 -4.67
N ASN C 435 11.37 5.57 -4.06
CA ASN C 435 12.44 4.77 -3.51
C ASN C 435 13.43 4.36 -4.61
N ALA C 436 12.92 4.03 -5.78
CA ALA C 436 13.76 3.61 -6.89
C ALA C 436 14.61 4.78 -7.38
N GLU C 437 13.98 5.96 -7.50
CA GLU C 437 14.71 7.15 -7.94
C GLU C 437 15.82 7.48 -6.95
N LEU C 438 15.47 7.54 -5.67
CA LEU C 438 16.44 7.88 -4.64
C LEU C 438 17.52 6.81 -4.45
N LEU C 439 17.11 5.54 -4.51
CA LEU C 439 18.07 4.45 -4.38
C LEU C 439 19.17 4.62 -5.41
N VAL C 440 18.78 4.90 -6.65
CA VAL C 440 19.74 5.03 -7.74
C VAL C 440 20.67 6.24 -7.53
N LEU C 441 20.12 7.34 -7.04
CA LEU C 441 20.92 8.55 -6.80
C LEU C 441 21.92 8.35 -5.64
N MET C 442 21.47 7.69 -4.58
CA MET C 442 22.34 7.42 -3.44
C MET C 442 23.45 6.42 -3.78
N GLU C 443 23.07 5.29 -4.35
CA GLU C 443 24.06 4.28 -4.71
C GLU C 443 25.06 4.81 -5.75
N ASN C 444 24.62 5.65 -6.67
CA ASN C 444 25.54 6.21 -7.64
C ASN C 444 26.62 7.10 -7.01
N GLU C 445 26.24 7.93 -6.04
CA GLU C 445 27.23 8.77 -5.39
C GLU C 445 28.21 7.90 -4.62
N ARG C 446 27.72 6.81 -4.06
CA ARG C 446 28.58 5.88 -3.35
C ARG C 446 29.52 5.10 -4.28
N THR C 447 29.01 4.70 -5.44
CA THR C 447 29.83 4.02 -6.42
C THR C 447 31.01 4.90 -6.82
N LEU C 448 30.72 6.16 -7.18
CA LEU C 448 31.77 7.09 -7.57
C LEU C 448 32.81 7.26 -6.48
N ASP C 449 32.35 7.39 -5.23
CA ASP C 449 33.26 7.59 -4.11
C ASP C 449 34.06 6.33 -3.80
N PHE C 450 33.46 5.18 -4.13
CA PHE C 450 34.12 3.89 -3.95
C PHE C 450 35.32 3.79 -4.88
N HIS C 451 35.13 4.16 -6.14
CA HIS C 451 36.23 4.19 -7.09
C HIS C 451 37.28 5.20 -6.65
N ASP C 452 36.81 6.35 -6.17
CA ASP C 452 37.71 7.40 -5.73
C ASP C 452 38.57 6.87 -4.59
N SER C 453 37.94 6.18 -3.64
CA SER C 453 38.63 5.57 -2.51
C SER C 453 39.62 4.49 -2.94
N ASN C 454 39.24 3.71 -3.95
CA ASN C 454 40.11 2.66 -4.45
C ASN C 454 41.40 3.21 -5.04
N VAL C 455 41.31 4.35 -5.71
CA VAL C 455 42.47 5.01 -6.30
C VAL C 455 43.35 5.60 -5.19
N LYS C 456 42.71 6.22 -4.21
CA LYS C 456 43.40 6.86 -3.11
C LYS C 456 44.23 5.85 -2.30
N ASN C 457 43.64 4.70 -2.02
CA ASN C 457 44.31 3.65 -1.26
C ASN C 457 45.48 3.08 -2.05
N LEU C 458 45.38 3.11 -3.37
CA LEU C 458 46.45 2.65 -4.24
C LEU C 458 47.63 3.61 -4.13
N TYR C 459 47.32 4.89 -4.29
CA TYR C 459 48.31 5.94 -4.20
C TYR C 459 49.00 5.91 -2.82
N ASP C 460 48.22 5.66 -1.78
CA ASP C 460 48.76 5.55 -0.45
C ASP C 460 49.57 4.28 -0.25
N LYS C 461 49.22 3.21 -0.96
CA LYS C 461 49.95 1.96 -0.86
C LYS C 461 51.39 2.15 -1.30
N VAL C 462 51.55 2.93 -2.36
CA VAL C 462 52.88 3.21 -2.90
C VAL C 462 53.60 4.20 -2.00
N ARG C 463 52.90 5.29 -1.65
CA ARG C 463 53.48 6.32 -0.80
C ARG C 463 54.03 5.74 0.50
N MET C 464 53.23 4.95 1.21
CA MET C 464 53.63 4.41 2.51
C MET C 464 54.78 3.41 2.34
N GLN C 465 54.97 2.94 1.12
CA GLN C 465 56.09 2.05 0.82
C GLN C 465 57.40 2.80 0.57
N LEU C 466 57.38 3.70 -0.41
CA LEU C 466 58.56 4.47 -0.80
C LEU C 466 59.11 5.32 0.35
N ARG C 467 58.20 5.91 1.13
CA ARG C 467 58.56 6.73 2.27
C ARG C 467 59.58 7.81 1.92
N ASP C 468 60.78 7.63 2.44
CA ASP C 468 61.88 8.58 2.33
C ASP C 468 62.61 8.51 0.98
N ASN C 469 62.52 7.35 0.32
CA ASN C 469 63.25 7.10 -0.92
C ASN C 469 62.63 7.73 -2.17
N VAL C 470 61.69 8.65 -1.99
CA VAL C 470 60.98 9.17 -3.16
C VAL C 470 60.38 10.57 -2.98
N LYS C 471 60.13 11.24 -4.10
CA LYS C 471 59.51 12.56 -4.11
C LYS C 471 58.03 12.50 -4.52
N GLU C 472 57.16 13.02 -3.66
CA GLU C 472 55.74 13.10 -3.98
C GLU C 472 55.47 14.39 -4.75
N LEU C 473 55.13 14.27 -6.03
CA LEU C 473 54.97 15.44 -6.90
C LEU C 473 53.65 16.18 -6.67
N GLY C 474 52.57 15.43 -6.46
CA GLY C 474 51.28 16.03 -6.16
C GLY C 474 50.27 15.87 -7.29
N ASN C 475 50.64 15.06 -8.27
CA ASN C 475 49.78 14.78 -9.42
C ASN C 475 49.58 13.27 -9.57
N GLY C 476 49.90 12.54 -8.51
CA GLY C 476 49.76 11.09 -8.51
C GLY C 476 51.10 10.39 -8.73
N CYS C 477 52.13 11.19 -9.00
CA CYS C 477 53.44 10.64 -9.34
C CYS C 477 54.46 10.65 -8.20
N PHE C 478 55.35 9.67 -8.25
CA PHE C 478 56.48 9.59 -7.34
C PHE C 478 57.78 9.56 -8.11
N GLU C 479 58.73 10.38 -7.66
CA GLU C 479 60.02 10.51 -8.32
C GLU C 479 61.11 9.92 -7.45
N PHE C 480 61.66 8.79 -7.87
CA PHE C 480 62.60 8.02 -7.07
C PHE C 480 63.92 8.77 -6.82
N TYR C 481 64.42 8.67 -5.60
CA TYR C 481 65.72 9.22 -5.24
C TYR C 481 66.81 8.18 -5.51
N HIS C 482 66.45 7.13 -6.24
CA HIS C 482 67.37 6.06 -6.59
C HIS C 482 66.88 5.40 -7.86
N LYS C 483 67.78 4.74 -8.58
CA LYS C 483 67.40 4.05 -9.81
C LYS C 483 66.42 2.93 -9.50
N CYS C 484 65.33 2.88 -10.27
CA CYS C 484 64.31 1.87 -10.06
C CYS C 484 64.01 1.13 -11.35
N ASP C 485 64.64 -0.02 -11.54
CA ASP C 485 64.49 -0.80 -12.77
C ASP C 485 63.19 -1.61 -12.78
N ASP C 486 62.89 -2.23 -13.93
CA ASP C 486 61.68 -3.01 -14.09
C ASP C 486 61.35 -3.91 -12.90
N GLU C 487 62.37 -4.57 -12.36
CA GLU C 487 62.19 -5.44 -11.19
C GLU C 487 61.78 -4.67 -9.95
N CYS C 488 62.50 -3.58 -9.67
CA CYS C 488 62.15 -2.72 -8.55
C CYS C 488 60.70 -2.26 -8.71
N MET C 489 60.40 -1.74 -9.89
CA MET C 489 59.05 -1.28 -10.23
C MET C 489 58.03 -2.36 -9.92
N ASN C 490 58.37 -3.60 -10.25
CA ASN C 490 57.45 -4.71 -10.03
C ASN C 490 57.18 -4.91 -8.53
N SER C 491 58.20 -4.75 -7.71
CA SER C 491 58.05 -4.89 -6.26
C SER C 491 57.18 -3.76 -5.71
N VAL C 492 57.27 -2.59 -6.32
CA VAL C 492 56.41 -1.48 -5.94
C VAL C 492 54.97 -1.81 -6.32
N LYS C 493 54.77 -2.18 -7.59
CA LYS C 493 53.44 -2.51 -8.09
C LYS C 493 52.75 -3.66 -7.33
N ASN C 494 53.49 -4.35 -6.45
CA ASN C 494 52.88 -5.45 -5.68
C ASN C 494 53.18 -5.50 -4.17
N GLY C 495 53.70 -4.41 -3.62
CA GLY C 495 53.79 -4.26 -2.18
C GLY C 495 54.87 -5.09 -1.49
N THR C 496 55.99 -5.30 -2.17
CA THR C 496 57.13 -5.99 -1.56
C THR C 496 58.39 -5.14 -1.70
N TYR C 497 58.22 -3.86 -2.03
CA TYR C 497 59.32 -2.93 -2.19
C TYR C 497 60.25 -2.93 -0.98
N ASP C 498 61.55 -3.01 -1.24
CA ASP C 498 62.55 -3.14 -0.19
C ASP C 498 63.15 -1.79 0.17
N TYR C 499 62.55 -1.10 1.12
CA TYR C 499 62.99 0.24 1.51
C TYR C 499 64.45 0.30 1.97
N PRO C 500 64.86 -0.64 2.84
CA PRO C 500 66.26 -0.63 3.30
C PRO C 500 67.25 -0.76 2.14
N LYS C 501 66.91 -1.57 1.13
CA LYS C 501 67.82 -1.81 0.02
C LYS C 501 68.27 -0.53 -0.67
N TYR C 502 67.36 0.42 -0.86
CA TYR C 502 67.69 1.66 -1.56
C TYR C 502 67.84 2.84 -0.59
N GLU C 503 67.91 2.53 0.69
CA GLU C 503 67.90 3.55 1.73
C GLU C 503 69.06 4.55 1.64
N GLU C 504 70.03 4.26 0.78
CA GLU C 504 71.24 5.10 0.62
C GLU C 504 71.01 6.60 0.40
N GLU C 505 69.77 7.05 0.63
CA GLU C 505 69.39 8.47 0.68
C GLU C 505 69.96 9.37 -0.42
N SER C 506 71.07 10.05 -0.12
CA SER C 506 71.71 10.97 -1.06
C SER C 506 70.67 11.64 -1.96
N LYS C 507 69.65 12.22 -1.33
CA LYS C 507 68.51 12.81 -2.03
C LYS C 507 68.94 13.98 -2.91
#